data_6OPQ
#
_entry.id   6OPQ
#
loop_
_entity.id
_entity.type
_entity.pdbx_description
1 polymer 'Envelope glycoprotein gp160'
2 polymer '17b Fab light chain'
3 polymer 'Envelope glycoprotein gp41'
4 polymer 'T-cell surface glycoprotein CD4'
5 polymer '17b Fab heavy chain'
6 branched 2-acetamido-2-deoxy-beta-D-glucopyranose-(1-4)-2-acetamido-2-deoxy-beta-D-glucopyranose
7 branched alpha-D-mannopyranose-(1-2)-alpha-D-mannopyranose-(1-3)-beta-D-mannopyranose-(1-4)-2-acetamido-2-deoxy-beta-D-glucopyranose-(1-4)-2-acetamido-2-deoxy-beta-D-glucopyranose
8 non-polymer 2-acetamido-2-deoxy-beta-D-glucopyranose
#
loop_
_entity_poly.entity_id
_entity_poly.type
_entity_poly.pdbx_seq_one_letter_code
_entity_poly.pdbx_strand_id
1 'polypeptide(L)'
;MDAMKRGLCCVLLLCGAVFVSPSQEIHARFRRGARAAKKWVTVYYGVPVWKEATTTLFCASDAKAYDTEVHNVWATHACV
PTDPNPQEIVLGNVTENFNMWKNNMVEQMHEDIISLWDQSLKPCVKLTPLCVTLNCNNVNTNNTNNSTNATISDWEKMET
GEMKNCSFNVTTSIRDKIKKEYALFYKLDVVPLENKNNINNTNITNYRLINCNTSVITQACPKVSFEPIPIHYCAPAGFA
ILKCNSKTFNGSGPCTNVSTVQCTHGIRPVVSTQLLLNGSLAEEEIVIRSENITDNAKTIIVQLNEAVEINCTRPNNNTR
KSIHIGPGRAFYATGDIIGNIRQAHCNISKARWNETLGQIVAKLEEQFPNKTIIFNHSSGGDPEIVTHSFNCGGEFFYCN
TTPLFNSTWNNTRTDDYPTGGEQNITLQCRIKQIINMWQGVGKAMYAPPIRGQIRCSSNITGLLLTRDGGRDQNGTETFR
PGGGNMRDNWRSELYKYKVVKIEPLGIAPTACKRRVVQRRRRRR
;
A,D,E
2 'polypeptide(L)'
;ELELTQSPATLSVSPGERATLSCRASESVSSDLAWYQQKPGQAPRLLIYGASTRATGVPARFSGSGSGAEFTLTISSLQS
EDFAVYYCQQYNNWPPRYTFGQGTRLEIKRTVAAPSVFIFPPSDEQLKSGTASVVCLLNNFYPREAKVQWKVDNALQSGN
SQESVTEQDSKDSTYSLSSTLTLSKADYEKHKVYACEVTHQGLSSPVTKSFNRG
;
L,N,O
3 'polypeptide(L)'
;AVGLGAFILGFLGAAGSTMGAASMALTVQARLLLSGIVQQQNNLLRAPEAQQHMLQLTVWGIKQLQARVLAVERYLRDQQ
LLGIWGCSGKIICCTNVPWNDSWSNKTINEIWDNMTWMQWEKEIDNYTQHIYTLLEVSQIQQEKNEQELLELD
;
B,F,G
4 'polypeptide(L)'
;METDTLLLWVLLLWVPGSTGKKVVLGKKGDTVELTCTASQKKSIQFHWKNSNQIKILGNQGSFLTKGPSKLNDRADSRRS
LWDQGNFPLIIKNLKIEDSDTYICEVEDQKEEVQLLVFGLTANSDTHLLQGQSLTLTLESPPGSSPSVQCRSPRGKNIQG
GKTLSVSQLELQDSGTWTCTVLQNQKKVEFKIDIVVLAGGSGHHHHHH
;
C,I,J
5 'polypeptide(L)'
;QVQLLESGAEVKKPGSSVKVSCKASGDTFIRYSFTWVRQAPGQGLEWMGRIITILDVAHYAPHLQGRVTITADKSTSTVY
LELRNLRSDDTAVYFCAGVYEGEADEGEYDNNGFLKHWGQGTLVTVTSASTKGPSVFPLAPSSKSTSGGTAALGCLVKDY
FPEPVTVSWNSGALTSGVHTFPAVLQSSGLYSLSSVVTVPSSSLGTQTYICNVNHKPSNTKVDKKVEPK
;
H,K,M
#
# COMPACT_ATOMS: atom_id res chain seq x y z
N ALA A 37 -1.43 -57.81 23.91
CA ALA A 37 -1.62 -59.19 23.50
C ALA A 37 -2.97 -59.34 22.88
N LYS A 38 -3.76 -58.28 23.05
CA LYS A 38 -5.11 -58.22 22.53
C LYS A 38 -5.20 -57.24 21.39
N LYS A 39 -4.04 -56.76 20.94
CA LYS A 39 -4.02 -55.85 19.83
C LYS A 39 -4.99 -54.72 20.09
N TRP A 40 -4.83 -54.05 21.20
CA TRP A 40 -5.81 -53.07 21.60
C TRP A 40 -5.87 -51.91 20.61
N VAL A 41 -7.07 -51.43 20.30
CA VAL A 41 -7.16 -50.35 19.34
C VAL A 41 -6.58 -49.06 19.89
N THR A 42 -5.59 -48.50 19.22
CA THR A 42 -4.99 -47.28 19.73
C THR A 42 -5.12 -46.16 18.74
N VAL A 43 -5.49 -45.02 19.27
CA VAL A 43 -5.71 -43.90 18.40
C VAL A 43 -4.51 -42.98 18.41
N TYR A 44 -4.00 -42.69 17.21
CA TYR A 44 -2.81 -41.86 17.06
C TYR A 44 -3.13 -40.58 16.31
N TYR A 45 -2.73 -39.45 16.86
CA TYR A 45 -2.98 -38.19 16.20
C TYR A 45 -1.72 -37.54 15.63
N GLY A 46 -1.82 -37.03 14.41
CA GLY A 46 -0.70 -36.37 13.74
C GLY A 46 -0.12 -37.28 12.67
N VAL A 47 -0.93 -38.22 12.23
CA VAL A 47 -0.56 -39.18 11.22
C VAL A 47 -0.45 -38.52 9.86
N PRO A 48 0.67 -38.63 9.13
CA PRO A 48 0.89 -38.01 7.84
C PRO A 48 0.19 -38.78 6.73
N VAL A 49 -1.12 -38.81 6.79
CA VAL A 49 -1.92 -39.52 5.82
C VAL A 49 -2.83 -38.54 5.11
N TRP A 50 -2.92 -38.65 3.79
CA TRP A 50 -3.75 -37.72 3.04
C TRP A 50 -4.64 -38.34 1.99
N LYS A 51 -5.65 -37.56 1.66
CA LYS A 51 -6.58 -37.87 0.59
C LYS A 51 -6.72 -36.73 -0.39
N GLU A 52 -7.09 -37.10 -1.60
CA GLU A 52 -7.40 -36.13 -2.63
C GLU A 52 -8.61 -35.40 -2.19
N ALA A 53 -8.63 -34.10 -2.37
CA ALA A 53 -9.79 -33.36 -1.93
C ALA A 53 -10.08 -32.22 -2.86
N THR A 54 -11.33 -31.79 -2.91
CA THR A 54 -11.68 -30.69 -3.77
C THR A 54 -11.85 -29.40 -3.03
N THR A 55 -11.07 -28.44 -3.45
CA THR A 55 -11.11 -27.08 -2.95
C THR A 55 -10.93 -26.21 -4.14
N THR A 56 -11.03 -24.90 -3.95
CA THR A 56 -10.80 -23.99 -5.07
C THR A 56 -9.45 -23.32 -4.92
N LEU A 57 -8.63 -23.44 -5.95
CA LEU A 57 -7.30 -22.86 -5.90
C LEU A 57 -7.37 -21.39 -6.27
N PHE A 58 -6.41 -20.61 -5.82
CA PHE A 58 -6.42 -19.21 -6.20
C PHE A 58 -5.30 -18.95 -7.17
N CYS A 59 -5.43 -17.92 -7.98
CA CYS A 59 -4.36 -17.65 -8.93
C CYS A 59 -3.45 -16.53 -8.48
N ALA A 60 -2.22 -16.61 -8.98
CA ALA A 60 -1.24 -15.59 -8.77
C ALA A 60 -0.48 -15.37 -10.06
N SER A 61 -0.06 -14.15 -10.31
CA SER A 61 0.74 -13.90 -11.51
C SER A 61 1.58 -12.66 -11.34
N ASP A 62 2.61 -12.51 -12.14
CA ASP A 62 3.42 -11.31 -12.03
C ASP A 62 2.82 -10.20 -12.88
N ALA A 63 1.64 -9.74 -12.47
CA ALA A 63 0.90 -8.73 -13.20
C ALA A 63 1.63 -7.42 -13.16
N LYS A 64 1.55 -6.69 -14.26
CA LYS A 64 2.16 -5.37 -14.30
C LYS A 64 1.10 -4.32 -14.05
N ALA A 65 -0.08 -4.59 -14.57
CA ALA A 65 -1.29 -3.77 -14.45
C ALA A 65 -1.25 -2.34 -14.99
N TYR A 66 -0.30 -1.99 -15.86
CA TYR A 66 -0.29 -0.63 -16.40
C TYR A 66 -0.20 -0.50 -17.91
N ASP A 67 -0.12 -1.60 -18.64
CA ASP A 67 0.05 -1.55 -20.09
C ASP A 67 -1.27 -1.73 -20.84
N THR A 68 -2.33 -1.80 -20.07
CA THR A 68 -3.68 -2.02 -20.52
C THR A 68 -3.76 -3.22 -21.47
N GLU A 69 -3.02 -4.29 -21.15
CA GLU A 69 -3.05 -5.50 -21.94
C GLU A 69 -4.08 -6.40 -21.31
N VAL A 70 -4.68 -7.29 -22.07
CA VAL A 70 -5.70 -8.10 -21.44
C VAL A 70 -5.30 -8.92 -20.24
N HIS A 71 -4.16 -9.58 -20.29
CA HIS A 71 -3.82 -10.47 -19.21
C HIS A 71 -3.40 -9.68 -17.99
N ASN A 72 -2.73 -8.56 -18.19
CA ASN A 72 -2.36 -7.74 -17.05
C ASN A 72 -3.56 -7.05 -16.44
N VAL A 73 -4.53 -6.67 -17.25
CA VAL A 73 -5.71 -6.03 -16.72
C VAL A 73 -6.52 -7.03 -15.96
N TRP A 74 -6.69 -8.22 -16.52
CA TRP A 74 -7.43 -9.24 -15.83
C TRP A 74 -6.72 -9.59 -14.53
N ALA A 75 -5.42 -9.87 -14.63
CA ALA A 75 -4.65 -10.30 -13.49
C ALA A 75 -4.69 -9.26 -12.39
N THR A 76 -4.73 -7.98 -12.75
CA THR A 76 -4.77 -6.92 -11.77
C THR A 76 -5.84 -7.16 -10.73
N HIS A 77 -7.01 -7.64 -11.14
CA HIS A 77 -8.06 -7.83 -10.18
C HIS A 77 -8.36 -9.29 -9.89
N ALA A 78 -7.97 -10.19 -10.79
CA ALA A 78 -8.25 -11.61 -10.61
C ALA A 78 -7.23 -12.34 -9.74
N CYS A 79 -5.97 -11.95 -9.80
CA CYS A 79 -4.88 -12.68 -9.17
C CYS A 79 -4.05 -11.90 -8.18
N VAL A 80 -3.35 -12.62 -7.33
CA VAL A 80 -2.47 -12.00 -6.36
C VAL A 80 -1.05 -12.09 -6.91
N PRO A 81 -0.06 -11.44 -6.30
CA PRO A 81 1.34 -11.52 -6.68
C PRO A 81 1.77 -12.94 -6.43
N THR A 82 2.80 -13.39 -7.10
CA THR A 82 3.28 -14.74 -6.87
C THR A 82 4.04 -14.76 -5.58
N ASP A 83 4.31 -15.96 -5.08
CA ASP A 83 5.06 -16.16 -3.85
C ASP A 83 6.54 -15.94 -4.12
N PRO A 84 7.20 -14.93 -3.53
CA PRO A 84 8.60 -14.61 -3.75
C PRO A 84 9.56 -15.67 -3.22
N ASN A 85 9.09 -16.54 -2.33
CA ASN A 85 9.97 -17.54 -1.74
C ASN A 85 9.21 -18.78 -1.29
N PRO A 86 8.60 -19.54 -2.20
CA PRO A 86 7.82 -20.71 -1.92
C PRO A 86 8.76 -21.78 -1.48
N GLN A 87 8.29 -22.69 -0.66
CA GLN A 87 9.12 -23.80 -0.24
C GLN A 87 8.69 -25.08 -0.89
N GLU A 88 9.60 -26.02 -0.97
CA GLU A 88 9.28 -27.34 -1.49
C GLU A 88 9.86 -28.41 -0.60
N ILE A 89 9.04 -29.37 -0.25
CA ILE A 89 9.50 -30.48 0.57
C ILE A 89 9.53 -31.74 -0.22
N VAL A 90 10.67 -32.38 -0.27
CA VAL A 90 10.77 -33.62 -1.00
C VAL A 90 10.48 -34.74 -0.02
N LEU A 91 9.58 -35.62 -0.39
CA LEU A 91 9.20 -36.70 0.49
C LEU A 91 10.14 -37.84 0.21
N GLY A 92 10.24 -38.79 1.13
CA GLY A 92 11.17 -39.89 0.92
C GLY A 92 10.56 -41.03 0.14
N ASN A 93 10.29 -42.12 0.81
CA ASN A 93 9.80 -43.30 0.10
C ASN A 93 8.31 -43.21 -0.11
N VAL A 94 7.92 -42.25 -0.94
CA VAL A 94 6.52 -42.00 -1.16
C VAL A 94 6.12 -42.20 -2.58
N THR A 95 5.10 -43.03 -2.76
CA THR A 95 4.54 -43.33 -4.06
C THR A 95 3.10 -42.85 -4.08
N GLU A 96 2.72 -42.15 -5.13
CA GLU A 96 1.38 -41.58 -5.25
C GLU A 96 0.79 -41.77 -6.62
N ASN A 97 -0.49 -42.12 -6.69
CA ASN A 97 -1.12 -42.27 -8.00
C ASN A 97 -1.67 -40.97 -8.57
N PHE A 98 -1.08 -40.53 -9.68
CA PHE A 98 -1.45 -39.29 -10.34
C PHE A 98 -2.21 -39.58 -11.62
N ASN A 99 -3.51 -39.28 -11.59
CA ASN A 99 -4.39 -39.51 -12.74
C ASN A 99 -4.73 -38.17 -13.38
N MET A 100 -4.04 -37.86 -14.46
CA MET A 100 -4.13 -36.59 -15.15
C MET A 100 -5.45 -36.39 -15.86
N TRP A 101 -6.20 -37.45 -16.01
CA TRP A 101 -7.42 -37.38 -16.76
C TRP A 101 -8.58 -37.02 -15.87
N LYS A 102 -8.34 -37.06 -14.56
CA LYS A 102 -9.38 -36.84 -13.58
C LYS A 102 -8.95 -35.76 -12.61
N ASN A 103 -8.02 -34.94 -13.04
CA ASN A 103 -7.49 -33.90 -12.21
C ASN A 103 -8.40 -32.70 -12.26
N ASN A 104 -9.07 -32.39 -11.17
CA ASN A 104 -10.07 -31.34 -11.21
C ASN A 104 -9.50 -29.94 -11.37
N MET A 105 -8.18 -29.80 -11.25
CA MET A 105 -7.55 -28.49 -11.40
C MET A 105 -7.78 -28.00 -12.81
N VAL A 106 -8.00 -28.93 -13.72
CA VAL A 106 -8.18 -28.62 -15.10
C VAL A 106 -9.46 -27.85 -15.27
N GLU A 107 -10.50 -28.25 -14.56
CA GLU A 107 -11.76 -27.60 -14.78
C GLU A 107 -11.67 -26.21 -14.20
N GLN A 108 -10.96 -26.07 -13.08
CA GLN A 108 -10.87 -24.74 -12.52
C GLN A 108 -10.08 -23.81 -13.44
N MET A 109 -9.02 -24.33 -14.06
CA MET A 109 -8.26 -23.51 -14.98
C MET A 109 -9.11 -23.10 -16.15
N HIS A 110 -9.96 -24.02 -16.60
CA HIS A 110 -10.84 -23.79 -17.71
C HIS A 110 -11.79 -22.65 -17.42
N GLU A 111 -12.41 -22.65 -16.24
CA GLU A 111 -13.33 -21.58 -15.96
C GLU A 111 -12.64 -20.21 -15.89
N ASP A 112 -11.43 -20.14 -15.33
CA ASP A 112 -10.78 -18.83 -15.27
C ASP A 112 -10.44 -18.29 -16.64
N ILE A 113 -10.00 -19.17 -17.52
CA ILE A 113 -9.67 -18.74 -18.86
C ILE A 113 -10.88 -18.26 -19.60
N ILE A 114 -12.01 -18.95 -19.48
CA ILE A 114 -13.16 -18.43 -20.16
C ILE A 114 -13.51 -17.06 -19.65
N SER A 115 -13.47 -16.84 -18.34
CA SER A 115 -13.80 -15.51 -17.90
C SER A 115 -12.85 -14.49 -18.51
N LEU A 116 -11.55 -14.80 -18.57
CA LEU A 116 -10.62 -13.85 -19.15
C LEU A 116 -10.98 -13.53 -20.57
N TRP A 117 -11.30 -14.55 -21.35
CA TRP A 117 -11.65 -14.30 -22.72
C TRP A 117 -12.93 -13.49 -22.88
N ASP A 118 -13.98 -13.80 -22.10
CA ASP A 118 -15.25 -13.08 -22.25
C ASP A 118 -15.16 -11.64 -21.80
N GLN A 119 -14.24 -11.36 -20.91
CA GLN A 119 -14.00 -10.04 -20.37
C GLN A 119 -13.04 -9.23 -21.24
N SER A 120 -12.57 -9.80 -22.35
CA SER A 120 -11.57 -9.17 -23.20
C SER A 120 -11.85 -9.19 -24.68
N LEU A 121 -11.71 -10.36 -25.29
CA LEU A 121 -11.83 -10.46 -26.73
C LEU A 121 -13.26 -10.55 -27.14
N LYS A 122 -13.94 -9.43 -27.03
CA LYS A 122 -15.35 -9.32 -27.32
C LYS A 122 -15.57 -9.28 -28.82
N PRO A 123 -16.39 -10.16 -29.38
CA PRO A 123 -16.71 -10.24 -30.77
C PRO A 123 -17.65 -9.16 -31.07
N CYS A 124 -17.75 -8.83 -32.32
CA CYS A 124 -18.80 -7.91 -32.72
C CYS A 124 -20.12 -8.63 -32.59
N VAL A 125 -20.13 -9.86 -33.09
CA VAL A 125 -21.31 -10.70 -33.04
C VAL A 125 -21.03 -12.04 -32.40
N LYS A 126 -21.82 -12.39 -31.40
CA LYS A 126 -21.72 -13.69 -30.75
C LYS A 126 -23.05 -14.43 -30.90
N LEU A 127 -23.01 -15.63 -31.49
CA LEU A 127 -24.22 -16.39 -31.69
C LEU A 127 -24.27 -17.64 -30.83
N THR A 128 -25.29 -17.70 -29.98
CA THR A 128 -25.49 -18.84 -29.08
C THR A 128 -26.81 -19.55 -29.37
N PRO A 129 -26.81 -20.79 -29.88
CA PRO A 129 -28.02 -21.52 -30.15
C PRO A 129 -28.60 -21.89 -28.82
N LEU A 130 -29.92 -21.88 -28.69
CA LEU A 130 -30.54 -22.29 -27.44
C LEU A 130 -31.74 -23.21 -27.67
N CYS A 131 -31.64 -24.42 -27.13
CA CYS A 131 -32.69 -25.42 -27.31
C CYS A 131 -33.40 -25.72 -26.00
N CYS A 212 -34.94 -24.78 -30.57
CA CYS A 212 -33.59 -24.40 -30.97
C CYS A 212 -33.55 -23.09 -31.72
N ASN A 213 -33.59 -21.99 -30.97
CA ASN A 213 -33.55 -20.66 -31.54
C ASN A 213 -32.11 -20.15 -31.47
N THR A 214 -31.86 -18.94 -31.97
CA THR A 214 -30.51 -18.40 -31.85
C THR A 214 -30.53 -17.05 -31.18
N SER A 215 -29.72 -16.90 -30.16
CA SER A 215 -29.59 -15.65 -29.44
C SER A 215 -28.39 -14.88 -29.95
N VAL A 216 -28.60 -13.64 -30.37
CA VAL A 216 -27.48 -12.87 -30.89
C VAL A 216 -27.14 -11.70 -30.00
N ILE A 217 -25.87 -11.64 -29.67
CA ILE A 217 -25.33 -10.60 -28.83
C ILE A 217 -24.40 -9.72 -29.62
N THR A 218 -24.64 -8.43 -29.57
CA THR A 218 -23.77 -7.52 -30.26
C THR A 218 -23.03 -6.64 -29.30
N GLN A 219 -21.75 -6.47 -29.53
CA GLN A 219 -20.88 -5.68 -28.66
C GLN A 219 -19.97 -4.73 -29.41
N ALA A 220 -19.48 -3.71 -28.72
CA ALA A 220 -18.49 -2.84 -29.33
C ALA A 220 -17.30 -3.71 -29.69
N CYS A 221 -16.56 -3.36 -30.74
CA CYS A 221 -15.49 -4.24 -31.17
C CYS A 221 -14.10 -3.62 -31.14
N PRO A 222 -13.60 -3.12 -30.00
CA PRO A 222 -12.29 -2.51 -29.94
C PRO A 222 -11.29 -3.61 -30.07
N LYS A 223 -10.14 -3.30 -30.59
CA LYS A 223 -9.12 -4.31 -30.61
C LYS A 223 -8.34 -4.16 -29.33
N VAL A 224 -7.77 -5.24 -28.86
CA VAL A 224 -6.98 -5.15 -27.65
C VAL A 224 -5.64 -5.82 -27.82
N SER A 225 -4.68 -5.42 -27.01
CA SER A 225 -3.40 -6.09 -26.99
C SER A 225 -3.63 -7.43 -26.34
N PHE A 226 -3.05 -8.48 -26.89
CA PHE A 226 -3.30 -9.78 -26.33
C PHE A 226 -2.08 -10.68 -26.41
N GLU A 227 -1.43 -10.80 -25.25
CA GLU A 227 -0.22 -11.58 -25.06
C GLU A 227 -0.24 -12.30 -23.70
N PRO A 228 -0.31 -13.63 -23.66
CA PRO A 228 -0.40 -14.42 -22.44
C PRO A 228 0.75 -14.19 -21.49
N ILE A 229 0.42 -14.28 -20.21
CA ILE A 229 1.30 -14.12 -19.05
C ILE A 229 1.19 -15.46 -18.36
N PRO A 230 2.22 -16.02 -17.73
CA PRO A 230 2.09 -17.24 -16.99
C PRO A 230 1.25 -16.99 -15.75
N ILE A 231 0.40 -17.94 -15.41
CA ILE A 231 -0.42 -17.87 -14.20
C ILE A 231 -0.13 -19.06 -13.32
N HIS A 232 0.06 -18.82 -12.03
CA HIS A 232 0.34 -19.86 -11.05
C HIS A 232 -0.93 -20.20 -10.30
N TYR A 233 -1.11 -21.47 -9.95
CA TYR A 233 -2.21 -21.79 -9.05
C TYR A 233 -1.70 -22.19 -7.69
N CYS A 234 -2.37 -21.69 -6.67
CA CYS A 234 -1.93 -21.92 -5.30
C CYS A 234 -3.01 -22.47 -4.39
N ALA A 235 -2.59 -23.38 -3.50
CA ALA A 235 -3.47 -23.97 -2.50
C ALA A 235 -3.90 -22.97 -1.43
N PRO A 236 -5.15 -23.01 -0.97
CA PRO A 236 -5.69 -22.25 0.13
C PRO A 236 -5.17 -22.82 1.43
N ALA A 237 -5.30 -22.07 2.51
CA ALA A 237 -4.83 -22.58 3.79
C ALA A 237 -5.45 -23.91 4.14
N GLY A 238 -4.61 -24.82 4.63
CA GLY A 238 -5.04 -26.14 5.02
C GLY A 238 -4.81 -27.20 3.94
N PHE A 239 -4.48 -26.78 2.74
CA PHE A 239 -4.24 -27.69 1.60
C PHE A 239 -2.85 -27.63 1.04
N ALA A 240 -2.46 -28.69 0.36
CA ALA A 240 -1.17 -28.68 -0.29
C ALA A 240 -1.23 -29.42 -1.59
N ILE A 241 -0.30 -29.09 -2.48
CA ILE A 241 -0.23 -29.73 -3.76
C ILE A 241 0.97 -30.65 -3.90
N LEU A 242 0.67 -31.87 -4.29
CA LEU A 242 1.68 -32.87 -4.48
C LEU A 242 2.17 -32.71 -5.88
N LYS A 243 3.46 -32.86 -6.07
CA LYS A 243 4.04 -32.76 -7.39
C LYS A 243 4.74 -34.03 -7.77
N CYS A 244 4.52 -34.47 -8.99
CA CYS A 244 5.24 -35.63 -9.47
C CYS A 244 6.51 -35.19 -10.17
N ASN A 245 7.64 -35.64 -9.65
CA ASN A 245 8.93 -35.25 -10.17
C ASN A 245 9.59 -36.35 -10.97
N SER A 246 8.84 -37.35 -11.34
CA SER A 246 9.43 -38.42 -12.12
C SER A 246 9.38 -38.07 -13.60
N LYS A 247 10.56 -37.88 -14.16
CA LYS A 247 10.75 -37.45 -15.54
C LYS A 247 10.33 -38.48 -16.58
N THR A 248 10.15 -39.71 -16.15
CA THR A 248 9.76 -40.80 -17.03
C THR A 248 8.32 -41.23 -16.79
N PHE A 249 7.60 -40.49 -15.97
CA PHE A 249 6.23 -40.85 -15.67
C PHE A 249 5.30 -40.38 -16.75
N ASN A 250 4.51 -41.31 -17.29
CA ASN A 250 3.61 -40.95 -18.38
C ASN A 250 2.20 -40.62 -17.88
N GLY A 251 1.99 -40.69 -16.59
CA GLY A 251 0.69 -40.41 -16.05
C GLY A 251 -0.13 -41.66 -15.81
N SER A 252 -1.30 -41.48 -15.20
CA SER A 252 -2.24 -42.57 -14.92
C SER A 252 -1.62 -43.67 -14.10
N GLY A 253 -0.92 -43.29 -13.07
CA GLY A 253 -0.32 -44.33 -12.26
C GLY A 253 0.64 -43.81 -11.23
N PRO A 254 1.36 -44.71 -10.58
CA PRO A 254 2.31 -44.44 -9.53
C PRO A 254 3.46 -43.57 -9.93
N CYS A 255 3.64 -42.50 -9.20
CA CYS A 255 4.76 -41.62 -9.36
C CYS A 255 5.62 -41.92 -8.20
N THR A 256 6.88 -42.18 -8.44
CA THR A 256 7.78 -42.59 -7.39
C THR A 256 8.64 -41.50 -6.81
N ASN A 257 8.40 -40.28 -7.23
CA ASN A 257 9.13 -39.14 -6.69
C ASN A 257 8.15 -38.00 -6.41
N VAL A 258 7.74 -37.86 -5.15
CA VAL A 258 6.71 -36.88 -4.82
C VAL A 258 7.20 -35.82 -3.85
N SER A 259 6.92 -34.56 -4.19
CA SER A 259 7.28 -33.42 -3.33
C SER A 259 6.06 -32.55 -3.08
N THR A 260 6.10 -31.69 -2.07
CA THR A 260 4.94 -30.86 -1.81
C THR A 260 5.24 -29.37 -1.92
N VAL A 261 4.31 -28.65 -2.56
CA VAL A 261 4.37 -27.20 -2.75
C VAL A 261 3.04 -26.50 -2.44
N GLN A 262 3.08 -25.18 -2.26
CA GLN A 262 1.82 -24.45 -2.19
C GLN A 262 1.36 -24.07 -3.59
N CYS A 263 2.31 -23.67 -4.40
CA CYS A 263 1.98 -23.18 -5.72
C CYS A 263 2.67 -23.96 -6.80
N THR A 264 1.99 -24.06 -7.93
CA THR A 264 2.53 -24.69 -9.12
C THR A 264 3.35 -23.65 -9.81
N HIS A 265 4.09 -24.03 -10.83
CA HIS A 265 4.83 -23.05 -11.60
C HIS A 265 3.80 -22.31 -12.43
N GLY A 266 4.22 -21.25 -13.10
CA GLY A 266 3.24 -20.54 -13.90
C GLY A 266 3.04 -21.26 -15.21
N ILE A 267 1.81 -21.24 -15.70
CA ILE A 267 1.44 -21.82 -16.96
C ILE A 267 0.86 -20.76 -17.86
N ARG A 268 1.30 -20.72 -19.11
CA ARG A 268 0.79 -19.74 -20.04
C ARG A 268 -0.51 -20.26 -20.66
N PRO A 269 -1.65 -19.57 -20.51
CA PRO A 269 -2.96 -19.99 -20.97
C PRO A 269 -3.14 -19.80 -22.46
N VAL A 270 -2.38 -20.55 -23.23
CA VAL A 270 -2.42 -20.46 -24.68
C VAL A 270 -3.55 -21.27 -25.27
N VAL A 271 -4.33 -20.67 -26.15
CA VAL A 271 -5.41 -21.39 -26.79
C VAL A 271 -5.04 -21.72 -28.22
N SER A 272 -4.92 -23.02 -28.52
CA SER A 272 -4.51 -23.46 -29.85
C SER A 272 -4.90 -24.91 -30.16
N THR A 273 -4.80 -25.29 -31.43
CA THR A 273 -5.08 -26.67 -31.87
C THR A 273 -3.92 -27.30 -32.63
N GLN A 274 -3.95 -28.64 -32.78
CA GLN A 274 -2.94 -29.45 -33.50
C GLN A 274 -1.56 -29.43 -32.84
N LEU A 275 -0.95 -28.28 -32.84
CA LEU A 275 0.36 -28.11 -32.22
C LEU A 275 0.15 -27.19 -31.06
N LEU A 276 0.51 -27.64 -29.89
CA LEU A 276 0.29 -26.82 -28.73
C LEU A 276 1.51 -25.94 -28.60
N LEU A 277 1.33 -24.76 -28.04
CA LEU A 277 2.44 -23.83 -28.01
C LEU A 277 2.80 -23.28 -26.65
N ASN A 278 4.09 -22.99 -26.52
CA ASN A 278 4.73 -22.33 -25.38
C ASN A 278 4.49 -23.08 -24.08
N GLY A 279 4.48 -24.40 -24.11
CA GLY A 279 4.29 -25.17 -22.90
C GLY A 279 5.65 -25.54 -22.33
N SER A 280 5.64 -26.45 -21.38
CA SER A 280 6.89 -26.88 -20.77
C SER A 280 7.51 -27.99 -21.59
N LEU A 281 8.80 -28.18 -21.44
CA LEU A 281 9.47 -29.28 -22.11
C LEU A 281 9.76 -30.40 -21.16
N ALA A 282 9.83 -31.59 -21.72
CA ALA A 282 10.20 -32.80 -21.00
C ALA A 282 11.66 -32.70 -20.64
N GLU A 283 12.06 -33.31 -19.53
CA GLU A 283 13.45 -33.21 -19.10
C GLU A 283 14.46 -33.84 -20.04
N GLU A 284 14.14 -35.02 -20.59
CA GLU A 284 15.11 -35.69 -21.45
C GLU A 284 14.57 -36.19 -22.79
N GLU A 285 13.38 -36.79 -22.78
CA GLU A 285 12.83 -37.45 -23.95
C GLU A 285 11.40 -37.03 -24.23
N ILE A 286 10.99 -37.24 -25.47
CA ILE A 286 9.62 -37.00 -25.90
C ILE A 286 8.73 -38.02 -25.22
N VAL A 287 7.64 -37.56 -24.61
CA VAL A 287 6.78 -38.46 -23.86
C VAL A 287 5.35 -38.55 -24.34
N ILE A 288 4.92 -39.75 -24.64
CA ILE A 288 3.55 -40.03 -25.03
C ILE A 288 2.74 -40.14 -23.78
N ARG A 289 1.61 -39.46 -23.70
CA ARG A 289 0.83 -39.48 -22.48
C ARG A 289 -0.61 -39.86 -22.73
N SER A 290 -0.86 -40.76 -23.67
CA SER A 290 -2.22 -41.15 -23.98
C SER A 290 -2.87 -41.87 -22.84
N GLU A 291 -4.15 -41.62 -22.65
CA GLU A 291 -4.89 -42.34 -21.64
C GLU A 291 -4.90 -43.81 -22.00
N ASN A 292 -5.02 -44.10 -23.30
CA ASN A 292 -5.03 -45.46 -23.81
C ASN A 292 -4.56 -45.48 -25.25
N ILE A 293 -3.40 -46.05 -25.45
CA ILE A 293 -2.71 -46.13 -26.72
C ILE A 293 -3.55 -46.80 -27.77
N THR A 294 -4.31 -47.80 -27.36
CA THR A 294 -5.09 -48.59 -28.24
C THR A 294 -6.58 -48.28 -28.34
N ASP A 295 -7.07 -47.21 -27.70
CA ASP A 295 -8.51 -46.91 -27.73
C ASP A 295 -9.03 -46.27 -29.04
N ASN A 296 -8.21 -45.44 -29.66
CA ASN A 296 -8.51 -44.70 -30.90
C ASN A 296 -9.60 -43.65 -30.80
N ALA A 297 -9.98 -43.29 -29.59
CA ALA A 297 -10.95 -42.23 -29.43
C ALA A 297 -10.41 -41.23 -28.45
N LYS A 298 -9.10 -41.27 -28.30
CA LYS A 298 -8.41 -40.40 -27.38
C LYS A 298 -7.13 -39.93 -28.02
N THR A 299 -6.64 -38.79 -27.57
CA THR A 299 -5.43 -38.21 -28.09
C THR A 299 -4.15 -38.77 -27.49
N ILE A 300 -3.07 -38.49 -28.18
CA ILE A 300 -1.72 -38.88 -27.84
C ILE A 300 -1.02 -37.87 -26.96
N ILE A 301 -1.31 -36.61 -27.24
CA ILE A 301 -0.76 -35.44 -26.57
C ILE A 301 0.70 -35.59 -26.18
N VAL A 302 1.53 -35.76 -27.19
CA VAL A 302 2.92 -36.01 -26.91
C VAL A 302 3.61 -34.71 -26.62
N GLN A 303 4.44 -34.67 -25.60
CA GLN A 303 5.13 -33.42 -25.35
C GLN A 303 6.56 -33.60 -25.76
N LEU A 304 7.18 -32.51 -26.13
CA LEU A 304 8.55 -32.56 -26.58
C LEU A 304 9.55 -32.24 -25.51
N ASN A 305 10.79 -32.71 -25.71
CA ASN A 305 11.94 -32.41 -24.88
C ASN A 305 12.80 -31.31 -25.47
N GLU A 306 12.30 -30.73 -26.54
CA GLU A 306 12.95 -29.66 -27.27
C GLU A 306 11.87 -28.81 -27.90
N ALA A 307 12.01 -27.50 -27.85
CA ALA A 307 11.02 -26.67 -28.50
C ALA A 307 11.45 -26.41 -29.91
N VAL A 308 10.51 -26.33 -30.81
CA VAL A 308 10.82 -25.98 -32.18
C VAL A 308 10.23 -24.63 -32.51
N GLU A 309 11.07 -23.67 -32.86
CA GLU A 309 10.52 -22.36 -33.14
C GLU A 309 9.70 -22.35 -34.40
N ILE A 310 8.57 -21.67 -34.33
CA ILE A 310 7.76 -21.43 -35.50
C ILE A 310 7.53 -19.93 -35.58
N ASN A 311 7.91 -19.36 -36.72
CA ASN A 311 7.80 -17.92 -36.89
C ASN A 311 6.75 -17.54 -37.91
N CYS A 312 5.69 -16.92 -37.43
CA CYS A 312 4.61 -16.56 -38.33
C CYS A 312 4.53 -15.07 -38.52
N THR A 313 4.58 -14.64 -39.77
CA THR A 313 4.52 -13.21 -40.01
C THR A 313 3.55 -12.87 -41.09
N ARG A 314 3.02 -11.68 -40.99
CA ARG A 314 2.18 -11.14 -42.01
C ARG A 314 3.06 -10.46 -43.07
N PRO A 315 2.72 -10.49 -44.36
CA PRO A 315 3.43 -9.78 -45.39
C PRO A 315 3.10 -8.31 -45.28
N ASN A 316 3.70 -7.68 -44.30
CA ASN A 316 3.43 -6.30 -43.98
C ASN A 316 3.58 -5.40 -45.17
N ASN A 317 2.64 -4.49 -45.25
CA ASN A 317 2.46 -3.50 -46.30
C ASN A 317 2.00 -4.10 -47.62
N ASN A 318 1.62 -5.38 -47.62
CA ASN A 318 1.06 -5.96 -48.82
C ASN A 318 -0.44 -5.81 -48.73
N THR A 319 -0.99 -4.80 -49.41
CA THR A 319 -2.42 -4.59 -49.32
C THR A 319 -3.03 -4.83 -50.67
N ARG A 320 -3.82 -5.87 -50.77
CA ARG A 320 -4.46 -6.23 -52.01
C ARG A 320 -5.86 -6.72 -51.70
N LYS A 321 -6.81 -6.39 -52.54
CA LYS A 321 -8.16 -6.82 -52.27
C LYS A 321 -8.75 -7.60 -53.42
N SER A 322 -9.60 -8.55 -53.09
CA SER A 322 -10.31 -9.29 -54.10
C SER A 322 -11.48 -8.47 -54.57
N ILE A 323 -12.02 -8.81 -55.71
CA ILE A 323 -13.19 -8.13 -56.21
C ILE A 323 -14.26 -9.13 -56.54
N HIS A 324 -15.48 -8.66 -56.62
CA HIS A 324 -16.63 -9.46 -57.00
C HIS A 324 -16.27 -10.80 -57.62
N ASN A 340 -3.57 -10.98 -51.09
CA ASN A 340 -4.66 -10.26 -50.47
C ASN A 340 -4.14 -9.54 -49.23
N ILE A 341 -5.05 -9.23 -48.31
CA ILE A 341 -4.72 -8.65 -47.02
C ILE A 341 -4.62 -9.73 -45.94
N ARG A 342 -5.60 -10.61 -45.93
CA ARG A 342 -5.68 -11.67 -44.95
C ARG A 342 -4.80 -12.87 -45.31
N GLN A 343 -3.52 -12.69 -45.07
CA GLN A 343 -2.50 -13.69 -45.35
C GLN A 343 -1.39 -13.65 -44.34
N ALA A 344 -0.82 -14.82 -44.08
CA ALA A 344 0.36 -14.93 -43.23
C ALA A 344 1.19 -16.13 -43.65
N HIS A 345 2.47 -16.13 -43.27
CA HIS A 345 3.33 -17.26 -43.59
C HIS A 345 4.08 -17.77 -42.39
N CYS A 346 4.04 -19.08 -42.18
CA CYS A 346 4.76 -19.64 -41.03
C CYS A 346 5.92 -20.50 -41.44
N ASN A 347 7.08 -20.17 -40.90
CA ASN A 347 8.32 -20.86 -41.22
C ASN A 347 8.84 -21.74 -40.10
N ILE A 348 8.97 -23.03 -40.42
CA ILE A 348 9.41 -24.08 -39.52
C ILE A 348 10.76 -24.63 -39.97
N SER A 349 11.77 -24.67 -39.10
CA SER A 349 13.03 -25.22 -39.55
C SER A 349 12.80 -26.65 -40.00
N LYS A 350 13.29 -27.01 -41.19
CA LYS A 350 13.01 -28.38 -41.57
C LYS A 350 13.85 -29.31 -40.78
N ALA A 351 15.05 -28.87 -40.37
CA ALA A 351 15.92 -29.76 -39.64
C ALA A 351 15.31 -30.13 -38.32
N ARG A 352 14.72 -29.16 -37.64
CA ARG A 352 14.17 -29.49 -36.36
C ARG A 352 12.98 -30.40 -36.53
N TRP A 353 12.19 -30.15 -37.56
CA TRP A 353 11.02 -30.96 -37.77
C TRP A 353 11.43 -32.40 -38.04
N ASN A 354 12.45 -32.60 -38.88
CA ASN A 354 12.90 -33.94 -39.23
C ASN A 354 13.39 -34.70 -38.01
N GLU A 355 14.14 -34.02 -37.14
CA GLU A 355 14.67 -34.65 -35.96
C GLU A 355 13.57 -35.04 -35.02
N THR A 356 12.60 -34.13 -34.89
CA THR A 356 11.50 -34.32 -33.99
C THR A 356 10.65 -35.49 -34.44
N LEU A 357 10.38 -35.59 -35.73
CA LEU A 357 9.55 -36.68 -36.19
C LEU A 357 10.29 -37.99 -36.12
N GLY A 358 11.60 -38.01 -36.37
CA GLY A 358 12.29 -39.27 -36.27
C GLY A 358 12.20 -39.81 -34.84
N GLN A 359 12.33 -38.93 -33.85
CA GLN A 359 12.26 -39.35 -32.47
C GLN A 359 10.84 -39.80 -32.10
N ILE A 360 9.82 -39.11 -32.62
CA ILE A 360 8.46 -39.48 -32.35
C ILE A 360 8.13 -40.81 -32.94
N VAL A 361 8.54 -41.06 -34.18
CA VAL A 361 8.18 -42.33 -34.73
C VAL A 361 8.90 -43.42 -34.00
N ALA A 362 10.13 -43.18 -33.52
CA ALA A 362 10.74 -44.27 -32.79
C ALA A 362 9.88 -44.67 -31.58
N LYS A 363 9.28 -43.70 -30.90
CA LYS A 363 8.43 -44.06 -29.77
C LYS A 363 7.13 -44.73 -30.23
N LEU A 364 6.59 -44.30 -31.36
CA LEU A 364 5.36 -44.91 -31.84
C LEU A 364 5.65 -46.35 -32.25
N GLU A 365 6.83 -46.59 -32.82
CA GLU A 365 7.24 -47.92 -33.22
C GLU A 365 7.36 -48.80 -32.00
N GLU A 366 7.83 -48.27 -30.88
CA GLU A 366 7.90 -49.11 -29.70
C GLU A 366 6.50 -49.59 -29.31
N GLN A 367 5.51 -48.71 -29.44
CA GLN A 367 4.13 -49.09 -29.12
C GLN A 367 3.52 -50.00 -30.18
N PHE A 368 3.94 -49.81 -31.43
CA PHE A 368 3.44 -50.58 -32.54
C PHE A 368 4.62 -51.19 -33.32
N PRO A 369 5.34 -52.18 -32.75
CA PRO A 369 6.62 -52.74 -33.20
C PRO A 369 6.66 -53.42 -34.55
N ASN A 370 5.51 -53.82 -35.07
CA ASN A 370 5.52 -54.49 -36.35
C ASN A 370 4.89 -53.62 -37.43
N LYS A 371 4.76 -52.31 -37.18
CA LYS A 371 4.11 -51.47 -38.16
C LYS A 371 4.91 -50.24 -38.60
N THR A 372 4.60 -49.78 -39.80
CA THR A 372 5.14 -48.57 -40.42
C THR A 372 4.37 -47.38 -39.89
N ILE A 373 5.05 -46.25 -39.67
CA ILE A 373 4.32 -45.09 -39.21
C ILE A 373 4.09 -44.09 -40.34
N ILE A 374 2.83 -43.79 -40.62
CA ILE A 374 2.52 -42.85 -41.69
C ILE A 374 1.71 -41.69 -41.13
N PHE A 375 2.00 -40.51 -41.60
CA PHE A 375 1.31 -39.32 -41.18
C PHE A 375 0.46 -38.77 -42.29
N ASN A 376 -0.66 -38.20 -41.90
CA ASN A 376 -1.58 -37.63 -42.84
C ASN A 376 -2.21 -36.36 -42.29
N HIS A 377 -3.03 -35.72 -43.12
CA HIS A 377 -3.79 -34.54 -42.78
C HIS A 377 -5.14 -34.96 -42.22
N SER A 378 -5.98 -34.02 -41.82
CA SER A 378 -7.26 -34.40 -41.23
C SER A 378 -8.21 -34.98 -42.26
N SER A 379 -9.25 -35.67 -41.78
CA SER A 379 -10.26 -36.31 -42.64
C SER A 379 -11.45 -35.41 -42.92
N GLY A 380 -11.49 -34.29 -42.20
CA GLY A 380 -12.58 -33.33 -42.29
C GLY A 380 -12.94 -32.81 -40.92
N GLY A 381 -13.86 -31.86 -40.89
CA GLY A 381 -14.27 -31.22 -39.65
C GLY A 381 -14.17 -29.72 -39.73
N ASP A 382 -14.44 -29.07 -38.61
CA ASP A 382 -14.41 -27.62 -38.51
C ASP A 382 -12.99 -27.10 -38.82
N PRO A 383 -12.83 -25.94 -39.47
CA PRO A 383 -11.56 -25.31 -39.81
C PRO A 383 -10.57 -25.20 -38.66
N GLU A 384 -11.05 -25.03 -37.44
CA GLU A 384 -10.18 -24.91 -36.28
C GLU A 384 -9.39 -26.17 -35.98
N ILE A 385 -9.87 -27.28 -36.48
CA ILE A 385 -9.26 -28.57 -36.31
C ILE A 385 -8.51 -28.96 -37.54
N VAL A 386 -9.08 -28.68 -38.70
CA VAL A 386 -8.46 -29.07 -39.94
C VAL A 386 -7.13 -28.34 -40.11
N THR A 387 -7.13 -27.05 -39.84
CA THR A 387 -5.91 -26.29 -39.91
C THR A 387 -5.44 -25.97 -38.52
N HIS A 388 -4.22 -25.52 -38.39
CA HIS A 388 -3.71 -25.15 -37.10
C HIS A 388 -4.30 -23.84 -36.68
N SER A 389 -4.76 -23.72 -35.46
CA SER A 389 -5.33 -22.46 -35.03
C SER A 389 -4.62 -21.85 -33.85
N PHE A 390 -4.42 -20.54 -33.96
CA PHE A 390 -3.79 -19.73 -32.91
C PHE A 390 -4.15 -18.28 -33.05
N ASN A 391 -3.77 -17.48 -32.07
CA ASN A 391 -4.05 -16.07 -32.19
C ASN A 391 -2.95 -15.23 -31.56
N CYS A 392 -2.82 -14.00 -32.07
CA CYS A 392 -1.89 -13.00 -31.58
C CYS A 392 -2.54 -11.64 -31.64
N GLY A 393 -2.54 -10.91 -30.55
CA GLY A 393 -3.26 -9.66 -30.64
C GLY A 393 -4.68 -10.11 -30.88
N GLY A 394 -5.43 -9.38 -31.67
CA GLY A 394 -6.81 -9.74 -31.92
C GLY A 394 -6.96 -10.61 -33.17
N GLU A 395 -5.85 -11.04 -33.75
CA GLU A 395 -5.93 -11.79 -34.98
C GLU A 395 -5.98 -13.29 -34.75
N PHE A 396 -6.92 -13.94 -35.43
CA PHE A 396 -7.10 -15.38 -35.37
C PHE A 396 -6.60 -16.02 -36.65
N PHE A 397 -5.57 -16.83 -36.53
CA PHE A 397 -4.88 -17.43 -37.65
C PHE A 397 -5.24 -18.87 -37.87
N TYR A 398 -5.33 -19.23 -39.13
CA TYR A 398 -5.54 -20.60 -39.56
C TYR A 398 -4.42 -21.02 -40.48
N CYS A 399 -3.66 -22.05 -40.11
CA CYS A 399 -2.54 -22.42 -40.96
C CYS A 399 -2.61 -23.84 -41.48
N ASN A 400 -2.29 -23.99 -42.74
CA ASN A 400 -2.31 -25.28 -43.40
C ASN A 400 -1.04 -26.06 -43.13
N THR A 401 -1.16 -27.09 -42.30
CA THR A 401 -0.06 -27.89 -41.81
C THR A 401 0.21 -29.10 -42.66
N THR A 402 -0.47 -29.23 -43.78
CA THR A 402 -0.25 -30.36 -44.66
C THR A 402 1.23 -30.63 -44.90
N PRO A 403 2.10 -29.63 -45.20
CA PRO A 403 3.52 -29.79 -45.47
C PRO A 403 4.31 -30.45 -44.35
N LEU A 404 3.76 -30.45 -43.15
CA LEU A 404 4.40 -31.03 -42.00
C LEU A 404 4.05 -32.50 -41.77
N PHE A 405 2.94 -32.98 -42.37
CA PHE A 405 2.48 -34.34 -42.06
C PHE A 405 2.08 -35.19 -43.25
N ASN A 406 3.02 -35.53 -44.13
CA ASN A 406 2.69 -36.42 -45.25
C ASN A 406 3.70 -37.55 -45.36
N SER A 407 4.54 -37.70 -44.33
CA SER A 407 5.61 -38.67 -44.27
C SER A 407 5.13 -40.11 -44.05
N THR A 408 6.00 -41.07 -44.37
CA THR A 408 5.84 -42.42 -43.77
C THR A 408 7.19 -42.97 -43.30
N TRP A 409 7.43 -42.95 -41.98
CA TRP A 409 8.66 -43.57 -41.46
C TRP A 409 8.41 -45.07 -41.26
N ASN A 410 9.38 -45.91 -41.61
CA ASN A 410 9.31 -47.35 -41.25
C ASN A 410 10.70 -47.78 -40.79
N ASN A 411 11.69 -47.68 -41.67
CA ASN A 411 13.08 -47.98 -41.27
C ASN A 411 13.63 -46.67 -40.68
N THR A 412 12.83 -46.02 -39.84
CA THR A 412 13.23 -44.71 -39.28
C THR A 412 13.69 -43.84 -40.44
N ARG A 413 13.10 -44.02 -41.62
CA ARG A 413 13.55 -43.18 -42.69
C ARG A 413 12.40 -42.91 -43.64
N THR A 414 12.25 -41.66 -44.08
CA THR A 414 11.17 -41.38 -45.03
C THR A 414 11.58 -40.75 -46.36
N ASP A 415 12.64 -39.94 -46.37
CA ASP A 415 12.94 -39.10 -47.52
C ASP A 415 11.72 -38.23 -47.84
N ASP A 416 10.95 -37.89 -46.81
CA ASP A 416 9.69 -37.17 -47.12
C ASP A 416 10.15 -35.82 -47.64
N TYR A 417 11.20 -35.31 -47.03
CA TYR A 417 11.79 -34.05 -47.51
C TYR A 417 12.93 -34.49 -48.42
N PRO A 418 12.95 -34.08 -49.70
CA PRO A 418 13.95 -34.60 -50.64
C PRO A 418 15.39 -34.14 -50.39
N THR A 419 15.78 -34.01 -49.12
CA THR A 419 16.85 -33.05 -48.76
C THR A 419 16.64 -31.80 -49.60
N GLY A 420 15.44 -31.22 -49.56
CA GLY A 420 15.12 -30.04 -50.40
C GLY A 420 16.07 -28.88 -50.23
N GLY A 421 16.87 -28.89 -49.16
CA GLY A 421 17.88 -27.83 -48.95
C GLY A 421 17.22 -26.47 -48.79
N GLU A 422 15.89 -26.40 -48.93
CA GLU A 422 15.22 -25.14 -48.60
C GLU A 422 15.41 -24.74 -47.15
N GLN A 423 15.48 -25.73 -46.29
CA GLN A 423 15.65 -25.60 -44.84
C GLN A 423 14.45 -25.02 -44.13
N ASN A 424 13.36 -24.83 -44.85
CA ASN A 424 12.17 -24.22 -44.28
C ASN A 424 10.90 -24.86 -44.79
N ILE A 425 10.11 -25.33 -43.88
CA ILE A 425 8.84 -25.86 -44.27
C ILE A 425 7.97 -24.66 -44.08
N THR A 426 7.21 -24.29 -45.09
CA THR A 426 6.43 -23.09 -44.93
C THR A 426 4.97 -23.38 -45.01
N LEU A 427 4.20 -22.72 -44.18
CA LEU A 427 2.78 -22.93 -44.20
C LEU A 427 2.07 -21.72 -44.75
N GLN A 428 1.00 -21.98 -45.49
CA GLN A 428 0.15 -20.89 -45.94
C GLN A 428 -0.89 -20.66 -44.88
N CYS A 429 -1.02 -19.42 -44.45
CA CYS A 429 -1.98 -19.09 -43.43
C CYS A 429 -2.93 -17.99 -43.85
N ARG A 430 -4.09 -18.00 -43.22
CA ARG A 430 -5.11 -16.97 -43.42
C ARG A 430 -5.59 -16.43 -42.09
N ILE A 431 -6.06 -15.22 -42.11
CA ILE A 431 -6.62 -14.59 -40.93
C ILE A 431 -8.10 -14.50 -41.16
N LYS A 432 -8.89 -14.96 -40.21
CA LYS A 432 -10.35 -14.97 -40.40
C LYS A 432 -11.09 -14.03 -39.47
N GLN A 433 -12.29 -13.61 -39.89
CA GLN A 433 -13.11 -12.80 -39.01
C GLN A 433 -14.21 -13.61 -38.36
N ILE A 434 -14.70 -14.64 -39.05
CA ILE A 434 -15.76 -15.46 -38.46
C ILE A 434 -15.19 -16.81 -38.13
N ILE A 435 -15.21 -17.13 -36.85
CA ILE A 435 -14.60 -18.35 -36.36
C ILE A 435 -15.58 -19.15 -35.49
N ASN A 436 -15.33 -20.44 -35.30
CA ASN A 436 -16.15 -21.20 -34.36
C ASN A 436 -15.60 -20.93 -32.98
N MET A 437 -16.46 -20.80 -31.99
CA MET A 437 -15.92 -20.59 -30.67
C MET A 437 -15.44 -21.86 -30.06
N TRP A 438 -14.40 -21.78 -29.25
CA TRP A 438 -13.93 -22.97 -28.53
C TRP A 438 -14.71 -23.13 -27.24
N GLN A 439 -15.40 -22.07 -26.84
CA GLN A 439 -16.10 -22.01 -25.58
C GLN A 439 -17.51 -22.57 -25.66
N GLY A 440 -17.60 -23.86 -25.87
CA GLY A 440 -18.89 -24.51 -26.01
C GLY A 440 -19.39 -24.30 -27.42
N VAL A 441 -20.60 -24.74 -27.72
CA VAL A 441 -21.07 -24.59 -29.10
C VAL A 441 -21.58 -23.21 -29.38
N GLY A 442 -21.07 -22.61 -30.43
CA GLY A 442 -21.47 -21.29 -30.87
C GLY A 442 -20.49 -20.72 -31.88
N LYS A 443 -20.87 -19.59 -32.47
CA LYS A 443 -20.06 -18.93 -33.52
C LYS A 443 -19.81 -17.46 -33.20
N ALA A 444 -18.67 -16.90 -33.64
CA ALA A 444 -18.45 -15.49 -33.38
C ALA A 444 -17.69 -14.75 -34.47
N MET A 445 -18.04 -13.47 -34.61
CA MET A 445 -17.39 -12.60 -35.57
C MET A 445 -16.65 -11.46 -34.92
N TYR A 446 -15.44 -11.26 -35.37
CA TYR A 446 -14.55 -10.21 -34.94
C TYR A 446 -14.33 -9.17 -36.03
N ALA A 447 -13.92 -7.99 -35.61
CA ALA A 447 -13.64 -6.91 -36.55
C ALA A 447 -12.49 -7.32 -37.50
N PRO A 448 -12.42 -6.78 -38.75
CA PRO A 448 -11.40 -6.99 -39.77
C PRO A 448 -10.00 -6.64 -39.24
N PRO A 449 -8.92 -7.10 -39.90
CA PRO A 449 -7.50 -6.99 -39.52
C PRO A 449 -6.92 -5.61 -39.32
N ILE A 450 -5.90 -5.57 -38.47
CA ILE A 450 -5.08 -4.41 -38.16
C ILE A 450 -4.28 -4.05 -39.39
N ARG A 451 -4.16 -2.78 -39.73
CA ARG A 451 -3.46 -2.37 -40.96
C ARG A 451 -1.93 -2.49 -41.02
N GLY A 452 -1.28 -2.73 -39.89
CA GLY A 452 0.18 -2.80 -39.85
C GLY A 452 0.74 -4.23 -39.82
N GLN A 453 1.89 -4.39 -39.17
CA GLN A 453 2.57 -5.68 -39.13
C GLN A 453 2.22 -6.48 -37.91
N ILE A 454 1.91 -7.75 -38.16
CA ILE A 454 1.58 -8.71 -37.14
C ILE A 454 2.59 -9.84 -37.15
N ARG A 455 3.12 -10.18 -35.98
CA ARG A 455 4.07 -11.26 -35.84
C ARG A 455 3.76 -12.12 -34.64
N CYS A 456 3.96 -13.43 -34.82
CA CYS A 456 3.84 -14.37 -33.72
C CYS A 456 5.15 -15.15 -33.65
N SER A 457 5.61 -15.39 -32.45
CA SER A 457 6.84 -16.16 -32.26
C SER A 457 6.57 -17.23 -31.25
N SER A 458 6.45 -18.46 -31.70
CA SER A 458 6.04 -19.49 -30.75
C SER A 458 6.92 -20.70 -30.69
N ASN A 459 6.84 -21.39 -29.57
CA ASN A 459 7.55 -22.64 -29.34
C ASN A 459 6.65 -23.84 -29.49
N ILE A 460 6.93 -24.69 -30.47
CA ILE A 460 6.11 -25.88 -30.56
C ILE A 460 6.64 -26.74 -29.46
N THR A 461 5.77 -27.12 -28.54
CA THR A 461 6.22 -27.91 -27.41
C THR A 461 5.50 -29.24 -27.31
N GLY A 462 4.68 -29.55 -28.30
CA GLY A 462 3.94 -30.80 -28.29
C GLY A 462 2.92 -30.89 -29.40
N LEU A 463 2.46 -32.11 -29.62
CA LEU A 463 1.51 -32.39 -30.67
C LEU A 463 0.31 -33.19 -30.20
N LEU A 464 -0.86 -32.68 -30.51
CA LEU A 464 -2.09 -33.30 -30.09
C LEU A 464 -2.48 -34.28 -31.17
N LEU A 465 -1.64 -35.25 -31.37
CA LEU A 465 -1.83 -36.19 -32.45
C LEU A 465 -2.89 -37.18 -32.12
N THR A 466 -3.52 -37.71 -33.14
CA THR A 466 -4.40 -38.83 -32.93
C THR A 466 -4.01 -39.95 -33.84
N ARG A 467 -4.74 -41.05 -33.73
CA ARG A 467 -4.48 -42.25 -34.51
C ARG A 467 -5.79 -42.77 -35.08
N ASP A 468 -5.70 -43.43 -36.23
CA ASP A 468 -6.86 -44.00 -36.90
C ASP A 468 -7.30 -45.29 -36.22
N GLY A 469 -8.36 -45.91 -36.71
CA GLY A 469 -8.89 -47.12 -36.10
C GLY A 469 -7.85 -48.23 -36.12
N GLY A 470 -7.37 -48.53 -37.31
CA GLY A 470 -6.34 -49.55 -37.50
C GLY A 470 -6.87 -50.96 -37.75
N ARG A 471 -8.17 -51.16 -37.53
CA ARG A 471 -8.79 -52.48 -37.67
C ARG A 471 -8.63 -53.14 -39.03
N ASP A 472 -8.66 -52.33 -40.08
CA ASP A 472 -8.54 -52.79 -41.44
C ASP A 472 -7.18 -52.49 -42.05
N GLN A 473 -6.18 -52.19 -41.22
CA GLN A 473 -4.88 -51.88 -41.76
C GLN A 473 -3.96 -53.07 -41.74
N ASN A 474 -2.99 -53.07 -42.62
CA ASN A 474 -2.07 -54.18 -42.69
C ASN A 474 -0.61 -53.75 -42.69
N GLY A 475 -0.02 -53.74 -41.51
CA GLY A 475 1.38 -53.37 -41.33
C GLY A 475 1.67 -51.88 -41.17
N THR A 476 0.64 -51.05 -41.20
CA THR A 476 0.80 -49.60 -41.08
C THR A 476 -0.19 -48.96 -40.14
N GLU A 477 0.28 -48.00 -39.36
CA GLU A 477 -0.58 -47.18 -38.52
C GLU A 477 -0.58 -45.76 -39.01
N THR A 478 -1.75 -45.13 -39.04
CA THR A 478 -1.86 -43.76 -39.51
C THR A 478 -2.19 -42.77 -38.43
N PHE A 479 -1.38 -41.72 -38.40
CA PHE A 479 -1.50 -40.66 -37.45
C PHE A 479 -1.89 -39.38 -38.14
N ARG A 480 -2.67 -38.57 -37.45
CA ARG A 480 -3.13 -37.29 -37.98
C ARG A 480 -3.03 -36.22 -36.90
N PRO A 481 -2.56 -35.01 -37.19
CA PRO A 481 -2.44 -33.91 -36.27
C PRO A 481 -3.75 -33.25 -35.94
N GLY A 482 -4.77 -33.46 -36.74
CA GLY A 482 -5.97 -32.73 -36.45
C GLY A 482 -6.53 -33.18 -35.13
N GLY A 483 -6.89 -32.24 -34.29
CA GLY A 483 -7.46 -32.56 -33.01
C GLY A 483 -7.08 -31.60 -31.89
N GLY A 484 -7.76 -31.78 -30.78
CA GLY A 484 -7.57 -30.98 -29.61
C GLY A 484 -8.72 -30.06 -29.31
N ASN A 485 -8.82 -29.74 -28.05
CA ASN A 485 -9.79 -28.84 -27.51
C ASN A 485 -9.10 -28.27 -26.31
N MET A 486 -9.71 -27.36 -25.63
CA MET A 486 -8.96 -26.81 -24.56
C MET A 486 -8.73 -27.68 -23.34
N ARG A 487 -9.58 -28.63 -23.06
CA ARG A 487 -9.30 -29.37 -21.85
C ARG A 487 -8.02 -30.17 -22.02
N ASP A 488 -7.81 -30.68 -23.23
CA ASP A 488 -6.64 -31.48 -23.52
C ASP A 488 -5.39 -30.65 -23.37
N ASN A 489 -5.47 -29.38 -23.78
CA ASN A 489 -4.28 -28.58 -23.67
C ASN A 489 -3.86 -28.38 -22.24
N TRP A 490 -4.81 -28.30 -21.33
CA TRP A 490 -4.45 -28.10 -19.95
C TRP A 490 -4.02 -29.40 -19.29
N ARG A 491 -4.58 -30.52 -19.71
CA ARG A 491 -4.17 -31.77 -19.11
C ARG A 491 -2.69 -31.99 -19.33
N SER A 492 -2.19 -31.59 -20.48
CA SER A 492 -0.78 -31.74 -20.78
C SER A 492 0.13 -30.85 -19.93
N GLU A 493 -0.43 -29.87 -19.24
CA GLU A 493 0.36 -28.99 -18.41
C GLU A 493 0.17 -29.27 -16.92
N LEU A 494 -1.03 -29.71 -16.54
CA LEU A 494 -1.40 -29.91 -15.14
C LEU A 494 -1.18 -31.32 -14.60
N TYR A 495 -0.70 -32.23 -15.43
CA TYR A 495 -0.51 -33.63 -15.06
C TYR A 495 0.42 -33.84 -13.90
N LYS A 496 1.28 -32.89 -13.63
CA LYS A 496 2.23 -33.04 -12.57
C LYS A 496 1.68 -32.71 -11.20
N TYR A 497 0.48 -32.12 -11.12
CA TYR A 497 0.05 -31.69 -9.81
C TYR A 497 -1.28 -32.25 -9.31
N LYS A 498 -1.32 -32.55 -8.00
CA LYS A 498 -2.53 -33.07 -7.34
C LYS A 498 -2.80 -32.33 -6.01
N VAL A 499 -4.05 -32.05 -5.68
CA VAL A 499 -4.26 -31.36 -4.40
C VAL A 499 -4.92 -32.28 -3.39
N VAL A 500 -4.29 -32.37 -2.23
CA VAL A 500 -4.70 -33.25 -1.16
C VAL A 500 -4.76 -32.54 0.17
N LYS A 501 -5.38 -33.20 1.14
CA LYS A 501 -5.33 -32.70 2.51
C LYS A 501 -5.03 -33.82 3.49
N ILE A 502 -4.32 -33.49 4.55
CA ILE A 502 -4.01 -34.45 5.60
C ILE A 502 -5.06 -34.57 6.63
N GLU A 503 -5.36 -35.81 6.94
CA GLU A 503 -6.32 -36.21 7.93
C GLU A 503 -5.51 -36.86 9.03
N PRO A 504 -5.11 -36.13 10.06
CA PRO A 504 -4.16 -36.52 11.07
C PRO A 504 -4.62 -37.61 12.02
N LEU A 505 -5.89 -37.95 12.03
CA LEU A 505 -6.34 -38.94 13.00
C LEU A 505 -6.36 -40.34 12.42
N GLY A 506 -5.55 -41.25 12.97
CA GLY A 506 -5.52 -42.63 12.45
C GLY A 506 -5.57 -43.66 13.58
N ILE A 507 -5.83 -44.91 13.18
CA ILE A 507 -5.92 -46.04 14.10
C ILE A 507 -5.06 -47.22 13.75
N ALA A 508 -4.44 -47.81 14.74
CA ALA A 508 -3.68 -49.04 14.57
C ALA A 508 -3.79 -49.81 15.87
N PRO A 509 -3.77 -51.14 15.88
CA PRO A 509 -3.72 -51.93 17.07
C PRO A 509 -2.33 -51.93 17.69
N THR A 510 -2.27 -52.10 19.02
CA THR A 510 -1.00 -52.31 19.70
C THR A 510 -1.11 -53.11 21.01
N ALA A 511 -0.03 -53.16 21.75
CA ALA A 511 0.08 -53.96 22.97
C ALA A 511 -0.34 -53.29 24.27
N CYS A 512 -0.73 -52.03 24.26
CA CYS A 512 -1.08 -51.35 25.50
C CYS A 512 -2.52 -51.58 25.89
N LYS A 513 -2.82 -51.48 27.16
CA LYS A 513 -4.21 -51.49 27.58
C LYS A 513 -4.47 -50.26 28.45
N ARG A 514 -5.68 -49.68 28.34
CA ARG A 514 -6.02 -48.58 29.21
C ARG A 514 -6.43 -49.14 30.55
N ARG A 515 -5.97 -48.53 31.62
CA ARG A 515 -6.38 -48.99 32.94
C ARG A 515 -7.79 -48.53 33.18
N VAL A 516 -8.64 -49.45 33.61
CA VAL A 516 -10.01 -49.10 33.91
C VAL A 516 -10.40 -49.64 35.28
N GLU B 1 -26.67 12.55 -32.18
CA GLU B 1 -25.82 11.46 -32.66
C GLU B 1 -25.03 11.92 -33.87
N LEU B 2 -24.62 10.98 -34.71
CA LEU B 2 -23.90 11.33 -35.90
C LEU B 2 -24.87 11.81 -36.97
N GLU B 3 -24.61 13.01 -37.45
CA GLU B 3 -25.41 13.67 -38.46
C GLU B 3 -24.50 14.20 -39.54
N LEU B 4 -25.02 14.30 -40.76
CA LEU B 4 -24.22 14.83 -41.85
C LEU B 4 -24.79 16.10 -42.39
N THR B 5 -23.99 17.15 -42.35
CA THR B 5 -24.36 18.44 -42.87
C THR B 5 -23.60 18.69 -44.16
N GLN B 6 -24.33 18.97 -45.20
CA GLN B 6 -23.71 19.19 -46.51
C GLN B 6 -23.67 20.67 -46.89
N SER B 7 -23.09 20.95 -48.06
CA SER B 7 -22.97 22.28 -48.64
C SER B 7 -24.39 22.79 -48.98
N PRO B 8 -24.60 24.06 -49.43
CA PRO B 8 -25.91 24.67 -49.73
C PRO B 8 -26.81 23.87 -50.67
N ALA B 9 -26.23 22.94 -51.44
CA ALA B 9 -26.93 22.08 -52.39
C ALA B 9 -27.44 22.77 -53.62
N THR B 10 -26.93 23.96 -53.86
CA THR B 10 -27.23 24.76 -55.03
C THR B 10 -25.89 25.23 -55.53
N LEU B 11 -25.12 24.34 -56.13
CA LEU B 11 -23.76 24.72 -56.46
C LEU B 11 -23.74 25.19 -57.89
N SER B 12 -23.55 26.48 -58.10
CA SER B 12 -23.58 26.98 -59.47
C SER B 12 -22.20 26.83 -60.09
N VAL B 13 -22.11 25.98 -61.09
CA VAL B 13 -20.83 25.68 -61.74
C VAL B 13 -21.00 25.40 -63.23
N SER B 14 -20.08 25.91 -64.04
CA SER B 14 -20.15 25.64 -65.45
C SER B 14 -19.47 24.32 -65.78
N PRO B 15 -19.83 23.67 -66.87
CA PRO B 15 -19.13 22.50 -67.31
C PRO B 15 -17.72 22.95 -67.63
N GLY B 16 -16.76 22.12 -67.30
CA GLY B 16 -15.35 22.38 -67.52
C GLY B 16 -14.70 22.96 -66.25
N GLU B 17 -15.51 23.40 -65.30
CA GLU B 17 -15.02 23.97 -64.05
C GLU B 17 -14.91 22.91 -62.99
N ARG B 18 -14.13 23.19 -61.94
CA ARG B 18 -14.01 22.25 -60.85
C ARG B 18 -15.00 22.56 -59.73
N ALA B 19 -15.98 21.68 -59.53
CA ALA B 19 -17.01 21.91 -58.51
C ALA B 19 -16.48 21.48 -57.15
N THR B 20 -16.80 22.21 -56.08
CA THR B 20 -16.41 21.75 -54.74
C THR B 20 -17.62 21.48 -53.86
N LEU B 21 -17.67 20.27 -53.34
CA LEU B 21 -18.72 19.74 -52.53
C LEU B 21 -18.15 19.40 -51.15
N SER B 22 -19.00 19.31 -50.13
CA SER B 22 -18.49 19.02 -48.79
C SER B 22 -19.41 18.15 -47.98
N CYS B 23 -18.85 17.58 -46.92
CA CYS B 23 -19.53 16.67 -46.02
C CYS B 23 -19.02 16.81 -44.59
N ARG B 24 -19.82 17.45 -43.74
CA ARG B 24 -19.44 17.69 -42.36
C ARG B 24 -20.13 16.75 -41.40
N ALA B 25 -19.37 16.19 -40.47
CA ALA B 25 -19.98 15.30 -39.51
C ALA B 25 -20.22 15.97 -38.16
N SER B 26 -21.28 15.57 -37.48
CA SER B 26 -21.50 16.05 -36.11
C SER B 26 -20.59 15.36 -35.09
N GLU B 27 -20.01 14.23 -35.48
CA GLU B 27 -19.13 13.40 -34.65
C GLU B 27 -17.98 12.95 -35.53
N SER B 28 -16.84 12.61 -34.96
CA SER B 28 -15.73 12.16 -35.79
C SER B 28 -16.08 10.86 -36.52
N VAL B 29 -15.63 10.79 -37.77
CA VAL B 29 -15.80 9.66 -38.66
C VAL B 29 -14.41 9.33 -39.25
N SER B 30 -14.09 8.06 -39.41
CA SER B 30 -12.81 7.70 -40.02
C SER B 30 -13.03 7.73 -41.51
N SER B 31 -12.19 7.05 -42.28
CA SER B 31 -12.35 7.08 -43.75
C SER B 31 -13.42 6.06 -44.14
N ASP B 32 -14.62 6.33 -43.65
CA ASP B 32 -15.81 5.52 -43.77
C ASP B 32 -16.90 6.20 -44.54
N LEU B 33 -16.49 7.05 -45.45
CA LEU B 33 -17.44 7.77 -46.27
C LEU B 33 -17.64 7.18 -47.61
N ALA B 34 -18.84 7.37 -48.07
CA ALA B 34 -19.21 6.96 -49.39
C ALA B 34 -19.87 8.11 -50.12
N TRP B 35 -19.37 8.41 -51.32
CA TRP B 35 -19.94 9.49 -52.09
C TRP B 35 -20.69 8.89 -53.27
N TYR B 36 -21.91 9.34 -53.48
CA TYR B 36 -22.78 8.80 -54.51
C TYR B 36 -23.26 9.86 -55.49
N GLN B 37 -23.53 9.44 -56.73
CA GLN B 37 -24.04 10.32 -57.78
C GLN B 37 -25.45 9.91 -58.25
N GLN B 38 -26.47 10.66 -57.83
CA GLN B 38 -27.86 10.35 -58.15
C GLN B 38 -28.44 11.16 -59.29
N LYS B 39 -28.96 10.47 -60.27
CA LYS B 39 -29.57 11.12 -61.40
C LYS B 39 -31.05 10.78 -61.26
N PRO B 40 -31.98 11.61 -61.73
CA PRO B 40 -33.39 11.31 -61.65
C PRO B 40 -33.69 9.99 -62.33
N GLY B 41 -34.41 9.12 -61.62
CA GLY B 41 -34.80 7.82 -62.16
C GLY B 41 -33.69 6.78 -62.12
N GLN B 42 -32.52 7.15 -61.59
CA GLN B 42 -31.38 6.26 -61.57
C GLN B 42 -30.98 5.83 -60.18
N ALA B 43 -30.26 4.72 -60.11
CA ALA B 43 -29.72 4.30 -58.84
C ALA B 43 -28.67 5.31 -58.38
N PRO B 44 -28.54 5.58 -57.08
CA PRO B 44 -27.56 6.45 -56.50
C PRO B 44 -26.21 5.77 -56.46
N ARG B 45 -25.58 5.62 -57.60
CA ARG B 45 -24.33 4.91 -57.76
C ARG B 45 -23.18 5.45 -56.93
N LEU B 46 -22.40 4.54 -56.34
CA LEU B 46 -21.22 4.92 -55.56
C LEU B 46 -20.05 5.27 -56.42
N LEU B 47 -19.48 6.45 -56.20
CA LEU B 47 -18.32 6.84 -56.95
C LEU B 47 -17.06 6.87 -56.08
N ILE B 48 -17.17 7.32 -54.83
CA ILE B 48 -15.97 7.32 -53.97
C ILE B 48 -16.18 6.47 -52.75
N TYR B 49 -15.26 5.58 -52.57
CA TYR B 49 -15.23 4.58 -51.54
C TYR B 49 -14.23 4.86 -50.39
N GLY B 50 -14.69 5.01 -49.15
CA GLY B 50 -13.74 5.16 -48.05
C GLY B 50 -13.13 6.53 -48.02
N ALA B 51 -13.95 7.50 -48.34
CA ALA B 51 -13.62 8.92 -48.42
C ALA B 51 -12.79 9.25 -49.66
N SER B 52 -11.78 8.43 -50.00
CA SER B 52 -10.91 8.75 -51.14
C SER B 52 -10.74 7.73 -52.29
N THR B 53 -11.21 6.49 -52.20
CA THR B 53 -10.90 5.52 -53.26
C THR B 53 -11.89 5.53 -54.43
N ARG B 54 -11.40 5.55 -55.65
CA ARG B 54 -12.37 5.47 -56.75
C ARG B 54 -13.09 4.13 -56.60
N ALA B 55 -14.42 4.16 -56.64
CA ALA B 55 -15.24 2.98 -56.41
C ALA B 55 -15.30 1.96 -57.55
N THR B 56 -14.64 2.28 -58.68
CA THR B 56 -14.55 1.47 -59.92
C THR B 56 -15.50 1.94 -61.01
N GLY B 57 -14.89 2.27 -62.16
CA GLY B 57 -15.62 2.77 -63.33
C GLY B 57 -15.96 4.24 -63.13
N VAL B 58 -15.20 4.86 -62.26
CA VAL B 58 -15.37 6.24 -61.87
C VAL B 58 -14.25 7.06 -62.48
N PRO B 59 -14.54 8.11 -63.25
CA PRO B 59 -13.59 9.02 -63.87
C PRO B 59 -12.73 9.66 -62.82
N ALA B 60 -11.49 9.95 -63.18
CA ALA B 60 -10.49 10.59 -62.30
C ALA B 60 -10.93 11.99 -61.91
N ARG B 61 -11.87 12.52 -62.66
CA ARG B 61 -12.42 13.84 -62.47
C ARG B 61 -13.04 13.92 -61.10
N PHE B 62 -13.60 12.80 -60.65
CA PHE B 62 -14.35 12.77 -59.43
C PHE B 62 -13.47 12.23 -58.30
N SER B 63 -13.06 13.08 -57.39
CA SER B 63 -12.15 12.65 -56.34
C SER B 63 -12.33 13.44 -55.06
N GLY B 64 -11.79 12.93 -53.95
CA GLY B 64 -11.94 13.63 -52.70
C GLY B 64 -11.06 13.06 -51.61
N SER B 65 -11.21 13.64 -50.42
CA SER B 65 -10.42 13.29 -49.25
C SER B 65 -11.04 13.86 -47.98
N GLY B 66 -10.50 13.46 -46.82
CA GLY B 66 -10.96 14.06 -45.58
C GLY B 66 -10.67 13.21 -44.36
N SER B 67 -10.98 13.77 -43.19
CA SER B 67 -10.77 13.07 -41.93
C SER B 67 -11.58 13.72 -40.82
N GLY B 68 -11.68 13.05 -39.67
CA GLY B 68 -12.33 13.70 -38.54
C GLY B 68 -13.77 13.99 -38.90
N ALA B 69 -14.16 15.25 -38.83
CA ALA B 69 -15.52 15.59 -39.15
C ALA B 69 -15.60 16.45 -40.39
N GLU B 70 -14.52 16.54 -41.16
CA GLU B 70 -14.54 17.39 -42.36
C GLU B 70 -14.01 16.69 -43.61
N PHE B 71 -14.92 16.45 -44.55
CA PHE B 71 -14.55 15.78 -45.77
C PHE B 71 -15.02 16.54 -46.99
N THR B 72 -14.26 16.42 -48.08
CA THR B 72 -14.65 17.06 -49.32
C THR B 72 -14.54 16.21 -50.56
N LEU B 73 -15.28 16.67 -51.55
CA LEU B 73 -15.35 16.13 -52.89
C LEU B 73 -15.19 17.21 -53.94
N THR B 74 -14.33 16.99 -54.91
CA THR B 74 -14.29 17.93 -55.99
C THR B 74 -14.48 17.23 -57.30
N ILE B 75 -15.05 17.93 -58.26
CA ILE B 75 -15.21 17.34 -59.57
C ILE B 75 -14.52 18.18 -60.61
N SER B 76 -13.36 17.73 -61.10
CA SER B 76 -12.55 18.52 -62.04
C SER B 76 -13.13 18.42 -63.42
N SER B 77 -12.99 19.47 -64.23
CA SER B 77 -13.44 19.37 -65.61
C SER B 77 -14.83 18.79 -65.68
N LEU B 78 -15.74 19.35 -64.90
CA LEU B 78 -17.09 18.86 -64.75
C LEU B 78 -17.83 18.69 -66.06
N GLN B 79 -18.46 17.53 -66.25
CA GLN B 79 -19.20 17.28 -67.47
C GLN B 79 -20.69 17.46 -67.28
N SER B 80 -21.46 17.64 -68.35
CA SER B 80 -22.89 17.85 -68.18
C SER B 80 -23.61 16.66 -67.53
N GLU B 81 -23.08 15.45 -67.73
CA GLU B 81 -23.67 14.27 -67.13
C GLU B 81 -23.40 14.20 -65.63
N ASP B 82 -22.54 15.06 -65.13
CA ASP B 82 -22.20 15.06 -63.72
C ASP B 82 -23.09 16.00 -62.93
N PHE B 83 -24.05 16.68 -63.57
CA PHE B 83 -24.90 17.59 -62.78
C PHE B 83 -26.05 16.82 -62.13
N ALA B 84 -25.63 16.02 -61.17
CA ALA B 84 -26.36 15.07 -60.37
C ALA B 84 -26.52 15.54 -58.95
N VAL B 85 -27.34 14.81 -58.19
CA VAL B 85 -27.45 15.10 -56.79
C VAL B 85 -26.42 14.24 -56.09
N TYR B 86 -25.54 14.85 -55.32
CA TYR B 86 -24.53 14.07 -54.68
C TYR B 86 -24.84 13.81 -53.25
N TYR B 87 -24.48 12.62 -52.82
CA TYR B 87 -24.68 12.26 -51.43
C TYR B 87 -23.43 11.80 -50.79
N CYS B 88 -23.32 12.13 -49.53
CA CYS B 88 -22.24 11.67 -48.69
C CYS B 88 -22.89 10.81 -47.64
N GLN B 89 -22.37 9.61 -47.42
CA GLN B 89 -22.91 8.72 -46.40
C GLN B 89 -21.79 8.24 -45.50
N GLN B 90 -22.13 7.90 -44.25
CA GLN B 90 -21.13 7.45 -43.28
C GLN B 90 -21.54 6.15 -42.59
N TYR B 91 -20.63 5.19 -42.52
CA TYR B 91 -20.95 3.90 -41.89
C TYR B 91 -20.05 3.54 -40.71
N ASN B 92 -19.42 4.51 -40.09
CA ASN B 92 -18.41 4.24 -39.06
C ASN B 92 -18.88 3.75 -37.69
N ASN B 93 -20.16 3.68 -37.47
CA ASN B 93 -20.66 3.24 -36.18
C ASN B 93 -20.83 1.72 -36.14
N TRP B 94 -20.73 1.13 -34.95
CA TRP B 94 -21.04 -0.29 -34.86
C TRP B 94 -21.59 -0.51 -33.44
N PRO B 95 -22.77 -1.11 -33.23
CA PRO B 95 -23.74 -1.71 -34.14
C PRO B 95 -24.07 -0.69 -35.20
N PRO B 96 -24.32 -1.09 -36.43
CA PRO B 96 -24.50 -0.22 -37.55
C PRO B 96 -25.55 0.84 -37.41
N ARG B 97 -25.17 2.02 -37.84
CA ARG B 97 -25.99 3.20 -37.91
C ARG B 97 -25.48 3.88 -39.14
N TYR B 98 -26.34 4.30 -40.03
CA TYR B 98 -25.83 4.95 -41.22
C TYR B 98 -26.29 6.37 -41.31
N THR B 99 -25.35 7.23 -41.61
CA THR B 99 -25.69 8.60 -41.79
C THR B 99 -25.91 8.57 -43.28
N PHE B 100 -27.06 8.98 -43.76
CA PHE B 100 -27.28 8.80 -45.19
C PHE B 100 -27.20 10.03 -46.05
N GLY B 101 -26.83 11.14 -45.44
CA GLY B 101 -26.67 12.38 -46.17
C GLY B 101 -27.94 13.15 -46.37
N GLN B 102 -27.84 14.19 -47.18
CA GLN B 102 -28.96 15.07 -47.44
C GLN B 102 -29.23 15.14 -48.95
N GLY B 103 -28.17 15.42 -49.73
CA GLY B 103 -28.18 15.50 -51.18
C GLY B 103 -27.95 16.90 -51.71
N THR B 104 -26.92 17.08 -52.56
CA THR B 104 -26.58 18.40 -53.14
C THR B 104 -26.68 18.41 -54.65
N ARG B 105 -27.27 19.43 -55.25
CA ARG B 105 -27.34 19.43 -56.70
C ARG B 105 -26.37 20.43 -57.32
N LEU B 106 -25.72 20.01 -58.42
CA LEU B 106 -24.91 21.00 -59.15
C LEU B 106 -25.88 21.70 -60.09
N GLU B 107 -25.70 22.99 -60.27
CA GLU B 107 -26.61 23.79 -61.08
C GLU B 107 -25.98 24.67 -62.14
N ILE B 108 -26.78 24.94 -63.18
CA ILE B 108 -26.49 25.90 -64.26
C ILE B 108 -27.59 25.80 -65.29
N ILE C 8 1.40 -27.30 11.96
CA ILE C 8 2.17 -27.96 13.01
C ILE C 8 2.51 -29.36 12.58
N LEU C 9 2.19 -29.67 11.34
CA LEU C 9 2.39 -31.02 10.83
C LEU C 9 3.81 -31.24 10.35
N GLY C 10 4.68 -31.39 11.35
CA GLY C 10 6.11 -31.58 11.18
C GLY C 10 6.40 -33.03 10.84
N PHE C 11 5.33 -33.81 10.76
CA PHE C 11 5.38 -35.21 10.48
C PHE C 11 5.24 -35.45 9.00
N LEU C 12 5.08 -34.40 8.21
CA LEU C 12 4.99 -34.60 6.76
C LEU C 12 6.25 -35.26 6.24
N GLY C 13 7.39 -34.93 6.82
CA GLY C 13 8.66 -35.48 6.37
C GLY C 13 8.80 -36.94 6.75
N ALA C 14 7.88 -37.46 7.57
CA ALA C 14 7.92 -38.85 7.97
C ALA C 14 7.25 -39.70 6.92
N ALA C 15 6.60 -39.07 5.94
CA ALA C 15 5.92 -39.87 4.95
C ALA C 15 6.96 -40.76 4.29
N GLY C 16 6.58 -42.02 4.12
CA GLY C 16 7.44 -43.02 3.49
C GLY C 16 8.15 -43.88 4.54
N SER C 17 8.16 -43.44 5.80
CA SER C 17 8.77 -44.25 6.85
C SER C 17 7.70 -45.20 7.33
N THR C 18 8.09 -46.23 8.07
CA THR C 18 7.11 -47.17 8.60
C THR C 18 6.47 -46.62 9.85
N MET C 19 5.35 -47.22 10.27
CA MET C 19 4.70 -46.69 11.46
C MET C 19 5.63 -46.78 12.66
N GLY C 20 6.36 -47.89 12.75
CA GLY C 20 7.30 -48.11 13.83
C GLY C 20 8.39 -47.06 13.78
N ALA C 21 8.95 -46.84 12.60
CA ALA C 21 10.01 -45.86 12.47
C ALA C 21 9.55 -44.47 12.85
N ALA C 22 8.32 -44.11 12.48
CA ALA C 22 7.83 -42.79 12.79
C ALA C 22 7.75 -42.56 14.28
N SER C 23 7.34 -43.58 15.02
CA SER C 23 7.23 -43.46 16.46
C SER C 23 8.61 -43.25 17.06
N MET C 24 9.59 -44.01 16.58
CA MET C 24 10.92 -43.86 17.12
C MET C 24 11.49 -42.48 16.85
N ALA C 25 11.25 -41.98 15.64
CA ALA C 25 11.78 -40.69 15.28
C ALA C 25 11.22 -39.60 16.17
N LEU C 26 9.94 -39.69 16.52
CA LEU C 26 9.40 -38.67 17.37
C LEU C 26 10.01 -38.70 18.74
N THR C 27 10.23 -39.88 19.29
CA THR C 27 10.82 -39.94 20.62
C THR C 27 12.20 -39.28 20.61
N VAL C 28 13.00 -39.55 19.57
CA VAL C 28 14.32 -38.96 19.51
C VAL C 28 14.24 -37.46 19.43
N GLN C 29 13.35 -36.96 18.58
CA GLN C 29 13.22 -35.54 18.43
C GLN C 29 12.74 -34.92 19.71
N ALA C 30 11.82 -35.59 20.39
CA ALA C 30 11.27 -35.02 21.60
C ALA C 30 12.36 -34.81 22.62
N ARG C 31 13.28 -35.75 22.72
CA ARG C 31 14.33 -35.54 23.68
C ARG C 31 15.19 -34.36 23.34
N LEU C 32 15.56 -34.22 22.07
CA LEU C 32 16.42 -33.13 21.67
C LEU C 32 15.76 -31.79 21.79
N LEU C 33 14.49 -31.71 21.45
CA LEU C 33 13.86 -30.43 21.54
C LEU C 33 13.65 -30.04 22.98
N LEU C 34 13.22 -30.98 23.80
CA LEU C 34 12.89 -30.67 25.18
C LEU C 34 14.14 -30.31 25.98
N SER C 35 15.25 -31.00 25.69
CA SER C 35 16.51 -30.82 26.37
C SER C 35 17.26 -29.57 25.93
N GLY C 36 16.75 -28.88 24.89
CA GLY C 36 17.43 -27.70 24.38
C GLY C 36 18.60 -28.05 23.48
N ILE C 37 18.55 -29.22 22.86
CA ILE C 37 19.60 -29.71 22.00
C ILE C 37 18.97 -30.11 20.68
N HIS C 53 7.26 -3.43 -4.44
CA HIS C 53 7.59 -4.78 -4.03
C HIS C 53 6.85 -5.16 -2.76
N MET C 54 6.08 -4.22 -2.25
CA MET C 54 5.41 -4.47 -0.98
C MET C 54 4.28 -5.50 -1.01
N LEU C 55 3.57 -5.68 -2.12
CA LEU C 55 2.47 -6.64 -2.07
C LEU C 55 2.99 -8.05 -1.92
N GLN C 56 4.18 -8.28 -2.44
CA GLN C 56 4.84 -9.55 -2.36
C GLN C 56 5.17 -9.90 -0.91
N LEU C 57 5.19 -8.91 -0.03
CA LEU C 57 5.51 -9.15 1.35
C LEU C 57 4.24 -9.20 2.19
N THR C 58 3.27 -8.32 1.89
CA THR C 58 2.10 -8.25 2.75
C THR C 58 0.95 -9.17 2.36
N VAL C 59 0.83 -9.55 1.09
CA VAL C 59 -0.25 -10.44 0.74
C VAL C 59 0.08 -11.79 1.29
N TRP C 60 1.31 -12.18 1.09
CA TRP C 60 1.74 -13.44 1.58
C TRP C 60 1.88 -13.43 3.09
N GLY C 61 2.21 -12.28 3.69
CA GLY C 61 2.31 -12.23 5.13
C GLY C 61 0.98 -12.68 5.73
N ILE C 62 -0.11 -12.12 5.21
CA ILE C 62 -1.41 -12.54 5.69
C ILE C 62 -1.68 -13.99 5.40
N LYS C 63 -1.39 -14.48 4.20
CA LYS C 63 -1.70 -15.86 3.93
C LYS C 63 -0.93 -16.83 4.82
N GLN C 64 0.33 -16.54 5.14
CA GLN C 64 1.06 -17.44 6.00
C GLN C 64 0.50 -17.42 7.41
N LEU C 65 0.10 -16.26 7.90
CA LEU C 65 -0.49 -16.23 9.22
C LEU C 65 -1.80 -16.97 9.21
N GLN C 66 -2.58 -16.85 8.14
CA GLN C 66 -3.84 -17.57 8.14
C GLN C 66 -3.59 -19.05 8.19
N ALA C 67 -2.58 -19.53 7.47
CA ALA C 67 -2.29 -20.94 7.49
C ALA C 67 -1.87 -21.44 8.86
N ARG C 68 -1.10 -20.64 9.58
CA ARG C 68 -0.62 -21.06 10.88
C ARG C 68 -1.71 -20.95 11.95
N VAL C 69 -2.54 -19.93 11.88
CA VAL C 69 -3.59 -19.79 12.86
C VAL C 69 -4.55 -20.93 12.69
N LEU C 70 -4.88 -21.28 11.44
CA LEU C 70 -5.77 -22.38 11.19
C LEU C 70 -5.19 -23.67 11.70
N ALA C 71 -3.89 -23.92 11.50
CA ALA C 71 -3.33 -25.16 12.01
C ALA C 71 -3.54 -25.27 13.51
N VAL C 72 -3.38 -24.15 14.22
CA VAL C 72 -3.60 -24.19 15.64
C VAL C 72 -5.05 -24.46 15.97
N GLU C 73 -5.96 -23.80 15.27
CA GLU C 73 -7.35 -24.03 15.58
C GLU C 73 -7.79 -25.46 15.31
N ARG C 74 -7.33 -26.08 14.24
CA ARG C 74 -7.76 -27.44 14.00
C ARG C 74 -7.21 -28.32 15.08
N TYR C 75 -5.97 -28.08 15.48
CA TYR C 75 -5.37 -28.86 16.52
C TYR C 75 -6.15 -28.81 17.80
N LEU C 76 -6.50 -27.61 18.24
CA LEU C 76 -7.22 -27.50 19.49
C LEU C 76 -8.58 -28.15 19.38
N ARG C 77 -9.23 -28.00 18.25
CA ARG C 77 -10.52 -28.61 18.06
C ARG C 77 -10.42 -30.11 18.24
N ASP C 78 -9.47 -30.74 17.57
CA ASP C 78 -9.35 -32.18 17.63
C ASP C 78 -8.98 -32.64 19.03
N GLN C 79 -8.15 -31.88 19.71
CA GLN C 79 -7.78 -32.29 21.03
C GLN C 79 -8.98 -32.34 21.95
N GLN C 80 -9.97 -31.47 21.73
CA GLN C 80 -11.17 -31.58 22.54
C GLN C 80 -12.18 -32.57 21.97
N LEU C 81 -12.23 -32.75 20.65
CA LEU C 81 -13.20 -33.69 20.08
C LEU C 81 -12.94 -35.08 20.56
N LEU C 82 -11.67 -35.41 20.74
CA LEU C 82 -11.21 -36.71 21.18
C LEU C 82 -11.68 -37.06 22.58
N GLY C 83 -12.21 -36.10 23.31
CA GLY C 83 -12.74 -36.39 24.62
C GLY C 83 -13.87 -37.40 24.52
N ILE C 84 -14.58 -37.44 23.40
CA ILE C 84 -15.68 -38.37 23.25
C ILE C 84 -15.23 -39.83 23.34
N TRP C 85 -13.96 -40.12 23.09
CA TRP C 85 -13.41 -41.46 23.19
C TRP C 85 -12.53 -41.59 24.43
N GLY C 86 -12.56 -40.55 25.27
CA GLY C 86 -11.74 -40.50 26.47
C GLY C 86 -10.29 -40.18 26.16
N CYS C 87 -10.04 -39.53 25.04
CA CYS C 87 -8.70 -39.24 24.61
C CYS C 87 -8.40 -37.76 24.55
N SER C 88 -9.15 -36.98 25.30
CA SER C 88 -8.95 -35.55 25.26
C SER C 88 -7.59 -35.12 25.72
N GLY C 89 -7.00 -34.22 24.98
CA GLY C 89 -5.72 -33.66 25.36
C GLY C 89 -4.55 -34.55 25.01
N LYS C 90 -4.80 -35.65 24.34
CA LYS C 90 -3.72 -36.55 24.02
C LYS C 90 -3.44 -36.72 22.56
N ILE C 91 -2.22 -37.09 22.29
CA ILE C 91 -1.80 -37.43 20.94
C ILE C 91 -1.99 -38.91 20.74
N ILE C 92 -1.62 -39.68 21.74
CA ILE C 92 -1.77 -41.11 21.66
C ILE C 92 -2.61 -41.54 22.82
N CYS C 93 -3.68 -42.26 22.58
CA CYS C 93 -4.46 -42.74 23.70
C CYS C 93 -4.79 -44.19 23.54
N CYS C 94 -4.71 -44.90 24.63
CA CYS C 94 -4.92 -46.31 24.64
C CYS C 94 -6.36 -46.60 25.01
N THR C 95 -6.89 -47.71 24.53
CA THR C 95 -8.29 -48.10 24.71
C THR C 95 -8.61 -49.31 25.57
N ASN C 96 -9.91 -49.60 25.62
CA ASN C 96 -10.46 -50.78 26.25
C ASN C 96 -11.25 -51.62 25.22
N VAL C 97 -11.03 -51.34 23.95
CA VAL C 97 -11.61 -52.06 22.83
C VAL C 97 -10.54 -52.89 22.10
N PRO C 98 -10.65 -54.22 22.04
CA PRO C 98 -9.70 -55.15 21.44
C PRO C 98 -9.82 -55.10 19.94
N TRP C 99 -8.83 -55.65 19.25
CA TRP C 99 -8.93 -55.76 17.81
C TRP C 99 -9.84 -56.93 17.49
N ASN C 100 -10.74 -56.78 16.52
CA ASN C 100 -11.65 -57.90 16.20
C ASN C 100 -11.12 -58.90 15.19
N ASP C 101 -9.99 -58.60 14.58
CA ASP C 101 -9.33 -59.43 13.56
C ASP C 101 -10.10 -59.64 12.26
N SER C 102 -11.29 -59.10 12.16
CA SER C 102 -12.02 -59.14 10.92
C SER C 102 -11.58 -57.96 10.10
N TRP C 103 -11.16 -56.93 10.81
CA TRP C 103 -10.70 -55.69 10.24
C TRP C 103 -9.40 -55.95 9.48
N SER C 104 -8.54 -56.75 10.10
CA SER C 104 -7.26 -57.18 9.58
C SER C 104 -6.72 -58.28 10.44
N ASN C 105 -6.13 -59.31 9.83
CA ASN C 105 -5.57 -60.41 10.60
C ASN C 105 -4.05 -60.47 10.61
N LYS C 106 -3.39 -59.35 10.37
CA LYS C 106 -1.94 -59.30 10.43
C LYS C 106 -1.45 -59.12 11.85
N THR C 107 -0.19 -59.44 12.10
CA THR C 107 0.36 -59.31 13.44
C THR C 107 0.83 -57.89 13.67
N ILE C 108 1.12 -57.58 14.93
CA ILE C 108 1.59 -56.25 15.27
C ILE C 108 2.90 -55.95 14.62
N ASN C 109 3.81 -56.88 14.62
CA ASN C 109 5.08 -56.55 14.03
C ASN C 109 4.94 -56.40 12.52
N GLU C 110 4.09 -57.22 11.90
CA GLU C 110 3.98 -57.08 10.48
C GLU C 110 3.46 -55.71 10.07
N ILE C 111 2.48 -55.18 10.79
CA ILE C 111 1.97 -53.91 10.37
C ILE C 111 2.83 -52.75 10.80
N TRP C 112 3.45 -52.81 11.98
CA TRP C 112 4.25 -51.70 12.43
C TRP C 112 5.60 -51.61 11.75
N ASP C 113 6.17 -52.74 11.36
CA ASP C 113 7.47 -52.70 10.73
C ASP C 113 7.47 -52.72 9.21
N ASN C 114 6.48 -53.34 8.55
CA ASN C 114 6.55 -53.40 7.09
C ASN C 114 5.56 -52.48 6.37
N MET C 115 4.97 -51.53 7.08
CA MET C 115 4.00 -50.62 6.47
C MET C 115 4.15 -49.20 6.94
N THR C 116 3.80 -48.28 6.04
CA THR C 116 3.75 -46.86 6.33
C THR C 116 2.38 -46.55 6.84
N TRP C 117 2.18 -45.38 7.42
CA TRP C 117 0.85 -45.04 7.89
C TRP C 117 -0.18 -45.01 6.79
N MET C 118 0.20 -44.51 5.62
CA MET C 118 -0.79 -44.44 4.57
C MET C 118 -1.19 -45.82 4.11
N GLN C 119 -0.24 -46.74 4.03
CA GLN C 119 -0.60 -48.06 3.58
C GLN C 119 -1.51 -48.72 4.57
N TRP C 120 -1.22 -48.50 5.84
CA TRP C 120 -2.03 -49.06 6.88
C TRP C 120 -3.43 -48.53 6.80
N GLU C 121 -3.56 -47.21 6.62
CA GLU C 121 -4.89 -46.65 6.57
C GLU C 121 -5.64 -47.25 5.41
N LYS C 122 -5.01 -47.45 4.28
CA LYS C 122 -5.75 -48.01 3.17
C LYS C 122 -6.21 -49.42 3.48
N GLU C 123 -5.37 -50.20 4.13
CA GLU C 123 -5.74 -51.57 4.44
C GLU C 123 -7.03 -51.65 5.21
N ILE C 124 -7.25 -50.74 6.13
CA ILE C 124 -8.47 -50.76 6.93
C ILE C 124 -9.35 -49.53 6.77
N ASP C 125 -9.37 -48.86 5.61
CA ASP C 125 -10.16 -47.62 5.56
C ASP C 125 -11.66 -47.81 5.44
N ASN C 126 -12.11 -49.05 5.36
CA ASN C 126 -13.52 -49.30 5.31
C ASN C 126 -14.06 -49.76 6.64
N TYR C 127 -13.23 -49.74 7.67
CA TYR C 127 -13.69 -50.15 8.99
C TYR C 127 -13.61 -49.03 9.99
N THR C 128 -13.25 -47.86 9.54
CA THR C 128 -13.00 -46.79 10.47
C THR C 128 -14.25 -46.35 11.18
N GLN C 129 -15.39 -46.38 10.51
CA GLN C 129 -16.59 -45.93 11.17
C GLN C 129 -17.03 -46.95 12.21
N HIS C 130 -16.72 -48.23 11.97
CA HIS C 130 -17.09 -49.27 12.90
C HIS C 130 -16.29 -49.06 14.15
N ILE C 131 -15.01 -48.85 13.98
CA ILE C 131 -14.14 -48.70 15.10
C ILE C 131 -14.48 -47.44 15.86
N TYR C 132 -14.73 -46.34 15.16
CA TYR C 132 -15.04 -45.10 15.83
C TYR C 132 -16.28 -45.28 16.69
N THR C 133 -17.26 -45.99 16.17
CA THR C 133 -18.47 -46.24 16.92
C THR C 133 -18.15 -47.04 18.18
N LEU C 134 -17.32 -48.06 18.07
CA LEU C 134 -17.02 -48.84 19.24
C LEU C 134 -16.30 -48.03 20.28
N LEU C 135 -15.43 -47.13 19.85
CA LEU C 135 -14.71 -46.34 20.82
C LEU C 135 -15.67 -45.45 21.56
N GLU C 136 -16.65 -44.87 20.86
CA GLU C 136 -17.60 -44.04 21.57
C GLU C 136 -18.37 -44.85 22.58
N VAL C 137 -18.79 -46.02 22.18
CA VAL C 137 -19.59 -46.82 23.08
C VAL C 137 -18.85 -47.27 24.30
N SER C 138 -17.61 -47.72 24.15
CA SER C 138 -16.96 -48.17 25.36
C SER C 138 -16.69 -47.01 26.26
N GLN C 139 -16.50 -45.80 25.71
CA GLN C 139 -16.25 -44.67 26.58
C GLN C 139 -17.46 -44.35 27.38
N ILE C 140 -18.62 -44.45 26.77
CA ILE C 140 -19.83 -44.15 27.50
C ILE C 140 -20.03 -45.14 28.61
N GLN C 141 -19.83 -46.43 28.32
CA GLN C 141 -20.05 -47.40 29.37
C GLN C 141 -19.06 -47.23 30.51
N GLN C 142 -17.82 -46.89 30.21
CA GLN C 142 -16.87 -46.71 31.28
C GLN C 142 -17.25 -45.56 32.18
N GLU C 143 -17.70 -44.45 31.59
CA GLU C 143 -18.07 -43.31 32.38
C GLU C 143 -19.26 -43.64 33.25
N LYS C 144 -20.19 -44.40 32.68
CA LYS C 144 -21.35 -44.81 33.42
C LYS C 144 -20.94 -45.66 34.60
N ASN C 145 -20.03 -46.61 34.37
CA ASN C 145 -19.66 -47.49 35.46
C ASN C 145 -19.08 -46.72 36.61
N GLU C 146 -18.23 -45.74 36.33
CA GLU C 146 -17.64 -45.01 37.42
C GLU C 146 -18.68 -44.24 38.20
N GLN C 147 -19.61 -43.61 37.49
CA GLN C 147 -20.60 -42.83 38.21
C GLN C 147 -21.54 -43.71 39.01
N GLU C 148 -21.83 -44.91 38.52
CA GLU C 148 -22.68 -45.81 39.28
C GLU C 148 -21.98 -46.26 40.56
N LEU C 149 -20.68 -46.51 40.47
CA LEU C 149 -19.92 -46.93 41.64
C LEU C 149 -19.84 -45.82 42.67
N LEU C 150 -19.69 -44.59 42.22
CA LEU C 150 -19.63 -43.46 43.12
C LEU C 150 -21.00 -43.15 43.68
N LYS D 21 -30.23 -54.47 -29.93
CA LYS D 21 -29.94 -53.15 -30.48
C LYS D 21 -31.12 -52.57 -31.23
N LYS D 22 -31.02 -51.30 -31.56
CA LYS D 22 -32.04 -50.64 -32.37
C LYS D 22 -31.70 -50.93 -33.82
N VAL D 23 -32.69 -51.11 -34.68
CA VAL D 23 -32.39 -51.28 -36.09
C VAL D 23 -33.20 -50.28 -36.89
N VAL D 24 -32.55 -49.54 -37.76
CA VAL D 24 -33.19 -48.55 -38.60
C VAL D 24 -32.92 -48.82 -40.07
N LEU D 25 -33.98 -48.90 -40.90
CA LEU D 25 -33.75 -49.13 -42.31
C LEU D 25 -34.23 -47.99 -43.17
N GLY D 26 -33.36 -47.54 -44.09
CA GLY D 26 -33.69 -46.50 -45.05
C GLY D 26 -33.57 -47.06 -46.47
N LYS D 27 -33.72 -46.20 -47.47
CA LYS D 27 -33.61 -46.66 -48.84
C LYS D 27 -32.80 -45.73 -49.74
N LYS D 28 -31.98 -46.34 -50.58
CA LYS D 28 -31.21 -45.61 -51.57
C LYS D 28 -30.49 -44.40 -50.98
N GLY D 29 -30.75 -43.22 -51.57
CA GLY D 29 -30.09 -41.96 -51.22
C GLY D 29 -30.76 -41.09 -50.15
N ASP D 30 -31.63 -41.66 -49.35
CA ASP D 30 -32.32 -40.86 -48.35
C ASP D 30 -31.42 -40.63 -47.13
N THR D 31 -31.98 -40.01 -46.08
CA THR D 31 -31.16 -39.68 -44.93
C THR D 31 -31.67 -40.32 -43.64
N VAL D 32 -30.73 -40.63 -42.76
CA VAL D 32 -31.06 -41.25 -41.49
C VAL D 32 -30.50 -40.54 -40.28
N GLU D 33 -31.31 -40.49 -39.22
CA GLU D 33 -30.85 -39.91 -37.98
C GLU D 33 -30.65 -41.02 -36.94
N LEU D 34 -29.39 -41.38 -36.68
CA LEU D 34 -29.06 -42.43 -35.74
C LEU D 34 -28.75 -41.72 -34.44
N THR D 35 -29.11 -42.25 -33.28
CA THR D 35 -28.82 -41.45 -32.08
C THR D 35 -28.15 -42.12 -30.92
N CYS D 36 -27.47 -41.27 -30.14
CA CYS D 36 -26.82 -41.59 -28.86
C CYS D 36 -27.27 -40.57 -27.84
N THR D 37 -27.45 -40.97 -26.59
CA THR D 37 -27.81 -39.94 -25.60
C THR D 37 -27.03 -40.01 -24.30
N ALA D 38 -27.19 -38.97 -23.50
CA ALA D 38 -26.61 -38.93 -22.17
C ALA D 38 -27.60 -38.31 -21.20
N SER D 39 -27.50 -38.70 -19.94
CA SER D 39 -28.32 -38.09 -18.90
C SER D 39 -27.70 -36.79 -18.40
N GLN D 40 -26.44 -36.60 -18.78
CA GLN D 40 -25.66 -35.45 -18.37
C GLN D 40 -25.58 -34.41 -19.48
N LYS D 41 -26.35 -33.34 -19.31
CA LYS D 41 -26.46 -32.31 -20.33
C LYS D 41 -25.29 -31.32 -20.27
N LYS D 42 -24.08 -31.81 -20.56
CA LYS D 42 -22.86 -31.02 -20.47
C LYS D 42 -21.96 -31.09 -21.69
N SER D 43 -22.50 -31.53 -22.83
CA SER D 43 -21.72 -31.67 -24.06
C SER D 43 -20.48 -32.52 -23.83
N ILE D 44 -20.68 -33.63 -23.17
CA ILE D 44 -19.60 -34.53 -22.85
C ILE D 44 -19.17 -35.26 -24.09
N GLN D 45 -17.88 -35.37 -24.28
CA GLN D 45 -17.32 -36.01 -25.43
C GLN D 45 -17.89 -37.38 -25.71
N PHE D 46 -18.16 -37.55 -26.99
CA PHE D 46 -18.70 -38.73 -27.56
C PHE D 46 -18.12 -38.94 -28.93
N HIS D 47 -18.21 -40.17 -29.39
CA HIS D 47 -17.84 -40.55 -30.74
C HIS D 47 -18.79 -41.56 -31.36
N TRP D 48 -18.86 -41.52 -32.67
CA TRP D 48 -19.49 -42.56 -33.44
C TRP D 48 -18.45 -43.33 -34.19
N LYS D 49 -18.59 -44.64 -34.17
CA LYS D 49 -17.70 -45.53 -34.89
C LYS D 49 -18.46 -46.58 -35.67
N ASN D 50 -17.87 -47.07 -36.74
CA ASN D 50 -18.53 -48.17 -37.43
C ASN D 50 -18.14 -49.49 -36.77
N SER D 51 -18.58 -50.58 -37.35
CA SER D 51 -18.35 -51.92 -36.81
C SER D 51 -16.90 -52.37 -36.85
N ASN D 52 -16.06 -51.65 -37.60
CA ASN D 52 -14.65 -51.94 -37.72
C ASN D 52 -13.87 -50.96 -36.89
N GLN D 53 -14.54 -50.26 -36.01
CA GLN D 53 -13.96 -49.25 -35.15
C GLN D 53 -13.27 -48.15 -35.91
N ILE D 54 -13.87 -47.73 -37.02
CA ILE D 54 -13.29 -46.64 -37.74
C ILE D 54 -14.07 -45.43 -37.31
N LYS D 55 -13.37 -44.42 -36.88
CA LYS D 55 -14.02 -43.22 -36.39
C LYS D 55 -14.81 -42.60 -37.50
N ILE D 56 -16.04 -42.21 -37.21
CA ILE D 56 -16.87 -41.55 -38.19
C ILE D 56 -17.01 -40.08 -37.89
N LEU D 57 -17.51 -39.83 -36.69
CA LEU D 57 -17.87 -38.48 -36.24
C LEU D 57 -17.70 -38.33 -34.75
N GLY D 58 -17.23 -37.18 -34.29
CA GLY D 58 -17.19 -36.99 -32.85
C GLY D 58 -16.97 -35.55 -32.42
N ASN D 59 -17.02 -35.34 -31.13
CA ASN D 59 -16.87 -34.02 -30.57
C ASN D 59 -15.61 -33.76 -29.82
N GLN D 60 -14.97 -32.65 -30.14
CA GLN D 60 -13.80 -32.22 -29.41
C GLN D 60 -14.05 -30.84 -28.85
N GLY D 61 -14.57 -30.80 -27.63
CA GLY D 61 -15.00 -29.54 -27.07
C GLY D 61 -16.18 -29.01 -27.86
N SER D 62 -16.04 -27.82 -28.40
CA SER D 62 -17.07 -27.20 -29.19
C SER D 62 -17.05 -27.57 -30.66
N PHE D 63 -15.96 -28.20 -31.10
CA PHE D 63 -15.75 -28.41 -32.52
C PHE D 63 -16.15 -29.80 -33.00
N LEU D 64 -16.64 -29.87 -34.21
CA LEU D 64 -17.00 -31.16 -34.77
C LEU D 64 -15.83 -31.67 -35.57
N THR D 65 -15.50 -32.95 -35.41
CA THR D 65 -14.44 -33.53 -36.19
C THR D 65 -14.94 -34.78 -36.88
N LYS D 66 -14.27 -35.17 -37.96
CA LYS D 66 -14.66 -36.37 -38.68
C LYS D 66 -13.55 -37.39 -38.78
N GLY D 67 -13.90 -38.65 -38.92
CA GLY D 67 -12.87 -39.64 -39.13
C GLY D 67 -12.77 -39.96 -40.61
N PRO D 68 -11.79 -40.78 -41.03
CA PRO D 68 -11.54 -41.20 -42.40
C PRO D 68 -12.44 -42.32 -42.85
N SER D 69 -13.72 -42.11 -42.76
CA SER D 69 -14.67 -43.11 -43.16
C SER D 69 -15.26 -42.69 -44.48
N LYS D 70 -16.02 -43.59 -45.08
CA LYS D 70 -16.69 -43.29 -46.34
C LYS D 70 -17.78 -42.25 -46.16
N LEU D 71 -18.13 -41.97 -44.91
CA LEU D 71 -19.19 -41.06 -44.59
C LEU D 71 -18.72 -39.64 -44.33
N ASN D 72 -17.43 -39.32 -44.46
CA ASN D 72 -17.07 -37.94 -44.09
C ASN D 72 -17.80 -36.89 -44.93
N ASP D 73 -18.12 -37.25 -46.15
CA ASP D 73 -18.83 -36.35 -47.06
C ASP D 73 -20.36 -36.44 -46.92
N ARG D 74 -20.83 -37.30 -46.03
CA ARG D 74 -22.26 -37.51 -45.82
C ARG D 74 -22.74 -37.20 -44.40
N ALA D 75 -21.85 -37.39 -43.44
CA ALA D 75 -22.14 -37.26 -42.02
C ALA D 75 -22.13 -35.83 -41.50
N ASP D 76 -23.05 -35.56 -40.57
CA ASP D 76 -23.12 -34.31 -39.83
C ASP D 76 -23.76 -34.53 -38.45
N SER D 77 -23.88 -33.48 -37.66
CA SER D 77 -24.49 -33.61 -36.33
C SER D 77 -25.18 -32.33 -35.88
N ARG D 78 -26.21 -32.45 -35.09
CA ARG D 78 -26.90 -31.28 -34.61
C ARG D 78 -26.17 -30.67 -33.46
N ARG D 79 -25.26 -29.77 -33.79
CA ARG D 79 -24.36 -29.17 -32.82
C ARG D 79 -25.13 -28.47 -31.72
N SER D 80 -26.27 -27.90 -32.05
CA SER D 80 -27.08 -27.19 -31.10
C SER D 80 -27.65 -28.08 -30.02
N LEU D 81 -27.65 -29.37 -30.23
CA LEU D 81 -28.19 -30.26 -29.23
C LEU D 81 -27.12 -30.88 -28.37
N TRP D 82 -25.87 -30.53 -28.58
CA TRP D 82 -24.85 -31.21 -27.81
C TRP D 82 -24.97 -30.89 -26.32
N ASP D 83 -25.44 -29.71 -25.95
CA ASP D 83 -25.54 -29.40 -24.54
C ASP D 83 -26.84 -29.88 -23.95
N GLN D 84 -27.62 -30.61 -24.75
CA GLN D 84 -28.86 -31.20 -24.31
C GLN D 84 -28.65 -32.69 -24.08
N GLY D 85 -27.41 -33.15 -24.27
CA GLY D 85 -27.10 -34.55 -24.12
C GLY D 85 -27.52 -35.38 -25.32
N ASN D 86 -27.67 -34.76 -26.48
CA ASN D 86 -28.10 -35.47 -27.66
C ASN D 86 -27.04 -35.40 -28.71
N PHE D 87 -26.51 -36.55 -29.09
CA PHE D 87 -25.38 -36.53 -30.00
C PHE D 87 -25.57 -37.39 -31.24
N PRO D 88 -26.48 -37.02 -32.14
CA PRO D 88 -26.86 -37.77 -33.31
C PRO D 88 -25.83 -37.80 -34.40
N LEU D 89 -25.92 -38.83 -35.21
CA LEU D 89 -25.18 -38.98 -36.44
C LEU D 89 -26.14 -38.94 -37.56
N ILE D 90 -26.01 -37.93 -38.39
CA ILE D 90 -26.95 -37.80 -39.46
C ILE D 90 -26.27 -38.06 -40.76
N ILE D 91 -26.78 -39.04 -41.48
CA ILE D 91 -26.13 -39.40 -42.72
C ILE D 91 -27.02 -39.11 -43.90
N LYS D 92 -26.54 -38.30 -44.82
CA LYS D 92 -27.31 -37.94 -46.01
C LYS D 92 -26.83 -38.74 -47.20
N ASN D 93 -27.66 -38.86 -48.24
CA ASN D 93 -27.24 -39.55 -49.44
C ASN D 93 -26.72 -40.94 -49.19
N LEU D 94 -27.50 -41.76 -48.51
CA LEU D 94 -27.03 -43.10 -48.20
C LEU D 94 -26.68 -43.95 -49.40
N LYS D 95 -25.64 -44.75 -49.20
CA LYS D 95 -25.14 -45.70 -50.16
C LYS D 95 -25.52 -47.08 -49.64
N ILE D 96 -25.76 -48.05 -50.50
CA ILE D 96 -26.09 -49.39 -50.00
C ILE D 96 -24.98 -49.97 -49.12
N GLU D 97 -23.75 -49.55 -49.39
CA GLU D 97 -22.53 -49.95 -48.70
C GLU D 97 -22.47 -49.41 -47.27
N ASP D 98 -23.36 -48.49 -46.93
CA ASP D 98 -23.37 -47.90 -45.60
C ASP D 98 -24.11 -48.79 -44.63
N SER D 99 -24.75 -49.87 -45.11
CA SER D 99 -25.46 -50.70 -44.15
C SER D 99 -24.40 -51.29 -43.22
N ASP D 100 -24.57 -51.11 -41.92
CA ASP D 100 -23.58 -51.55 -40.95
C ASP D 100 -24.08 -51.44 -39.51
N THR D 101 -23.25 -51.83 -38.57
CA THR D 101 -23.57 -51.55 -37.17
C THR D 101 -22.84 -50.29 -36.73
N TYR D 102 -23.59 -49.34 -36.21
CA TYR D 102 -23.03 -48.09 -35.76
C TYR D 102 -22.98 -48.06 -34.25
N ILE D 103 -21.83 -47.65 -33.75
CA ILE D 103 -21.56 -47.66 -32.34
C ILE D 103 -21.42 -46.30 -31.71
N CYS D 104 -22.18 -46.09 -30.66
CA CYS D 104 -22.12 -44.87 -29.89
C CYS D 104 -21.20 -45.02 -28.73
N GLU D 105 -20.26 -44.11 -28.59
CA GLU D 105 -19.42 -44.11 -27.42
C GLU D 105 -19.68 -42.81 -26.72
N VAL D 106 -20.40 -42.86 -25.63
CA VAL D 106 -20.78 -41.63 -24.93
C VAL D 106 -20.34 -41.73 -23.50
N GLU D 107 -19.50 -40.83 -23.04
CA GLU D 107 -19.02 -41.01 -21.67
C GLU D 107 -18.39 -42.40 -21.64
N ASP D 108 -18.81 -43.24 -20.69
CA ASP D 108 -18.28 -44.59 -20.57
C ASP D 108 -19.13 -45.65 -21.26
N GLN D 109 -20.42 -45.41 -21.38
CA GLN D 109 -21.34 -46.40 -21.91
C GLN D 109 -21.30 -46.49 -23.41
N LYS D 110 -21.71 -47.63 -23.92
CA LYS D 110 -21.83 -47.75 -25.34
C LYS D 110 -23.25 -48.12 -25.69
N GLU D 111 -23.68 -47.67 -26.85
CA GLU D 111 -25.02 -47.99 -27.36
C GLU D 111 -24.91 -48.41 -28.83
N GLU D 112 -25.79 -49.27 -29.31
CA GLU D 112 -25.69 -49.63 -30.71
C GLU D 112 -26.98 -49.58 -31.48
N VAL D 113 -26.84 -49.16 -32.73
CA VAL D 113 -27.91 -49.17 -33.70
C VAL D 113 -27.42 -49.73 -35.02
N GLN D 114 -28.22 -50.57 -35.63
CA GLN D 114 -27.90 -51.11 -36.93
C GLN D 114 -28.57 -50.29 -37.99
N LEU D 115 -27.80 -49.94 -39.00
CA LEU D 115 -28.30 -49.20 -40.12
C LEU D 115 -28.41 -50.05 -41.33
N LEU D 116 -29.59 -50.11 -41.88
CA LEU D 116 -29.80 -50.84 -43.10
C LEU D 116 -30.18 -49.82 -44.14
N VAL D 117 -29.77 -50.01 -45.36
CA VAL D 117 -30.17 -49.09 -46.41
C VAL D 117 -31.12 -49.78 -47.38
N GLN E 1 -21.25 -8.11 -58.38
CA GLN E 1 -21.83 -8.21 -59.70
C GLN E 1 -23.20 -8.83 -59.64
N VAL E 2 -23.91 -8.61 -58.54
CA VAL E 2 -25.24 -9.19 -58.49
C VAL E 2 -26.22 -8.29 -59.16
N GLN E 3 -26.95 -8.87 -60.07
CA GLN E 3 -27.91 -8.13 -60.85
C GLN E 3 -29.14 -8.05 -60.04
N LEU E 4 -29.09 -7.19 -59.04
CA LEU E 4 -30.13 -7.12 -58.07
C LEU E 4 -31.38 -6.56 -58.73
N LEU E 5 -32.47 -7.31 -58.63
CA LEU E 5 -33.72 -6.92 -59.27
C LEU E 5 -34.81 -6.59 -58.28
N GLU E 6 -35.47 -5.49 -58.57
CA GLU E 6 -36.57 -4.94 -57.80
C GLU E 6 -37.90 -5.66 -58.01
N SER E 7 -38.78 -5.54 -57.02
CA SER E 7 -40.14 -6.10 -57.11
C SER E 7 -41.15 -5.05 -57.59
N GLY E 8 -42.43 -5.37 -57.47
CA GLY E 8 -43.48 -4.47 -57.98
C GLY E 8 -43.86 -3.39 -56.98
N ALA E 9 -44.75 -2.49 -57.40
CA ALA E 9 -45.25 -1.39 -56.57
C ALA E 9 -46.36 -1.86 -55.66
N GLU E 10 -46.53 -1.16 -54.53
CA GLU E 10 -47.58 -1.49 -53.56
C GLU E 10 -48.33 -0.30 -52.99
N VAL E 11 -49.58 -0.52 -52.63
CA VAL E 11 -50.36 0.47 -51.91
C VAL E 11 -51.10 -0.20 -50.75
N LYS E 12 -50.97 0.34 -49.55
CA LYS E 12 -51.63 -0.26 -48.38
C LYS E 12 -52.48 0.72 -47.57
N LYS E 13 -53.44 0.24 -46.82
CA LYS E 13 -54.16 1.18 -45.97
C LYS E 13 -53.24 1.48 -44.77
N PRO E 14 -53.21 2.70 -44.21
CA PRO E 14 -52.43 3.02 -43.05
C PRO E 14 -52.75 2.05 -41.92
N GLY E 15 -51.69 1.66 -41.22
CA GLY E 15 -51.72 0.70 -40.12
C GLY E 15 -51.34 -0.70 -40.60
N SER E 16 -51.33 -0.88 -41.93
CA SER E 16 -51.02 -2.15 -42.58
C SER E 16 -49.54 -2.40 -42.68
N SER E 17 -49.19 -3.60 -43.13
CA SER E 17 -47.79 -3.89 -43.35
C SER E 17 -47.55 -4.17 -44.84
N VAL E 18 -46.32 -3.95 -45.26
CA VAL E 18 -45.91 -4.25 -46.61
C VAL E 18 -44.64 -5.05 -46.60
N LYS E 19 -44.53 -6.00 -47.49
CA LYS E 19 -43.31 -6.73 -47.59
C LYS E 19 -42.85 -6.70 -49.03
N VAL E 20 -41.62 -6.23 -49.20
CA VAL E 20 -41.01 -6.08 -50.51
C VAL E 20 -39.71 -6.83 -50.56
N SER E 21 -39.21 -7.07 -51.76
CA SER E 21 -37.99 -7.82 -51.88
C SER E 21 -37.18 -7.52 -53.11
N CYS E 22 -35.93 -7.98 -53.07
CA CYS E 22 -35.02 -7.88 -54.20
C CYS E 22 -34.35 -9.23 -54.47
N LYS E 23 -34.21 -9.59 -55.72
CA LYS E 23 -33.52 -10.84 -56.04
C LYS E 23 -32.09 -10.61 -56.49
N ALA E 24 -31.14 -11.25 -55.84
CA ALA E 24 -29.74 -11.12 -56.24
C ALA E 24 -29.46 -12.22 -57.24
N SER E 25 -28.64 -11.94 -58.26
CA SER E 25 -28.33 -12.97 -59.23
C SER E 25 -26.98 -12.82 -59.90
N GLY E 26 -26.37 -13.95 -60.24
CA GLY E 26 -25.09 -13.97 -60.96
C GLY E 26 -23.88 -14.27 -60.07
N ASP E 27 -24.10 -14.33 -58.76
CA ASP E 27 -23.04 -14.62 -57.80
C ASP E 27 -23.66 -15.31 -56.60
N THR E 28 -22.84 -15.66 -55.63
CA THR E 28 -23.30 -16.31 -54.43
C THR E 28 -23.97 -15.33 -53.50
N PHE E 29 -25.17 -15.64 -53.09
CA PHE E 29 -25.98 -14.78 -52.22
C PHE E 29 -25.29 -14.49 -50.90
N ILE E 30 -24.71 -15.52 -50.35
CA ILE E 30 -24.05 -15.47 -49.07
C ILE E 30 -22.84 -14.55 -49.08
N ARG E 31 -22.30 -14.23 -50.25
CA ARG E 31 -21.14 -13.37 -50.28
C ARG E 31 -21.51 -11.91 -50.37
N TYR E 32 -22.80 -11.58 -50.34
CA TYR E 32 -23.19 -10.20 -50.36
C TYR E 32 -24.04 -9.83 -49.18
N SER E 33 -23.75 -8.67 -48.61
CA SER E 33 -24.57 -8.18 -47.53
C SER E 33 -25.52 -7.22 -48.13
N PHE E 34 -26.68 -7.05 -47.53
CA PHE E 34 -27.63 -6.14 -48.13
C PHE E 34 -28.21 -5.13 -47.18
N THR E 35 -28.48 -3.95 -47.72
CA THR E 35 -29.15 -2.93 -46.96
C THR E 35 -30.35 -2.45 -47.71
N TRP E 36 -31.24 -1.80 -46.98
CA TRP E 36 -32.39 -1.16 -47.58
C TRP E 36 -32.37 0.32 -47.36
N VAL E 37 -32.76 1.03 -48.42
CA VAL E 37 -32.86 2.48 -48.53
C VAL E 37 -34.26 2.95 -48.98
N ARG E 38 -34.74 4.01 -48.35
CA ARG E 38 -36.03 4.59 -48.64
C ARG E 38 -35.97 6.01 -49.19
N GLN E 39 -36.18 6.17 -50.48
CA GLN E 39 -36.09 7.50 -51.07
C GLN E 39 -37.45 8.16 -51.01
N ALA E 40 -37.75 8.70 -49.84
CA ALA E 40 -39.02 9.39 -49.66
C ALA E 40 -38.94 10.67 -50.47
N PRO E 41 -40.03 11.18 -51.07
CA PRO E 41 -40.01 12.42 -51.81
C PRO E 41 -39.48 13.54 -50.96
N GLY E 42 -38.57 14.32 -51.51
CA GLY E 42 -38.00 15.47 -50.81
C GLY E 42 -36.90 15.12 -49.82
N GLN E 43 -36.60 13.84 -49.68
CA GLN E 43 -35.61 13.37 -48.73
C GLN E 43 -34.34 12.87 -49.36
N GLY E 44 -33.39 12.48 -48.52
CA GLY E 44 -32.14 11.90 -48.98
C GLY E 44 -32.28 10.39 -48.98
N LEU E 45 -31.19 9.68 -49.04
CA LEU E 45 -31.24 8.21 -49.14
C LEU E 45 -31.36 7.51 -47.79
N GLU E 46 -32.51 7.67 -47.16
CA GLU E 46 -32.74 7.17 -45.79
C GLU E 46 -32.45 5.70 -45.63
N TRP E 47 -31.63 5.36 -44.63
CA TRP E 47 -31.28 3.97 -44.38
C TRP E 47 -32.31 3.31 -43.48
N MET E 48 -32.73 2.10 -43.86
CA MET E 48 -33.72 1.35 -43.10
C MET E 48 -33.03 0.37 -42.20
N GLY E 49 -32.07 -0.31 -42.78
CA GLY E 49 -31.40 -1.37 -42.05
C GLY E 49 -30.45 -2.18 -42.92
N ARG E 50 -29.80 -3.14 -42.24
CA ARG E 50 -28.79 -4.03 -42.82
C ARG E 50 -28.96 -5.47 -42.44
N ILE E 51 -28.74 -6.36 -43.40
CA ILE E 51 -28.73 -7.79 -43.13
C ILE E 51 -27.47 -8.49 -43.59
N ILE E 52 -26.98 -9.34 -42.71
CA ILE E 52 -25.83 -10.16 -42.93
C ILE E 52 -26.35 -11.53 -43.35
N THR E 53 -25.87 -12.06 -44.47
CA THR E 53 -26.35 -13.34 -44.96
C THR E 53 -25.48 -14.54 -44.56
N ILE E 54 -24.24 -14.29 -44.19
CA ILE E 54 -23.34 -15.36 -43.72
C ILE E 54 -23.74 -15.73 -42.29
N LEU E 55 -24.13 -14.74 -41.52
CA LEU E 55 -24.64 -14.87 -40.18
C LEU E 55 -26.02 -14.29 -40.28
N ASP E 56 -27.07 -15.00 -39.95
CA ASP E 56 -28.38 -14.38 -40.18
C ASP E 56 -28.67 -13.39 -39.06
N VAL E 57 -28.16 -12.19 -39.29
CA VAL E 57 -28.18 -11.09 -38.36
C VAL E 57 -28.63 -9.79 -39.02
N ALA E 58 -29.47 -9.01 -38.35
CA ALA E 58 -29.86 -7.75 -38.97
C ALA E 58 -29.88 -6.63 -37.97
N HIS E 59 -29.69 -5.43 -38.50
CA HIS E 59 -29.63 -4.21 -37.72
C HIS E 59 -30.57 -3.18 -38.33
N TYR E 60 -31.21 -2.39 -37.47
CA TYR E 60 -32.19 -1.44 -37.96
C TYR E 60 -32.01 -0.02 -37.47
N ALA E 61 -32.42 0.94 -38.28
CA ALA E 61 -32.41 2.32 -37.87
C ALA E 61 -33.32 2.47 -36.66
N PRO E 62 -32.95 3.21 -35.60
CA PRO E 62 -33.71 3.37 -34.37
C PRO E 62 -35.17 3.69 -34.49
N HIS E 63 -35.56 4.52 -35.44
CA HIS E 63 -36.96 4.89 -35.54
C HIS E 63 -37.84 3.81 -36.14
N LEU E 64 -37.21 2.81 -36.72
CA LEU E 64 -37.90 1.72 -37.33
C LEU E 64 -37.73 0.42 -36.54
N GLN E 65 -37.13 0.46 -35.36
CA GLN E 65 -36.86 -0.82 -34.71
C GLN E 65 -38.11 -1.62 -34.34
N GLY E 66 -39.19 -0.95 -34.01
CA GLY E 66 -40.41 -1.68 -33.67
C GLY E 66 -41.31 -1.88 -34.89
N ARG E 67 -40.85 -1.42 -36.06
CA ARG E 67 -41.65 -1.47 -37.26
C ARG E 67 -41.07 -2.32 -38.37
N VAL E 68 -39.76 -2.52 -38.35
CA VAL E 68 -39.12 -3.19 -39.45
C VAL E 68 -38.39 -4.48 -39.16
N THR E 69 -38.64 -5.45 -40.03
CA THR E 69 -37.95 -6.72 -40.03
C THR E 69 -37.27 -6.95 -41.38
N ILE E 70 -36.00 -7.29 -41.34
CA ILE E 70 -35.27 -7.59 -42.55
C ILE E 70 -34.85 -9.02 -42.51
N THR E 71 -35.17 -9.74 -43.55
CA THR E 71 -34.82 -11.13 -43.60
C THR E 71 -34.32 -11.54 -44.97
N ALA E 72 -34.03 -12.81 -45.12
CA ALA E 72 -33.53 -13.31 -46.39
C ALA E 72 -33.85 -14.77 -46.58
N ASP E 73 -33.98 -15.14 -47.84
CA ASP E 73 -34.17 -16.53 -48.19
C ASP E 73 -32.95 -16.99 -48.97
N LYS E 74 -32.14 -17.78 -48.28
CA LYS E 74 -30.86 -18.23 -48.77
C LYS E 74 -30.96 -19.11 -50.00
N SER E 75 -32.12 -19.71 -50.22
CA SER E 75 -32.29 -20.63 -51.34
C SER E 75 -32.78 -19.94 -52.60
N THR E 76 -33.29 -18.71 -52.49
CA THR E 76 -33.86 -18.00 -53.63
C THR E 76 -33.12 -16.69 -53.87
N SER E 77 -32.01 -16.53 -53.17
CA SER E 77 -31.17 -15.34 -53.21
C SER E 77 -32.01 -14.09 -53.05
N THR E 78 -32.94 -14.13 -52.13
CA THR E 78 -33.84 -13.00 -52.00
C THR E 78 -33.76 -12.26 -50.69
N VAL E 79 -33.67 -10.96 -50.84
CA VAL E 79 -33.56 -10.00 -49.76
C VAL E 79 -34.95 -9.47 -49.44
N TYR E 80 -35.38 -9.50 -48.18
CA TYR E 80 -36.71 -9.01 -47.87
C TYR E 80 -36.77 -7.91 -46.83
N LEU E 81 -37.68 -6.98 -47.05
CA LEU E 81 -37.98 -5.93 -46.09
C LEU E 81 -39.44 -5.90 -45.73
N GLU E 82 -39.72 -6.05 -44.44
CA GLU E 82 -41.08 -6.01 -43.98
C GLU E 82 -41.29 -4.83 -43.05
N LEU E 83 -42.20 -3.95 -43.44
CA LEU E 83 -42.51 -2.74 -42.68
C LEU E 83 -43.95 -2.75 -42.22
N ARG E 84 -44.16 -2.57 -40.92
CA ARG E 84 -45.52 -2.56 -40.36
C ARG E 84 -45.93 -1.21 -39.81
N ASN E 85 -47.22 -1.11 -39.49
CA ASN E 85 -47.83 0.11 -38.97
C ASN E 85 -47.61 1.29 -39.90
N LEU E 86 -47.87 1.06 -41.19
CA LEU E 86 -47.66 2.05 -42.24
C LEU E 86 -48.42 3.34 -42.08
N ARG E 87 -47.73 4.41 -42.44
CA ARG E 87 -48.20 5.78 -42.41
C ARG E 87 -47.99 6.43 -43.76
N SER E 88 -48.65 7.56 -44.02
CA SER E 88 -48.42 8.27 -45.29
C SER E 88 -47.00 8.82 -45.36
N ASP E 89 -46.38 8.91 -44.19
CA ASP E 89 -45.03 9.36 -43.95
C ASP E 89 -44.04 8.39 -44.57
N ASP E 90 -44.50 7.17 -44.82
CA ASP E 90 -43.68 6.12 -45.35
C ASP E 90 -43.80 6.02 -46.86
N THR E 91 -44.50 6.99 -47.49
CA THR E 91 -44.59 6.92 -48.92
C THR E 91 -43.19 7.16 -49.44
N ALA E 92 -42.69 6.22 -50.21
CA ALA E 92 -41.32 6.32 -50.69
C ALA E 92 -40.96 5.31 -51.72
N VAL E 93 -39.84 5.51 -52.38
CA VAL E 93 -39.34 4.47 -53.25
C VAL E 93 -38.33 3.63 -52.49
N TYR E 94 -38.61 2.35 -52.39
CA TYR E 94 -37.80 1.45 -51.60
C TYR E 94 -36.89 0.59 -52.44
N PHE E 95 -35.68 0.39 -51.95
CA PHE E 95 -34.72 -0.47 -52.64
C PHE E 95 -33.58 -1.06 -51.84
N CYS E 96 -33.07 -2.15 -52.37
CA CYS E 96 -31.96 -2.88 -51.83
C CYS E 96 -30.65 -2.47 -52.43
N ALA E 97 -29.58 -2.68 -51.69
CA ALA E 97 -28.27 -2.53 -52.27
C ALA E 97 -27.31 -3.55 -51.68
N GLY E 98 -26.50 -4.16 -52.55
CA GLY E 98 -25.53 -5.14 -52.14
C GLY E 98 -24.13 -4.63 -51.94
N VAL E 99 -23.43 -5.33 -51.03
CA VAL E 99 -22.04 -5.12 -50.67
C VAL E 99 -21.27 -6.42 -50.85
N TYR E 100 -20.16 -6.43 -51.57
CA TYR E 100 -19.43 -7.68 -51.71
C TYR E 100 -18.48 -7.96 -50.57
N GLU E 101 -18.61 -9.15 -50.03
CA GLU E 101 -17.81 -9.62 -48.93
C GLU E 101 -17.03 -10.83 -49.36
N GLY E 102 -15.84 -10.62 -49.87
CA GLY E 102 -15.13 -11.73 -50.45
C GLY E 102 -14.81 -12.78 -49.42
N GLU E 103 -14.98 -14.02 -49.85
CA GLU E 103 -14.74 -15.22 -49.09
C GLU E 103 -15.50 -15.26 -47.75
N ALA E 104 -16.70 -14.66 -47.71
CA ALA E 104 -17.53 -14.71 -46.51
C ALA E 104 -17.81 -16.16 -46.13
N ASP E 105 -17.97 -17.02 -47.13
CA ASP E 105 -18.26 -18.42 -46.96
C ASP E 105 -17.24 -19.14 -46.11
N GLU E 106 -16.00 -18.67 -46.17
CA GLU E 106 -14.90 -19.31 -45.48
C GLU E 106 -14.57 -18.61 -44.18
N GLY E 107 -15.37 -17.59 -43.81
CA GLY E 107 -15.16 -16.82 -42.60
C GLY E 107 -14.32 -15.53 -42.75
N GLU E 108 -14.18 -15.02 -43.98
CA GLU E 108 -13.39 -13.81 -44.22
C GLU E 108 -14.22 -12.54 -44.38
N TYR E 109 -15.47 -12.59 -44.00
CA TYR E 109 -16.41 -11.49 -44.12
C TYR E 109 -15.90 -10.17 -43.46
N ASP E 110 -15.97 -9.02 -44.18
CA ASP E 110 -15.52 -7.70 -43.69
C ASP E 110 -16.60 -6.81 -43.08
N ASN E 111 -17.83 -7.01 -43.54
CA ASN E 111 -19.00 -6.21 -43.16
C ASN E 111 -18.88 -4.75 -43.59
N ASN E 112 -18.60 -4.53 -44.87
CA ASN E 112 -18.44 -3.17 -45.40
C ASN E 112 -19.76 -2.41 -45.58
N GLY E 113 -19.65 -1.08 -45.55
CA GLY E 113 -20.79 -0.16 -45.70
C GLY E 113 -20.93 0.44 -47.10
N PHE E 114 -20.21 -0.09 -48.06
CA PHE E 114 -20.23 0.46 -49.41
C PHE E 114 -21.23 -0.19 -50.30
N LEU E 115 -22.21 0.58 -50.69
CA LEU E 115 -23.30 0.04 -51.47
C LEU E 115 -23.07 0.22 -52.95
N LYS E 116 -22.83 -0.89 -53.64
CA LYS E 116 -22.51 -0.84 -55.06
C LYS E 116 -23.55 -1.41 -55.98
N HIS E 117 -24.29 -2.41 -55.53
CA HIS E 117 -25.20 -3.04 -56.47
C HIS E 117 -26.60 -2.78 -56.05
N TRP E 118 -27.20 -1.82 -56.74
CA TRP E 118 -28.50 -1.28 -56.37
C TRP E 118 -29.65 -1.83 -57.17
N GLY E 119 -30.79 -1.94 -56.51
CA GLY E 119 -32.01 -2.34 -57.15
C GLY E 119 -32.53 -1.10 -57.86
N GLN E 120 -33.70 -1.19 -58.45
CA GLN E 120 -34.20 -0.08 -59.23
C GLN E 120 -35.10 0.88 -58.45
N GLY E 121 -35.75 0.40 -57.40
CA GLY E 121 -36.65 1.23 -56.63
C GLY E 121 -38.10 0.97 -56.93
N THR E 122 -38.85 0.64 -55.88
CA THR E 122 -40.26 0.39 -56.02
C THR E 122 -41.06 1.31 -55.14
N LEU E 123 -42.08 1.92 -55.70
CA LEU E 123 -42.87 2.83 -54.91
C LEU E 123 -43.91 2.15 -54.05
N VAL E 124 -43.91 2.52 -52.78
CA VAL E 124 -44.90 2.04 -51.85
C VAL E 124 -45.63 3.26 -51.30
N THR E 125 -46.96 3.22 -51.40
CA THR E 125 -47.82 4.31 -50.95
C THR E 125 -48.88 3.78 -50.00
N VAL E 126 -49.68 4.68 -49.46
CA VAL E 126 -50.78 4.24 -48.62
C VAL E 126 -52.08 4.88 -49.13
N THR E 127 -53.22 4.33 -48.75
CA THR E 127 -54.49 4.91 -49.21
C THR E 127 -55.69 4.65 -48.28
N ALA F 37 9.61 -34.30 51.45
CA ALA F 37 10.65 -34.59 52.43
C ALA F 37 11.83 -35.19 51.72
N LYS F 38 11.60 -35.52 50.46
CA LYS F 38 12.60 -36.10 49.60
C LYS F 38 13.05 -35.13 48.55
N LYS F 39 12.59 -33.88 48.68
CA LYS F 39 13.00 -32.86 47.74
C LYS F 39 12.74 -33.36 46.33
N TRP F 40 11.54 -33.77 46.06
CA TRP F 40 11.26 -34.41 44.79
C TRP F 40 11.49 -33.44 43.63
N VAL F 41 12.07 -33.94 42.54
CA VAL F 41 12.34 -33.05 41.42
C VAL F 41 11.05 -32.60 40.76
N THR F 42 10.81 -31.30 40.70
CA THR F 42 9.58 -30.83 40.10
C THR F 42 9.85 -29.94 38.92
N VAL F 43 9.12 -30.19 37.86
CA VAL F 43 9.35 -29.43 36.67
C VAL F 43 8.34 -28.31 36.54
N TYR F 44 8.84 -27.09 36.36
CA TYR F 44 8.01 -25.91 36.27
C TYR F 44 8.13 -25.25 34.91
N TYR F 45 7.01 -24.98 34.28
CA TYR F 45 7.04 -24.34 32.98
C TYR F 45 6.54 -22.89 33.01
N GLY F 46 7.26 -22.01 32.32
CA GLY F 46 6.92 -20.60 32.25
C GLY F 46 7.87 -19.79 33.12
N VAL F 47 9.02 -20.36 33.40
CA VAL F 47 10.03 -19.74 34.22
C VAL F 47 10.68 -18.58 33.49
N PRO F 48 10.74 -17.36 34.05
CA PRO F 48 11.32 -16.19 33.43
C PRO F 48 12.82 -16.19 33.50
N VAL F 49 13.42 -17.16 32.85
CA VAL F 49 14.86 -17.31 32.85
C VAL F 49 15.38 -17.19 31.42
N TRP F 50 16.45 -16.44 31.25
CA TRP F 50 16.98 -16.24 29.90
C TRP F 50 18.47 -16.37 29.76
N LYS F 51 18.85 -16.64 28.52
CA LYS F 51 20.23 -16.69 28.10
C LYS F 51 20.51 -15.79 26.92
N GLU F 52 21.76 -15.39 26.82
CA GLU F 52 22.21 -14.63 25.67
C GLU F 52 22.14 -15.55 24.49
N ALA F 53 21.69 -15.04 23.38
CA ALA F 53 21.58 -15.90 22.22
C ALA F 53 21.88 -15.15 20.96
N THR F 54 22.31 -15.86 19.93
CA THR F 54 22.62 -15.21 18.69
C THR F 54 21.55 -15.41 17.65
N THR F 55 21.04 -14.30 17.19
CA THR F 55 20.08 -14.23 16.13
C THR F 55 20.47 -13.06 15.29
N THR F 56 19.77 -12.85 14.19
CA THR F 56 20.06 -11.69 13.36
C THR F 56 19.00 -10.64 13.54
N LEU F 57 19.43 -9.43 13.90
CA LEU F 57 18.47 -8.35 14.12
C LEU F 57 18.10 -7.72 12.80
N PHE F 58 16.94 -7.10 12.73
CA PHE F 58 16.59 -6.42 11.50
C PHE F 58 16.65 -4.94 11.71
N CYS F 59 16.84 -4.18 10.64
CA CYS F 59 16.91 -2.74 10.81
C CYS F 59 15.62 -2.04 10.45
N ALA F 60 15.43 -0.90 11.06
CA ALA F 60 14.33 -0.02 10.79
C ALA F 60 14.82 1.40 10.77
N SER F 61 14.24 2.24 9.94
CA SER F 61 14.63 3.65 9.94
C SER F 61 13.53 4.50 9.39
N ASP F 62 13.55 5.79 9.67
CA ASP F 62 12.53 6.66 9.11
C ASP F 62 12.94 7.13 7.73
N ALA F 63 12.97 6.18 6.80
CA ALA F 63 13.42 6.44 5.44
C ALA F 63 12.44 7.34 4.75
N LYS F 64 12.95 8.22 3.91
CA LYS F 64 12.08 9.08 3.12
C LYS F 64 11.92 8.50 1.73
N ALA F 65 13.00 7.92 1.24
CA ALA F 65 13.11 7.26 -0.06
C ALA F 65 12.84 8.08 -1.31
N TYR F 66 12.86 9.42 -1.25
CA TYR F 66 12.63 10.18 -2.48
C TYR F 66 13.65 11.26 -2.80
N ASP F 67 14.67 11.45 -1.97
CA ASP F 67 15.64 12.51 -2.17
C ASP F 67 16.91 12.03 -2.85
N THR F 68 16.89 10.76 -3.22
CA THR F 68 17.99 10.05 -3.83
C THR F 68 19.27 10.23 -3.03
N GLU F 69 19.17 10.21 -1.70
CA GLU F 69 20.34 10.32 -0.85
C GLU F 69 20.79 8.92 -0.54
N VAL F 70 22.05 8.71 -0.25
CA VAL F 70 22.45 7.35 0.00
C VAL F 70 21.74 6.61 1.11
N HIS F 71 21.53 7.23 2.25
CA HIS F 71 20.96 6.49 3.35
C HIS F 71 19.50 6.24 3.13
N ASN F 72 18.80 7.19 2.51
CA ASN F 72 17.40 6.96 2.23
C ASN F 72 17.20 5.94 1.13
N VAL F 73 18.10 5.91 0.16
CA VAL F 73 17.99 4.94 -0.90
C VAL F 73 18.27 3.57 -0.36
N TRP F 74 19.31 3.45 0.43
CA TRP F 74 19.63 2.17 1.01
C TRP F 74 18.48 1.72 1.90
N ALA F 75 18.06 2.60 2.80
CA ALA F 75 17.04 2.26 3.76
C ALA F 75 15.76 1.85 3.07
N THR F 76 15.46 2.46 1.93
CA THR F 76 14.26 2.12 1.18
C THR F 76 14.11 0.63 1.01
N HIS F 77 15.21 -0.07 0.72
CA HIS F 77 15.09 -1.48 0.49
C HIS F 77 15.69 -2.33 1.59
N ALA F 78 16.58 -1.75 2.40
CA ALA F 78 17.24 -2.51 3.45
C ALA F 78 16.44 -2.58 4.75
N CYS F 79 15.69 -1.53 5.08
CA CYS F 79 15.03 -1.41 6.37
C CYS F 79 13.54 -1.23 6.33
N VAL F 80 12.90 -1.51 7.45
CA VAL F 80 11.47 -1.33 7.57
C VAL F 80 11.23 -0.01 8.30
N PRO F 81 10.00 0.49 8.38
CA PRO F 81 9.64 1.68 9.12
C PRO F 81 9.90 1.39 10.58
N THR F 82 10.12 2.40 11.38
CA THR F 82 10.34 2.17 12.79
C THR F 82 9.02 1.86 13.43
N ASP F 83 9.08 1.35 14.66
CA ASP F 83 7.89 1.02 15.44
C ASP F 83 7.27 2.30 15.98
N PRO F 84 6.05 2.69 15.60
CA PRO F 84 5.39 3.91 16.04
C PRO F 84 5.02 3.92 17.52
N ASN F 85 4.98 2.74 18.15
CA ASN F 85 4.59 2.67 19.54
C ASN F 85 5.19 1.46 20.25
N PRO F 86 6.52 1.39 20.41
CA PRO F 86 7.23 0.30 21.01
C PRO F 86 6.93 0.35 22.48
N GLN F 87 6.98 -0.80 23.13
CA GLN F 87 6.77 -0.83 24.55
C GLN F 87 8.06 -1.12 25.28
N GLU F 88 8.10 -0.71 26.53
CA GLU F 88 9.26 -1.00 27.37
C GLU F 88 8.81 -1.50 28.72
N ILE F 89 9.40 -2.61 29.14
CA ILE F 89 9.07 -3.15 30.45
C ILE F 89 10.23 -3.02 31.38
N VAL F 90 10.01 -2.37 32.51
CA VAL F 90 11.08 -2.22 33.46
C VAL F 90 11.01 -3.40 34.41
N LEU F 91 12.13 -4.07 34.60
CA LEU F 91 12.14 -5.23 35.45
C LEU F 91 12.43 -4.75 36.84
N GLY F 92 12.14 -5.56 37.85
CA GLY F 92 12.35 -5.12 39.22
C GLY F 92 13.75 -5.40 39.71
N ASN F 93 13.89 -6.35 40.59
CA ASN F 93 15.20 -6.60 41.19
C ASN F 93 16.03 -7.48 40.28
N VAL F 94 16.40 -6.92 39.14
CA VAL F 94 17.12 -7.68 38.15
C VAL F 94 18.47 -7.10 37.86
N THR F 95 19.48 -7.95 37.98
CA THR F 95 20.85 -7.60 37.71
C THR F 95 21.33 -8.45 36.55
N GLU F 96 21.99 -7.82 35.58
CA GLU F 96 22.45 -8.50 34.38
C GLU F 96 23.84 -8.09 33.98
N ASN F 97 24.68 -9.04 33.60
CA ASN F 97 26.03 -8.68 33.16
C ASN F 97 26.11 -8.30 31.68
N PHE F 98 26.45 -7.03 31.45
CA PHE F 98 26.54 -6.49 30.10
C PHE F 98 28.00 -6.28 29.71
N ASN F 99 28.47 -7.11 28.79
CA ASN F 99 29.85 -7.07 28.31
C ASN F 99 29.87 -6.47 26.90
N MET F 100 30.21 -5.20 26.83
CA MET F 100 30.17 -4.43 25.60
C MET F 100 31.24 -4.82 24.62
N TRP F 101 32.21 -5.58 25.08
CA TRP F 101 33.33 -5.92 24.24
C TRP F 101 33.05 -7.20 23.49
N LYS F 102 31.98 -7.89 23.87
CA LYS F 102 31.65 -9.18 23.31
C LYS F 102 30.23 -9.17 22.81
N ASN F 103 29.72 -7.99 22.54
CA ASN F 103 28.36 -7.83 22.11
C ASN F 103 28.28 -8.07 20.62
N ASN F 104 27.65 -9.14 20.19
CA ASN F 104 27.68 -9.49 18.79
C ASN F 104 26.87 -8.55 17.91
N MET F 105 26.09 -7.66 18.50
CA MET F 105 25.29 -6.72 17.72
C MET F 105 26.22 -5.82 16.94
N VAL F 106 27.43 -5.68 17.44
CA VAL F 106 28.41 -4.82 16.85
C VAL F 106 28.80 -5.36 15.50
N GLU F 107 28.96 -6.67 15.40
CA GLU F 107 29.42 -7.21 14.15
C GLU F 107 28.30 -7.10 13.15
N GLN F 108 27.06 -7.28 13.60
CA GLN F 108 25.99 -7.16 12.64
C GLN F 108 25.87 -5.73 12.14
N MET F 109 26.06 -4.74 13.03
CA MET F 109 25.99 -3.36 12.59
C MET F 109 27.09 -3.10 11.58
N HIS F 110 28.26 -3.67 11.82
CA HIS F 110 29.40 -3.50 10.97
C HIS F 110 29.11 -4.00 9.57
N GLU F 111 28.54 -5.19 9.46
CA GLU F 111 28.26 -5.69 8.12
C GLU F 111 27.26 -4.82 7.37
N ASP F 112 26.22 -4.32 8.04
CA ASP F 112 25.26 -3.50 7.30
C ASP F 112 25.86 -2.21 6.80
N ILE F 113 26.73 -1.61 7.61
CA ILE F 113 27.36 -0.38 7.20
C ILE F 113 28.28 -0.60 6.03
N ILE F 114 29.04 -1.68 6.03
CA ILE F 114 29.88 -1.88 4.86
C ILE F 114 29.02 -2.03 3.64
N SER F 115 27.92 -2.78 3.70
CA SER F 115 27.14 -2.88 2.49
C SER F 115 26.66 -1.51 2.05
N LEU F 116 26.23 -0.66 2.97
CA LEU F 116 25.77 0.66 2.59
C LEU F 116 26.85 1.41 1.87
N TRP F 117 28.06 1.38 2.42
CA TRP F 117 29.13 2.10 1.79
C TRP F 117 29.50 1.56 0.41
N ASP F 118 29.57 0.23 0.25
CA ASP F 118 29.96 -0.34 -1.04
C ASP F 118 28.92 -0.12 -2.12
N GLN F 119 27.67 0.03 -1.70
CA GLN F 119 26.56 0.27 -2.58
C GLN F 119 26.36 1.75 -2.89
N SER F 120 27.23 2.61 -2.37
CA SER F 120 27.08 4.05 -2.51
C SER F 120 28.33 4.81 -2.90
N LEU F 121 29.25 4.93 -1.97
CA LEU F 121 30.43 5.76 -2.19
C LEU F 121 31.48 4.99 -2.95
N LYS F 122 31.20 4.79 -4.22
CA LYS F 122 32.04 4.02 -5.10
C LYS F 122 33.25 4.85 -5.51
N PRO F 123 34.47 4.36 -5.31
CA PRO F 123 35.69 5.02 -5.65
C PRO F 123 35.87 4.88 -7.10
N CYS F 124 36.69 5.72 -7.65
CA CYS F 124 37.07 5.53 -9.03
C CYS F 124 37.95 4.31 -9.11
N VAL F 125 38.89 4.24 -8.19
CA VAL F 125 39.81 3.12 -8.10
C VAL F 125 39.82 2.49 -6.73
N LYS F 126 39.62 1.19 -6.68
CA LYS F 126 39.69 0.44 -5.43
C LYS F 126 40.78 -0.62 -5.54
N LEU F 127 41.75 -0.58 -4.62
CA LEU F 127 42.85 -1.54 -4.66
C LEU F 127 42.81 -2.52 -3.50
N THR F 128 42.68 -3.79 -3.85
CA THR F 128 42.64 -4.87 -2.85
C THR F 128 43.83 -5.82 -3.00
N PRO F 129 44.77 -5.88 -2.07
CA PRO F 129 45.90 -6.77 -2.15
C PRO F 129 45.36 -8.15 -1.91
N LEU F 130 45.90 -9.15 -2.59
CA LEU F 130 45.46 -10.52 -2.36
C LEU F 130 46.63 -11.49 -2.27
N CYS F 131 46.74 -12.15 -1.13
CA CYS F 131 47.84 -13.07 -0.88
C CYS F 131 47.34 -14.51 -0.77
N CYS F 212 51.06 -12.35 -3.17
CA CYS F 212 50.53 -11.03 -2.84
C CYS F 212 50.46 -10.11 -4.03
N ASN F 213 49.42 -10.27 -4.83
CA ASN F 213 49.20 -9.47 -6.03
C ASN F 213 48.22 -8.35 -5.67
N THR F 214 47.92 -7.48 -6.63
CA THR F 214 46.92 -6.45 -6.35
C THR F 214 45.81 -6.48 -7.37
N SER F 215 44.60 -6.52 -6.88
CA SER F 215 43.42 -6.52 -7.73
C SER F 215 42.87 -5.10 -7.82
N VAL F 216 42.71 -4.60 -9.04
CA VAL F 216 42.19 -3.25 -9.18
C VAL F 216 40.83 -3.22 -9.81
N ILE F 217 39.94 -2.53 -9.14
CA ILE F 217 38.58 -2.37 -9.57
C ILE F 217 38.31 -0.94 -9.94
N THR F 218 37.78 -0.74 -11.14
CA THR F 218 37.46 0.60 -11.56
C THR F 218 35.98 0.76 -11.73
N GLN F 219 35.46 1.86 -11.24
CA GLN F 219 34.03 2.15 -11.29
C GLN F 219 33.70 3.56 -11.72
N ALA F 220 32.49 3.78 -12.19
CA ALA F 220 32.06 5.14 -12.49
C ALA F 220 32.15 5.93 -11.21
N CYS F 221 32.42 7.22 -11.29
CA CYS F 221 32.62 7.98 -10.06
C CYS F 221 31.64 9.12 -9.85
N PRO F 222 30.33 8.90 -9.79
CA PRO F 222 29.37 9.95 -9.60
C PRO F 222 29.49 10.40 -8.18
N LYS F 223 29.18 11.64 -7.92
CA LYS F 223 29.16 12.05 -6.55
C LYS F 223 27.77 11.82 -6.04
N VAL F 224 27.64 11.58 -4.76
CA VAL F 224 26.32 11.37 -4.20
C VAL F 224 26.11 12.21 -2.97
N SER F 225 24.85 12.48 -2.65
CA SER F 225 24.54 13.16 -1.41
C SER F 225 24.78 12.17 -0.31
N PHE F 226 25.40 12.60 0.77
CA PHE F 226 25.71 11.66 1.82
C PHE F 226 25.58 12.28 3.20
N GLU F 227 24.46 11.95 3.83
CA GLU F 227 24.09 12.44 5.16
C GLU F 227 23.42 11.33 5.98
N PRO F 228 24.05 10.83 7.05
CA PRO F 228 23.55 9.75 7.88
C PRO F 228 22.17 10.01 8.47
N ILE F 229 21.43 8.91 8.58
CA ILE F 229 20.07 8.84 9.12
C ILE F 229 20.23 7.90 10.30
N PRO F 230 19.53 8.05 11.42
CA PRO F 230 19.60 7.09 12.49
C PRO F 230 18.97 5.79 12.05
N ILE F 231 19.55 4.68 12.45
CA ILE F 231 19.03 3.35 12.17
C ILE F 231 18.78 2.61 13.46
N HIS F 232 17.61 1.99 13.59
CA HIS F 232 17.24 1.23 14.77
C HIS F 232 17.44 -0.24 14.52
N TYR F 233 17.85 -1.00 15.53
CA TYR F 233 17.87 -2.44 15.37
C TYR F 233 16.80 -3.08 16.21
N CYS F 234 16.13 -4.05 15.62
CA CYS F 234 15.01 -4.70 16.29
C CYS F 234 15.10 -6.21 16.33
N ALA F 235 14.65 -6.78 17.46
CA ALA F 235 14.62 -8.22 17.67
C ALA F 235 13.56 -8.90 16.79
N PRO F 236 13.84 -10.09 16.24
CA PRO F 236 12.93 -10.93 15.51
C PRO F 236 11.98 -11.59 16.48
N ALA F 237 10.88 -12.14 15.99
CA ALA F 237 9.94 -12.80 16.88
C ALA F 237 10.60 -13.87 17.72
N GLY F 238 10.25 -13.88 19.00
CA GLY F 238 10.78 -14.85 19.93
C GLY F 238 11.95 -14.31 20.75
N PHE F 239 12.50 -13.17 20.37
CA PHE F 239 13.65 -12.56 21.05
C PHE F 239 13.37 -11.21 21.64
N ALA F 240 14.17 -10.82 22.61
CA ALA F 240 14.02 -9.49 23.17
C ALA F 240 15.37 -8.93 23.53
N ILE F 241 15.42 -7.60 23.59
CA ILE F 241 16.64 -6.92 23.94
C ILE F 241 16.60 -6.28 25.31
N LEU F 242 17.59 -6.62 26.10
CA LEU F 242 17.70 -6.10 27.44
C LEU F 242 18.44 -4.79 27.31
N LYS F 243 18.03 -3.82 28.09
CA LYS F 243 18.68 -2.54 28.08
C LYS F 243 19.21 -2.19 29.44
N CYS F 244 20.43 -1.69 29.48
CA CYS F 244 20.98 -1.24 30.74
C CYS F 244 20.68 0.23 30.93
N ASN F 245 19.97 0.55 31.98
CA ASN F 245 19.55 1.90 32.25
C ASN F 245 20.32 2.55 33.38
N SER F 246 21.42 1.95 33.75
CA SER F 246 22.22 2.53 34.81
C SER F 246 23.18 3.56 34.24
N LYS F 247 22.95 4.80 34.61
CA LYS F 247 23.67 5.97 34.11
C LYS F 247 25.12 6.02 34.56
N THR F 248 25.46 5.24 35.57
CA THR F 248 26.81 5.20 36.11
C THR F 248 27.53 3.91 35.75
N PHE F 249 26.92 3.09 34.90
CA PHE F 249 27.52 1.83 34.53
C PHE F 249 28.56 2.03 33.46
N ASN F 250 29.78 1.54 33.72
CA ASN F 250 30.84 1.72 32.75
C ASN F 250 31.01 0.52 31.82
N GLY F 251 30.19 -0.48 32.00
CA GLY F 251 30.28 -1.65 31.16
C GLY F 251 31.08 -2.76 31.82
N SER F 252 31.10 -3.92 31.16
CA SER F 252 31.84 -5.10 31.61
C SER F 252 31.45 -5.53 32.99
N GLY F 253 30.17 -5.59 33.23
CA GLY F 253 29.75 -6.02 34.55
C GLY F 253 28.29 -5.86 34.80
N PRO F 254 27.87 -6.04 36.04
CA PRO F 254 26.51 -5.97 36.51
C PRO F 254 25.85 -4.65 36.32
N CYS F 255 24.73 -4.65 35.65
CA CYS F 255 23.91 -3.50 35.48
C CYS F 255 22.75 -3.74 36.39
N THR F 256 22.45 -2.79 37.23
CA THR F 256 21.43 -2.96 38.23
C THR F 256 20.07 -2.39 37.88
N ASN F 257 19.93 -1.92 36.66
CA ASN F 257 18.66 -1.41 36.19
C ASN F 257 18.40 -1.92 34.79
N VAL F 258 17.59 -2.97 34.67
CA VAL F 258 17.39 -3.60 33.37
C VAL F 258 15.94 -3.56 32.91
N SER F 259 15.75 -3.15 31.66
CA SER F 259 14.41 -3.10 31.04
C SER F 259 14.41 -3.84 29.73
N THR F 260 13.24 -4.20 29.21
CA THR F 260 13.22 -4.92 27.94
C THR F 260 12.47 -4.18 26.85
N VAL F 261 13.06 -4.19 25.65
CA VAL F 261 12.51 -3.58 24.44
C VAL F 261 12.59 -4.50 23.21
N GLN F 262 11.83 -4.18 22.16
CA GLN F 262 12.05 -4.88 20.90
C GLN F 262 13.13 -4.18 20.09
N CYS F 263 13.09 -2.86 20.13
CA CYS F 263 14.01 -2.09 19.32
C CYS F 263 14.85 -1.15 20.15
N THR F 264 16.06 -0.93 19.68
CA THR F 264 16.98 0.02 20.28
C THR F 264 16.61 1.36 19.73
N HIS F 265 17.19 2.42 20.26
CA HIS F 265 16.96 3.73 19.69
C HIS F 265 17.73 3.79 18.40
N GLY F 266 17.53 4.83 17.62
CA GLY F 266 18.27 4.89 16.38
C GLY F 266 19.68 5.37 16.64
N ILE F 267 20.61 4.83 15.88
CA ILE F 267 22.01 5.21 15.96
C ILE F 267 22.47 5.71 14.61
N ARG F 268 23.16 6.83 14.60
CA ARG F 268 23.65 7.38 13.35
C ARG F 268 24.98 6.71 12.99
N PRO F 269 25.10 6.03 11.84
CA PRO F 269 26.26 5.28 11.41
C PRO F 269 27.37 6.18 10.90
N VAL F 270 27.92 6.97 11.79
CA VAL F 270 28.98 7.91 11.44
C VAL F 270 30.34 7.26 11.42
N VAL F 271 31.09 7.46 10.36
CA VAL F 271 32.43 6.89 10.26
C VAL F 271 33.47 7.98 10.50
N SER F 272 34.24 7.85 11.59
CA SER F 272 35.24 8.86 11.94
C SER F 272 36.31 8.33 12.88
N THR F 273 37.38 9.11 13.03
CA THR F 273 38.48 8.77 13.95
C THR F 273 38.79 9.88 14.96
N GLN F 274 39.53 9.54 16.04
CA GLN F 274 39.96 10.46 17.11
C GLN F 274 38.79 11.00 17.94
N LEU F 275 37.94 11.79 17.30
CA LEU F 275 36.78 12.35 17.96
C LEU F 275 35.60 11.75 17.29
N LEU F 276 34.76 11.10 18.06
CA LEU F 276 33.63 10.45 17.46
C LEU F 276 32.54 11.49 17.39
N LEU F 277 31.67 11.36 16.41
CA LEU F 277 30.67 12.41 16.24
C LEU F 277 29.23 11.96 16.20
N ASN F 278 28.39 12.87 16.67
CA ASN F 278 26.93 12.78 16.66
C ASN F 278 26.41 11.54 17.38
N GLY F 279 27.05 11.14 18.46
CA GLY F 279 26.59 9.99 19.22
C GLY F 279 25.69 10.46 20.33
N SER F 280 25.40 9.57 21.26
CA SER F 280 24.55 9.91 22.38
C SER F 280 25.37 10.53 23.49
N LEU F 281 24.72 11.28 24.35
CA LEU F 281 25.40 11.83 25.50
C LEU F 281 25.08 11.07 26.75
N ALA F 282 26.01 11.12 27.69
CA ALA F 282 25.86 10.54 29.01
C ALA F 282 24.83 11.36 29.76
N GLU F 283 24.10 10.73 30.67
CA GLU F 283 23.06 11.45 31.38
C GLU F 283 23.56 12.57 32.29
N GLU F 284 24.66 12.34 33.00
CA GLU F 284 25.16 13.36 33.92
C GLU F 284 26.64 13.70 33.82
N GLU F 285 27.48 12.67 33.69
CA GLU F 285 28.93 12.84 33.74
C GLU F 285 29.64 12.16 32.60
N ILE F 286 30.86 12.60 32.34
CA ILE F 286 31.72 12.00 31.34
C ILE F 286 32.12 10.62 31.84
N VAL F 287 31.98 9.60 30.98
CA VAL F 287 32.25 8.24 31.41
C VAL F 287 33.34 7.53 30.64
N ILE F 288 34.33 7.05 31.37
CA ILE F 288 35.41 6.26 30.81
C ILE F 288 34.92 4.85 30.69
N ARG F 289 35.09 4.22 29.54
CA ARG F 289 34.56 2.88 29.35
C ARG F 289 35.62 1.91 28.87
N SER F 290 36.85 2.08 29.32
CA SER F 290 37.92 1.21 28.88
C SER F 290 37.72 -0.21 29.32
N GLU F 291 38.09 -1.16 28.46
CA GLU F 291 38.02 -2.55 28.85
C GLU F 291 38.98 -2.77 30.02
N ASN F 292 40.12 -2.10 29.96
CA ASN F 292 41.15 -2.21 30.99
C ASN F 292 42.01 -0.95 31.02
N ILE F 293 41.85 -0.19 32.06
CA ILE F 293 42.50 1.09 32.27
C ILE F 293 44.00 0.97 32.20
N THR F 294 44.51 -0.13 32.71
CA THR F 294 45.92 -0.35 32.81
C THR F 294 46.58 -1.24 31.74
N ASP F 295 45.84 -1.66 30.71
CA ASP F 295 46.41 -2.56 29.68
C ASP F 295 47.35 -1.88 28.65
N ASN F 296 47.02 -0.64 28.28
CA ASN F 296 47.75 0.18 27.30
C ASN F 296 47.72 -0.33 25.87
N ALA F 297 46.84 -1.26 25.58
CA ALA F 297 46.69 -1.72 24.21
C ALA F 297 45.24 -1.65 23.84
N LYS F 298 44.51 -0.86 24.58
CA LYS F 298 43.10 -0.69 24.39
C LYS F 298 42.73 0.76 24.56
N THR F 299 41.64 1.16 23.95
CA THR F 299 41.19 2.52 24.02
C THR F 299 40.37 2.86 25.26
N ILE F 300 40.23 4.14 25.48
CA ILE F 300 39.51 4.74 26.58
C ILE F 300 38.05 4.98 26.26
N ILE F 301 37.81 5.35 25.01
CA ILE F 301 36.51 5.66 24.45
C ILE F 301 35.59 6.38 25.42
N VAL F 302 36.01 7.56 25.82
CA VAL F 302 35.26 8.27 26.81
C VAL F 302 34.11 8.97 26.14
N GLN F 303 32.92 8.90 26.72
CA GLN F 303 31.83 9.62 26.09
C GLN F 303 31.53 10.82 26.92
N LEU F 304 30.99 11.83 26.28
CA LEU F 304 30.70 13.06 26.97
C LEU F 304 29.27 13.17 27.43
N ASN F 305 29.04 14.02 28.42
CA ASN F 305 27.73 14.37 28.93
C ASN F 305 27.24 15.69 28.36
N GLU F 306 28.00 16.22 27.44
CA GLU F 306 27.74 17.48 26.75
C GLU F 306 28.33 17.39 25.38
N ALA F 307 27.62 17.86 24.37
CA ALA F 307 28.21 17.84 23.04
C ALA F 307 28.91 19.14 22.81
N VAL F 308 30.02 19.08 22.09
CA VAL F 308 30.71 20.30 21.73
C VAL F 308 30.63 20.51 20.23
N GLU F 309 30.04 21.61 19.81
CA GLU F 309 29.90 21.82 18.39
C GLU F 309 31.24 22.07 17.73
N ILE F 310 31.42 21.45 16.58
CA ILE F 310 32.56 21.71 15.75
C ILE F 310 32.05 22.06 14.37
N ASN F 311 32.45 23.23 13.89
CA ASN F 311 31.97 23.71 12.61
C ASN F 311 33.05 23.76 11.57
N CYS F 312 32.92 22.89 10.57
CA CYS F 312 33.95 22.83 9.55
C CYS F 312 33.43 23.36 8.23
N THR F 313 34.13 24.33 7.68
CA THR F 313 33.69 24.90 6.43
C THR F 313 34.80 25.01 5.44
N ARG F 314 34.43 24.95 4.19
CA ARG F 314 35.35 25.19 3.12
C ARG F 314 35.40 26.69 2.83
N PRO F 315 36.53 27.28 2.46
CA PRO F 315 36.63 28.67 2.07
C PRO F 315 36.03 28.82 0.68
N ASN F 316 34.71 28.80 0.65
CA ASN F 316 33.97 28.83 -0.59
C ASN F 316 34.38 29.97 -1.46
N ASN F 317 34.47 29.66 -2.74
CA ASN F 317 34.87 30.51 -3.83
C ASN F 317 36.35 30.86 -3.80
N ASN F 318 37.13 30.20 -2.93
CA ASN F 318 38.56 30.39 -2.96
C ASN F 318 39.15 29.35 -3.86
N THR F 319 39.46 29.71 -5.10
CA THR F 319 39.98 28.72 -6.02
C THR F 319 41.39 29.09 -6.38
N ARG F 320 42.32 28.28 -5.95
CA ARG F 320 43.73 28.52 -6.20
C ARG F 320 44.40 27.19 -6.49
N LYS F 321 45.34 27.17 -7.40
CA LYS F 321 45.98 25.92 -7.72
C LYS F 321 47.48 26.01 -7.58
N SER F 322 48.09 24.90 -7.18
CA SER F 322 49.52 24.84 -7.11
C SER F 322 50.05 24.57 -8.50
N ILE F 323 51.33 24.82 -8.69
CA ILE F 323 51.94 24.54 -9.96
C ILE F 323 53.17 23.70 -9.76
N HIS F 324 53.60 23.04 -10.82
CA HIS F 324 54.80 22.24 -10.82
C HIS F 324 55.71 22.47 -9.63
N ASN F 340 44.81 27.08 -1.62
CA ASN F 340 44.54 26.14 -2.69
C ASN F 340 43.03 25.92 -2.80
N ILE F 341 42.64 24.79 -3.39
CA ILE F 341 41.25 24.36 -3.47
C ILE F 341 40.90 23.42 -2.32
N ARG F 342 41.77 22.45 -2.11
CA ARG F 342 41.57 21.42 -1.10
C ARG F 342 41.98 21.90 0.29
N GLN F 343 41.08 22.70 0.86
CA GLN F 343 41.27 23.28 2.19
C GLN F 343 39.97 23.42 2.92
N ALA F 344 40.03 23.29 4.23
CA ALA F 344 38.88 23.53 5.09
C ALA F 344 39.35 24.01 6.46
N HIS F 345 38.46 24.66 7.20
CA HIS F 345 38.80 25.12 8.54
C HIS F 345 37.78 24.71 9.57
N CYS F 346 38.24 24.14 10.67
CA CYS F 346 37.30 23.73 11.72
C CYS F 346 37.44 24.54 12.98
N ASN F 347 36.33 25.11 13.41
CA ASN F 347 36.30 25.97 14.59
C ASN F 347 35.61 25.33 15.78
N ILE F 348 36.38 25.23 16.86
CA ILE F 348 35.99 24.63 18.13
C ILE F 348 35.92 25.70 19.22
N SER F 349 34.80 25.82 19.93
CA SER F 349 34.79 26.83 20.99
C SER F 349 35.89 26.52 21.97
N LYS F 350 36.70 27.51 22.33
CA LYS F 350 37.76 27.14 23.24
C LYS F 350 37.19 26.93 24.60
N ALA F 351 36.11 27.64 24.93
CA ALA F 351 35.55 27.50 26.26
C ALA F 351 35.03 26.11 26.48
N ARG F 352 34.38 25.56 25.48
CA ARG F 352 33.84 24.25 25.69
C ARG F 352 34.96 23.24 25.78
N TRP F 353 35.99 23.43 24.98
CA TRP F 353 37.08 22.50 25.00
C TRP F 353 37.75 22.51 26.36
N ASN F 354 37.98 23.71 26.93
CA ASN F 354 38.64 23.83 28.21
C ASN F 354 37.85 23.15 29.31
N GLU F 355 36.53 23.33 29.29
CA GLU F 355 35.69 22.75 30.31
C GLU F 355 35.70 21.24 30.22
N THR F 356 35.65 20.77 28.98
CA THR F 356 35.60 19.35 28.70
C THR F 356 36.87 18.70 29.15
N LEU F 357 38.02 19.30 28.86
CA LEU F 357 39.25 18.69 29.25
C LEU F 357 39.46 18.75 30.74
N GLY F 358 39.02 19.82 31.40
CA GLY F 358 39.20 19.86 32.84
C GLY F 358 38.43 18.69 33.49
N GLN F 359 37.22 18.43 33.00
CA GLN F 359 36.43 17.35 33.55
C GLN F 359 37.05 15.99 33.24
N ILE F 360 37.60 15.83 32.03
CA ILE F 360 38.23 14.58 31.66
C ILE F 360 39.45 14.32 32.49
N VAL F 361 40.28 15.32 32.70
CA VAL F 361 41.45 15.04 33.48
C VAL F 361 41.06 14.74 34.89
N ALA F 362 40.01 15.36 35.43
CA ALA F 362 39.66 14.98 36.78
C ALA F 362 39.37 13.47 36.87
N LYS F 363 38.71 12.91 35.86
CA LYS F 363 38.44 11.48 35.91
C LYS F 363 39.72 10.66 35.70
N LEU F 364 40.61 11.14 34.85
CA LEU F 364 41.85 10.40 34.64
C LEU F 364 42.68 10.43 35.91
N GLU F 365 42.65 11.54 36.64
CA GLU F 365 43.36 11.69 37.89
C GLU F 365 42.80 10.71 38.90
N GLU F 366 41.50 10.48 38.90
CA GLU F 366 40.97 9.50 39.83
C GLU F 366 41.58 8.12 39.57
N GLN F 367 41.75 7.79 38.28
CA GLN F 367 42.35 6.50 37.93
C GLN F 367 43.86 6.48 38.18
N PHE F 368 44.49 7.63 38.03
CA PHE F 368 45.92 7.77 38.22
C PHE F 368 46.21 8.91 39.21
N PRO F 369 45.90 8.73 40.51
CA PRO F 369 45.86 9.74 41.57
C PRO F 369 47.17 10.43 41.92
N ASN F 370 48.30 9.85 41.56
CA ASN F 370 49.56 10.47 41.89
C ASN F 370 50.26 10.99 40.65
N LYS F 371 49.54 11.14 39.54
CA LYS F 371 50.19 11.59 38.33
C LYS F 371 49.56 12.80 37.65
N THR F 372 50.39 13.51 36.90
CA THR F 372 50.04 14.65 36.07
C THR F 372 49.46 14.15 34.76
N ILE F 373 48.45 14.83 34.23
CA ILE F 373 47.91 14.38 32.95
C ILE F 373 48.40 15.26 31.81
N ILE F 374 49.09 14.66 30.85
CA ILE F 374 49.60 15.41 29.71
C ILE F 374 49.04 14.84 28.42
N PHE F 375 48.71 15.72 27.50
CA PHE F 375 48.17 15.33 26.23
C PHE F 375 49.15 15.63 25.13
N ASN F 376 49.14 14.77 24.14
CA ASN F 376 50.03 14.91 23.00
C ASN F 376 49.33 14.50 21.72
N HIS F 377 50.05 14.67 20.61
CA HIS F 377 49.61 14.27 19.27
C HIS F 377 50.05 12.84 19.01
N SER F 378 49.73 12.28 17.86
CA SER F 378 50.08 10.89 17.60
C SER F 378 51.57 10.72 17.41
N SER F 379 52.03 9.47 17.52
CA SER F 379 53.45 9.12 17.36
C SER F 379 53.82 8.75 15.93
N GLY F 380 52.79 8.60 15.10
CA GLY F 380 52.93 8.20 13.72
C GLY F 380 51.84 7.22 13.33
N GLY F 381 51.82 6.85 12.06
CA GLY F 381 50.81 5.96 11.53
C GLY F 381 50.12 6.55 10.32
N ASP F 382 49.13 5.85 9.84
CA ASP F 382 48.36 6.25 8.67
C ASP F 382 47.67 7.60 8.93
N PRO F 383 47.54 8.49 7.93
CA PRO F 383 46.90 9.79 8.03
C PRO F 383 45.51 9.77 8.65
N GLU F 384 44.75 8.70 8.47
CA GLU F 384 43.41 8.60 9.03
C GLU F 384 43.39 8.57 10.54
N ILE F 385 44.51 8.20 11.13
CA ILE F 385 44.69 8.13 12.55
C ILE F 385 45.41 9.33 13.06
N VAL F 386 46.42 9.76 12.32
CA VAL F 386 47.23 10.87 12.76
C VAL F 386 46.39 12.13 12.83
N THR F 387 45.59 12.37 11.81
CA THR F 387 44.69 13.50 11.80
C THR F 387 43.28 13.03 12.03
N HIS F 388 42.38 13.94 12.32
CA HIS F 388 41.01 13.57 12.51
C HIS F 388 40.38 13.30 11.17
N SER F 389 39.64 12.22 11.05
CA SER F 389 39.01 11.93 9.77
C SER F 389 37.51 11.87 9.84
N PHE F 390 36.89 12.48 8.85
CA PHE F 390 35.42 12.49 8.69
C PHE F 390 35.04 12.78 7.27
N ASN F 391 33.76 12.65 6.97
CA ASN F 391 33.32 12.98 5.64
C ASN F 391 31.94 13.59 5.62
N CYS F 392 31.69 14.40 4.58
CA CYS F 392 30.41 15.04 4.32
C CYS F 392 30.14 15.05 2.85
N GLY F 393 29.00 14.56 2.42
CA GLY F 393 28.83 14.51 0.99
C GLY F 393 29.91 13.53 0.58
N GLY F 394 30.52 13.75 -0.57
CA GLY F 394 31.54 12.83 -1.04
C GLY F 394 32.94 13.26 -0.61
N GLU F 395 33.03 14.28 0.24
CA GLU F 395 34.34 14.78 0.60
C GLU F 395 34.89 14.14 1.86
N PHE F 396 36.14 13.73 1.79
CA PHE F 396 36.84 13.11 2.90
C PHE F 396 37.86 14.09 3.47
N PHE F 397 37.65 14.48 4.72
CA PHE F 397 38.42 15.50 5.38
C PHE F 397 39.42 14.95 6.35
N TYR F 398 40.57 15.58 6.38
CA TYR F 398 41.63 15.29 7.33
C TYR F 398 41.97 16.54 8.11
N CYS F 399 41.79 16.52 9.43
CA CYS F 399 42.06 17.73 10.19
C CYS F 399 43.14 17.57 11.24
N ASN F 400 43.99 18.56 11.31
CA ASN F 400 45.09 18.57 12.26
C ASN F 400 44.64 19.06 13.63
N THR F 401 44.54 18.11 14.56
CA THR F 401 44.02 18.32 15.90
C THR F 401 45.07 18.68 16.90
N THR F 402 46.30 18.89 16.44
CA THR F 402 47.38 19.26 17.35
C THR F 402 46.96 20.37 18.32
N PRO F 403 46.30 21.48 17.89
CA PRO F 403 45.89 22.59 18.73
C PRO F 403 44.99 22.21 19.89
N LEU F 404 44.35 21.05 19.80
CA LEU F 404 43.46 20.58 20.83
C LEU F 404 44.14 19.74 21.90
N PHE F 405 45.34 19.20 21.62
CA PHE F 405 45.96 18.26 22.55
C PHE F 405 47.44 18.49 22.84
N ASN F 406 47.79 19.60 23.46
CA ASN F 406 49.19 19.83 23.84
C ASN F 406 49.31 20.25 25.30
N SER F 407 48.21 20.12 26.04
CA SER F 407 48.10 20.53 27.42
C SER F 407 48.83 19.61 28.40
N THR F 408 49.08 20.13 29.60
CA THR F 408 49.34 19.22 30.75
C THR F 408 48.59 19.68 32.00
N TRP F 409 47.50 19.00 32.34
CA TRP F 409 46.79 19.34 33.59
C TRP F 409 47.46 18.57 34.74
N ASN F 410 47.64 19.22 35.89
CA ASN F 410 48.07 18.49 37.12
C ASN F 410 47.25 19.02 38.29
N ASN F 411 47.39 20.32 38.57
CA ASN F 411 46.56 20.94 39.62
C ASN F 411 45.26 21.34 38.93
N THR F 412 44.70 20.44 38.11
CA THR F 412 43.50 20.77 37.33
C THR F 412 43.74 22.12 36.66
N ARG F 413 44.98 22.40 36.29
CA ARG F 413 45.18 23.67 35.63
C ARG F 413 46.31 23.56 34.63
N THR F 414 46.13 24.12 33.45
CA THR F 414 47.23 24.08 32.49
C THR F 414 47.73 25.41 31.94
N ASP F 415 46.85 26.40 31.82
CA ASP F 415 47.16 27.62 31.09
C ASP F 415 47.60 27.23 29.66
N ASP F 416 47.05 26.14 29.15
CA ASP F 416 47.56 25.68 27.84
C ASP F 416 47.11 26.76 26.87
N TYR F 417 45.90 27.25 27.10
CA TYR F 417 45.39 28.37 26.28
C TYR F 417 45.72 29.62 27.09
N PRO F 418 46.48 30.58 26.54
CA PRO F 418 46.93 31.73 27.33
C PRO F 418 45.84 32.71 27.76
N THR F 419 44.64 32.21 28.07
CA THR F 419 43.41 33.03 27.91
C THR F 419 43.57 33.81 26.61
N GLY F 420 43.84 33.12 25.50
CA GLY F 420 44.09 33.80 24.20
C GLY F 420 42.96 34.71 23.77
N GLY F 421 41.78 34.58 24.39
CA GLY F 421 40.65 35.47 24.08
C GLY F 421 40.22 35.33 22.63
N GLU F 422 40.93 34.52 21.85
CA GLU F 422 40.43 34.22 20.50
C GLU F 422 39.07 33.55 20.51
N GLN F 423 38.85 32.73 21.53
CA GLN F 423 37.63 31.96 21.76
C GLN F 423 37.42 30.84 20.77
N ASN F 424 38.38 30.60 19.91
CA ASN F 424 38.26 29.59 18.87
C ASN F 424 39.55 28.83 18.65
N ILE F 425 39.47 27.55 18.78
CA ILE F 425 40.61 26.75 18.48
C ILE F 425 40.34 26.39 17.05
N THR F 426 41.29 26.63 16.17
CA THR F 426 40.99 26.35 14.79
C THR F 426 41.89 25.29 14.25
N LEU F 427 41.34 24.41 13.43
CA LEU F 427 42.14 23.37 12.85
C LEU F 427 42.34 23.61 11.39
N GLN F 428 43.51 23.26 10.91
CA GLN F 428 43.76 23.29 9.47
C GLN F 428 43.37 21.95 8.91
N CYS F 429 42.54 21.97 7.89
CA CYS F 429 42.08 20.74 7.28
C CYS F 429 42.36 20.69 5.80
N ARG F 430 42.45 19.46 5.29
CA ARG F 430 42.61 19.20 3.87
C ARG F 430 41.59 18.18 3.41
N ILE F 431 41.29 18.23 2.13
CA ILE F 431 40.38 17.28 1.53
C ILE F 431 41.23 16.42 0.62
N LYS F 432 41.12 15.11 0.75
CA LYS F 432 41.97 14.21 -0.03
C LYS F 432 41.20 13.39 -1.05
N GLN F 433 41.89 12.94 -2.11
CA GLN F 433 41.27 12.06 -3.06
C GLN F 433 41.68 10.62 -2.85
N ILE F 434 42.91 10.40 -2.38
CA ILE F 434 43.36 9.03 -2.15
C ILE F 434 43.46 8.80 -0.67
N ILE F 435 42.68 7.85 -0.19
CA ILE F 435 42.58 7.58 1.23
C ILE F 435 42.77 6.10 1.53
N ASN F 436 43.11 5.74 2.76
CA ASN F 436 43.16 4.33 3.12
C ASN F 436 41.75 3.92 3.44
N MET F 437 41.36 2.72 3.05
CA MET F 437 40.02 2.30 3.37
C MET F 437 39.92 1.86 4.80
N TRP F 438 38.77 2.09 5.43
CA TRP F 438 38.56 1.57 6.78
C TRP F 438 38.05 0.15 6.73
N GLN F 439 37.60 -0.26 5.56
CA GLN F 439 36.97 -1.54 5.36
C GLN F 439 37.97 -2.66 5.06
N GLY F 440 38.76 -2.98 6.04
CA GLY F 440 39.80 -3.99 5.89
C GLY F 440 40.99 -3.37 5.20
N VAL F 441 42.00 -4.15 4.87
CA VAL F 441 43.18 -3.54 4.27
C VAL F 441 43.00 -3.30 2.79
N GLY F 442 43.26 -2.07 2.38
CA GLY F 442 43.16 -1.66 1.00
C GLY F 442 43.18 -0.15 0.87
N LYS F 443 43.29 0.33 -0.37
CA LYS F 443 43.37 1.76 -0.68
C LYS F 443 42.33 2.18 -1.71
N ALA F 444 41.86 3.44 -1.65
CA ALA F 444 40.90 3.86 -2.67
C ALA F 444 41.00 5.32 -3.07
N MET F 445 40.68 5.57 -4.34
CA MET F 445 40.67 6.91 -4.89
C MET F 445 39.30 7.36 -5.33
N TYR F 446 38.98 8.56 -4.93
CA TYR F 446 37.73 9.23 -5.26
C TYR F 446 37.95 10.40 -6.20
N ALA F 447 36.90 10.79 -6.89
CA ALA F 447 36.97 11.92 -7.81
C ALA F 447 37.30 13.21 -7.02
N PRO F 448 37.96 14.23 -7.66
CA PRO F 448 38.32 15.54 -7.11
C PRO F 448 37.09 16.28 -6.58
N PRO F 449 37.27 17.32 -5.74
CA PRO F 449 36.26 18.10 -5.01
C PRO F 449 35.18 18.80 -5.82
N ILE F 450 34.06 18.98 -5.16
CA ILE F 450 32.88 19.71 -5.64
C ILE F 450 33.25 21.18 -5.73
N ARG F 451 32.85 21.87 -6.78
CA ARG F 451 33.24 23.28 -6.97
C ARG F 451 32.60 24.36 -6.07
N GLY F 452 31.55 24.01 -5.34
CA GLY F 452 30.85 24.97 -4.49
C GLY F 452 31.22 24.90 -3.01
N GLN F 453 30.26 25.24 -2.15
CA GLN F 453 30.49 25.29 -0.72
C GLN F 453 30.14 24.01 -0.02
N ILE F 454 31.06 23.56 0.82
CA ILE F 454 30.89 22.37 1.63
C ILE F 454 30.94 22.74 3.10
N ARG F 455 29.97 22.25 3.86
CA ARG F 455 29.89 22.49 5.29
C ARG F 455 29.56 21.24 6.05
N CYS F 456 30.18 21.08 7.20
CA CYS F 456 29.87 20.00 8.12
C CYS F 456 29.54 20.63 9.47
N SER F 457 28.54 20.11 10.13
CA SER F 457 28.18 20.60 11.45
C SER F 457 28.04 19.43 12.36
N SER F 458 29.00 19.26 13.25
CA SER F 458 28.96 18.04 14.05
C SER F 458 29.06 18.24 15.53
N ASN F 459 28.59 17.24 16.25
CA ASN F 459 28.64 17.21 17.71
C ASN F 459 29.75 16.31 18.22
N ILE F 460 30.74 16.87 18.89
CA ILE F 460 31.74 15.98 19.43
C ILE F 460 31.07 15.38 20.62
N THR F 461 30.98 14.06 20.64
CA THR F 461 30.29 13.40 21.73
C THR F 461 31.18 12.43 22.48
N GLY F 462 32.45 12.40 22.12
CA GLY F 462 33.37 11.49 22.76
C GLY F 462 34.74 11.46 22.11
N LEU F 463 35.69 10.90 22.85
CA LEU F 463 37.06 10.84 22.40
C LEU F 463 37.65 9.44 22.51
N LEU F 464 38.21 8.99 21.41
CA LEU F 464 38.79 7.67 21.35
C LEU F 464 40.22 7.79 21.77
N LEU F 465 40.42 8.20 22.99
CA LEU F 465 41.74 8.47 23.48
C LEU F 465 42.47 7.22 23.81
N THR F 466 43.78 7.27 23.73
CA THR F 466 44.56 6.17 24.24
C THR F 466 45.58 6.69 25.22
N ARG F 467 46.35 5.77 25.77
CA ARG F 467 47.36 6.08 26.76
C ARG F 467 48.66 5.37 26.40
N ASP F 468 49.78 5.97 26.80
CA ASP F 468 51.10 5.42 26.55
C ASP F 468 51.39 4.27 27.51
N GLY F 469 52.57 3.66 27.38
CA GLY F 469 52.92 2.51 28.21
C GLY F 469 52.94 2.91 29.67
N GLY F 470 53.75 3.92 29.98
CA GLY F 470 53.86 4.45 31.33
C GLY F 470 54.95 3.81 32.17
N ARG F 471 55.51 2.69 31.70
CA ARG F 471 56.52 1.94 32.44
C ARG F 471 57.75 2.73 32.83
N ASP F 472 58.18 3.64 31.97
CA ASP F 472 59.35 4.46 32.17
C ASP F 472 59.00 5.90 32.55
N GLN F 473 57.77 6.15 32.97
CA GLN F 473 57.40 7.50 33.30
C GLN F 473 57.49 7.75 34.77
N ASN F 474 57.68 9.00 35.13
CA ASN F 474 57.80 9.36 36.53
C ASN F 474 56.89 10.51 36.95
N GLY F 475 55.72 10.16 37.46
CA GLY F 475 54.74 11.13 37.92
C GLY F 475 53.79 11.70 36.86
N THR F 476 53.93 11.25 35.62
CA THR F 476 53.10 11.74 34.53
C THR F 476 52.58 10.63 33.63
N GLU F 477 51.33 10.76 33.21
CA GLU F 477 50.74 9.86 32.22
C GLU F 477 50.45 10.62 30.95
N THR F 478 50.75 10.01 29.81
CA THR F 478 50.51 10.67 28.54
C THR F 478 49.41 10.05 27.73
N PHE F 479 48.52 10.93 27.29
CA PHE F 479 47.37 10.55 26.50
C PHE F 479 47.49 11.12 25.11
N ARG F 480 46.97 10.38 24.15
CA ARG F 480 46.99 10.79 22.75
C ARG F 480 45.65 10.49 22.10
N PRO F 481 45.08 11.39 21.30
CA PRO F 481 43.83 11.21 20.60
C PRO F 481 43.90 10.28 19.42
N GLY F 482 45.10 10.03 18.92
CA GLY F 482 45.13 9.23 17.72
C GLY F 482 44.62 7.86 18.04
N GLY F 483 43.74 7.35 17.21
CA GLY F 483 43.20 6.03 17.40
C GLY F 483 41.75 5.87 16.99
N GLY F 484 41.33 4.62 16.97
CA GLY F 484 40.00 4.24 16.61
C GLY F 484 39.90 3.53 15.30
N ASN F 485 38.86 2.75 15.20
CA ASN F 485 38.52 2.00 14.02
C ASN F 485 37.03 1.88 14.13
N MET F 486 36.40 1.29 13.16
CA MET F 486 34.98 1.30 13.29
C MET F 486 34.36 0.41 14.35
N ARG F 487 35.01 -0.66 14.74
CA ARG F 487 34.31 -1.47 15.71
C ARG F 487 34.19 -0.73 17.02
N ASP F 488 35.23 0.05 17.35
CA ASP F 488 35.25 0.81 18.58
C ASP F 488 34.15 1.84 18.57
N ASN F 489 33.91 2.44 17.41
CA ASN F 489 32.88 3.45 17.39
C ASN F 489 31.52 2.88 17.69
N TRP F 490 31.27 1.66 17.28
CA TRP F 490 29.97 1.08 17.55
C TRP F 490 29.88 0.55 18.97
N ARG F 491 30.98 0.09 19.53
CA ARG F 491 30.91 -0.40 20.89
C ARG F 491 30.46 0.71 21.82
N SER F 492 30.89 1.92 21.55
CA SER F 492 30.50 3.06 22.36
C SER F 492 29.03 3.42 22.25
N GLU F 493 28.33 2.88 21.26
CA GLU F 493 26.91 3.17 21.09
C GLU F 493 26.03 1.98 21.48
N LEU F 494 26.54 0.77 21.28
CA LEU F 494 25.76 -0.45 21.50
C LEU F 494 25.90 -1.08 22.88
N TYR F 495 26.71 -0.49 23.74
CA TYR F 495 26.98 -1.04 25.07
C TYR F 495 25.77 -1.20 25.94
N LYS F 496 24.72 -0.48 25.65
CA LYS F 496 23.54 -0.55 26.46
C LYS F 496 22.64 -1.71 26.13
N TYR F 497 22.89 -2.41 25.02
CA TYR F 497 21.91 -3.44 24.66
C TYR F 497 22.44 -4.86 24.51
N LYS F 498 21.63 -5.82 24.97
CA LYS F 498 21.96 -7.26 24.88
C LYS F 498 20.76 -8.06 24.36
N VAL F 499 20.99 -9.07 23.51
CA VAL F 499 19.81 -9.83 23.06
C VAL F 499 19.83 -11.23 23.65
N VAL F 500 18.69 -11.56 24.25
CA VAL F 500 18.50 -12.81 24.95
C VAL F 500 17.21 -13.50 24.56
N LYS F 501 17.08 -14.76 24.95
CA LYS F 501 15.81 -15.46 24.80
C LYS F 501 15.47 -16.21 26.07
N ILE F 502 14.18 -16.30 26.34
CA ILE F 502 13.69 -17.06 27.49
C ILE F 502 13.48 -18.50 27.21
N GLU F 503 13.97 -19.29 28.14
CA GLU F 503 13.88 -20.72 28.14
C GLU F 503 12.97 -21.07 29.30
N PRO F 504 11.67 -21.23 29.08
CA PRO F 504 10.64 -21.33 30.09
C PRO F 504 10.66 -22.61 30.91
N LEU F 505 11.42 -23.61 30.52
CA LEU F 505 11.38 -24.85 31.28
C LEU F 505 12.48 -24.93 32.33
N GLY F 506 12.09 -25.00 33.61
CA GLY F 506 13.09 -25.07 34.68
C GLY F 506 12.77 -26.15 35.71
N ILE F 507 13.75 -26.46 36.54
CA ILE F 507 13.64 -27.47 37.58
C ILE F 507 14.03 -27.00 38.96
N ALA F 508 13.26 -27.40 39.96
CA ALA F 508 13.59 -27.13 41.35
C ALA F 508 13.04 -28.29 42.16
N PRO F 509 13.64 -28.69 43.27
CA PRO F 509 13.09 -29.67 44.17
C PRO F 509 11.96 -29.10 45.00
N THR F 510 11.03 -29.96 45.42
CA THR F 510 9.99 -29.57 46.38
C THR F 510 9.46 -30.75 47.20
N ALA F 511 8.39 -30.49 47.95
CA ALA F 511 7.82 -31.45 48.88
C ALA F 511 6.73 -32.38 48.33
N CYS F 512 6.35 -32.26 47.07
CA CYS F 512 5.27 -33.08 46.54
C CYS F 512 5.79 -34.40 46.05
N LYS F 513 4.94 -35.41 46.02
CA LYS F 513 5.30 -36.65 45.36
C LYS F 513 4.23 -37.02 44.34
N ARG F 514 4.62 -37.61 43.21
CA ARG F 514 3.62 -38.07 42.28
C ARG F 514 3.08 -39.40 42.76
N ARG F 515 1.77 -39.57 42.68
CA ARG F 515 1.21 -40.85 43.07
C ARG F 515 1.50 -41.85 41.99
N VAL F 516 2.03 -43.01 42.37
CA VAL F 516 2.30 -44.06 41.42
C VAL F 516 1.71 -45.38 41.89
N GLU G 1 31.02 6.01 -30.10
CA GLU G 1 31.47 6.58 -28.84
C GLU G 1 31.76 8.06 -29.00
N LEU G 2 32.64 8.59 -28.15
CA LEU G 2 33.01 9.98 -28.27
C LEU G 2 34.04 10.13 -29.37
N GLU G 3 33.73 11.00 -30.32
CA GLU G 3 34.57 11.29 -31.46
C GLU G 3 34.69 12.79 -31.60
N LEU G 4 35.80 13.24 -32.19
CA LEU G 4 35.98 14.67 -32.38
C LEU G 4 36.07 15.01 -33.84
N THR G 5 35.16 15.87 -34.27
CA THR G 5 35.12 16.34 -35.64
C THR G 5 35.61 17.79 -35.66
N GLN G 6 36.61 18.04 -36.46
CA GLN G 6 37.18 19.38 -36.54
C GLN G 6 36.76 20.11 -37.83
N SER G 7 37.22 21.36 -37.96
CA SER G 7 36.98 22.23 -39.09
C SER G 7 37.68 21.61 -40.33
N PRO G 8 37.54 22.15 -41.57
CA PRO G 8 38.10 21.62 -42.83
C PRO G 8 39.60 21.34 -42.80
N ALA G 9 40.32 21.96 -41.86
CA ALA G 9 41.76 21.82 -41.67
C ALA G 9 42.62 22.46 -42.73
N THR G 10 42.00 23.34 -43.49
CA THR G 10 42.64 24.14 -44.51
C THR G 10 42.15 25.55 -44.28
N LEU G 11 42.64 26.20 -43.24
CA LEU G 11 42.05 27.48 -42.89
C LEU G 11 42.89 28.56 -43.52
N SER G 12 42.36 29.23 -44.53
CA SER G 12 43.16 30.25 -45.20
C SER G 12 43.02 31.57 -44.46
N VAL G 13 44.12 32.01 -43.87
CA VAL G 13 44.13 33.22 -43.06
C VAL G 13 45.43 33.99 -43.18
N SER G 14 45.36 35.30 -43.26
CA SER G 14 46.58 36.08 -43.31
C SER G 14 47.09 36.36 -41.93
N PRO G 15 48.38 36.62 -41.74
CA PRO G 15 48.91 37.03 -40.48
C PRO G 15 48.26 38.35 -40.18
N GLY G 16 47.94 38.56 -38.92
CA GLY G 16 47.29 39.76 -38.43
C GLY G 16 45.78 39.58 -38.35
N GLU G 17 45.25 38.52 -38.98
CA GLU G 17 43.83 38.25 -38.97
C GLU G 17 43.47 37.31 -37.85
N ARG G 18 42.19 37.26 -37.50
CA ARG G 18 41.76 36.35 -36.46
C ARG G 18 41.25 35.04 -37.04
N ALA G 19 41.98 33.95 -36.80
CA ALA G 19 41.62 32.65 -37.35
C ALA G 19 40.54 32.01 -36.48
N THR G 20 39.56 31.31 -37.07
CA THR G 20 38.59 30.58 -36.25
C THR G 20 38.65 29.09 -36.51
N LEU G 21 38.85 28.34 -35.44
CA LEU G 21 39.00 26.91 -35.42
C LEU G 21 37.85 26.33 -34.58
N SER G 22 37.55 25.04 -34.79
CA SER G 22 36.43 24.45 -34.05
C SER G 22 36.68 23.01 -33.66
N CYS G 23 35.89 22.54 -32.72
CA CYS G 23 35.96 21.21 -32.16
C CYS G 23 34.58 20.69 -31.76
N ARG G 24 34.05 19.77 -32.56
CA ARG G 24 32.73 19.22 -32.33
C ARG G 24 32.78 17.83 -31.74
N ALA G 25 31.97 17.59 -30.72
CA ALA G 25 31.96 16.27 -30.12
C ALA G 25 30.77 15.44 -30.58
N SER G 26 30.97 14.13 -30.68
CA SER G 26 29.83 13.24 -30.96
C SER G 26 28.94 13.01 -29.73
N GLU G 27 29.48 13.31 -28.56
CA GLU G 27 28.82 13.13 -27.26
C GLU G 27 29.13 14.37 -26.44
N SER G 28 28.31 14.70 -25.45
CA SER G 28 28.61 15.86 -24.63
C SER G 28 29.92 15.69 -23.86
N VAL G 29 30.66 16.78 -23.78
CA VAL G 29 31.93 16.90 -23.08
C VAL G 29 31.85 18.14 -22.18
N SER G 30 32.40 18.07 -20.99
CA SER G 30 32.40 19.25 -20.11
C SER G 30 33.60 20.07 -20.51
N SER G 31 34.08 20.94 -19.64
CA SER G 31 35.23 21.79 -20.00
C SER G 31 36.51 20.97 -19.79
N ASP G 32 36.61 19.90 -20.56
CA ASP G 32 37.65 18.90 -20.54
C ASP G 32 38.43 18.84 -21.82
N LEU G 33 38.52 19.98 -22.46
CA LEU G 33 39.24 20.08 -23.69
C LEU G 33 40.62 20.62 -23.55
N ALA G 34 41.45 20.14 -24.42
CA ALA G 34 42.80 20.60 -24.50
C ALA G 34 43.13 20.97 -25.92
N TRP G 35 43.64 22.18 -26.13
CA TRP G 35 44.01 22.61 -27.46
C TRP G 35 45.51 22.67 -27.56
N TYR G 36 46.05 22.09 -28.62
CA TYR G 36 47.49 21.98 -28.81
C TYR G 36 47.96 22.60 -30.11
N GLN G 37 49.20 23.09 -30.12
CA GLN G 37 49.82 23.67 -31.31
C GLN G 37 51.04 22.87 -31.79
N GLN G 38 50.87 22.11 -32.88
CA GLN G 38 51.93 21.25 -33.41
C GLN G 38 52.68 21.84 -34.59
N LYS G 39 53.98 21.89 -34.46
CA LYS G 39 54.82 22.40 -35.52
C LYS G 39 55.58 21.17 -35.99
N PRO G 40 56.00 21.08 -37.25
CA PRO G 40 56.76 19.96 -37.73
C PRO G 40 58.02 19.76 -36.92
N GLY G 41 58.24 18.54 -36.45
CA GLY G 41 59.43 18.21 -35.68
C GLY G 41 59.33 18.64 -34.21
N GLN G 42 58.22 19.23 -33.81
CA GLN G 42 58.07 19.74 -32.46
C GLN G 42 57.03 18.99 -31.65
N ALA G 43 57.14 19.11 -30.33
CA ALA G 43 56.12 18.53 -29.49
C ALA G 43 54.82 19.29 -29.69
N PRO G 44 53.67 18.62 -29.62
CA PRO G 44 52.35 19.21 -29.73
C PRO G 44 51.98 19.90 -28.44
N ARG G 45 52.61 21.03 -28.19
CA ARG G 45 52.45 21.79 -26.95
C ARG G 45 51.03 22.23 -26.65
N LEU G 46 50.63 22.11 -25.38
CA LEU G 46 49.31 22.54 -24.95
C LEU G 46 49.22 24.03 -24.76
N LEU G 47 48.24 24.65 -25.41
CA LEU G 47 48.05 26.07 -25.25
C LEU G 47 46.78 26.40 -24.45
N ILE G 48 45.70 25.65 -24.67
CA ILE G 48 44.48 25.93 -23.88
C ILE G 48 44.06 24.73 -23.09
N TYR G 49 43.90 24.99 -21.82
CA TYR G 49 43.58 24.03 -20.80
C TYR G 49 42.11 24.07 -20.30
N GLY G 50 41.35 23.00 -20.46
CA GLY G 50 40.00 23.01 -19.88
C GLY G 50 39.05 23.83 -20.70
N ALA G 51 39.23 23.76 -22.00
CA ALA G 51 38.47 24.49 -23.01
C ALA G 51 38.85 25.97 -23.06
N SER G 52 38.99 26.64 -21.91
CA SER G 52 39.26 28.09 -21.91
C SER G 52 40.51 28.63 -21.17
N THR G 53 41.24 27.86 -20.38
CA THR G 53 42.33 28.46 -19.59
C THR G 53 43.67 28.53 -20.32
N ARG G 54 44.35 29.66 -20.29
CA ARG G 54 45.67 29.66 -20.94
C ARG G 54 46.52 28.65 -20.17
N ALA G 55 47.18 27.77 -20.90
CA ALA G 55 47.95 26.68 -20.32
C ALA G 55 49.29 27.06 -19.70
N THR G 56 49.68 28.34 -19.82
CA THR G 56 50.92 28.96 -19.31
C THR G 56 51.97 29.14 -20.39
N GLY G 57 52.38 30.41 -20.54
CA GLY G 57 53.37 30.80 -21.55
C GLY G 57 52.71 30.90 -22.91
N VAL G 58 51.41 31.06 -22.89
CA VAL G 58 50.56 31.12 -24.04
C VAL G 58 50.09 32.54 -24.25
N PRO G 59 50.33 33.16 -25.41
CA PRO G 59 49.92 34.51 -25.76
C PRO G 59 48.41 34.63 -25.66
N ALA G 60 47.95 35.82 -25.31
CA ALA G 60 46.52 36.14 -25.15
C ALA G 60 45.79 36.02 -26.48
N ARG G 61 46.57 36.02 -27.55
CA ARG G 61 46.07 35.92 -28.91
C ARG G 61 45.31 34.62 -29.06
N PHE G 62 45.77 33.59 -28.35
CA PHE G 62 45.24 32.28 -28.51
C PHE G 62 44.22 31.99 -27.40
N SER G 63 42.94 31.96 -27.73
CA SER G 63 41.93 31.78 -26.71
C SER G 63 40.70 31.07 -27.24
N GLY G 64 39.87 30.57 -26.34
CA GLY G 64 38.67 29.87 -26.79
C GLY G 64 37.70 29.61 -25.66
N SER G 65 36.63 28.92 -26.01
CA SER G 65 35.52 28.61 -25.10
C SER G 65 34.62 27.53 -25.68
N GLY G 66 33.69 27.04 -24.86
CA GLY G 66 32.70 26.10 -25.39
C GLY G 66 32.06 25.25 -24.32
N SER G 67 31.07 24.46 -24.73
CA SER G 67 30.35 23.57 -23.83
C SER G 67 29.62 22.49 -24.60
N GLY G 68 29.13 21.47 -23.91
CA GLY G 68 28.30 20.49 -24.59
C GLY G 68 29.13 19.80 -25.66
N ALA G 69 28.67 19.88 -26.89
CA ALA G 69 29.42 19.23 -27.95
C ALA G 69 29.99 20.25 -28.93
N GLU G 70 29.98 21.53 -28.56
CA GLU G 70 30.50 22.55 -29.48
C GLU G 70 31.49 23.51 -28.85
N PHE G 71 32.74 23.41 -29.29
CA PHE G 71 33.79 24.24 -28.74
C PHE G 71 34.56 24.94 -29.84
N THR G 72 35.06 26.14 -29.53
CA THR G 72 35.88 26.86 -30.48
C THR G 72 37.15 27.47 -29.94
N LEU G 73 38.03 27.74 -30.87
CA LEU G 73 39.30 28.39 -30.70
C LEU G 73 39.51 29.51 -31.69
N THR G 74 39.91 30.67 -31.22
CA THR G 74 40.26 31.69 -32.17
C THR G 74 41.66 32.19 -31.91
N ILE G 75 42.32 32.62 -32.96
CA ILE G 75 43.65 33.17 -32.79
C ILE G 75 43.70 34.58 -33.30
N SER G 76 43.70 35.58 -32.41
CA SER G 76 43.66 36.99 -32.79
C SER G 76 45.01 37.44 -33.26
N SER G 77 45.07 38.39 -34.19
CA SER G 77 46.35 38.94 -34.59
C SER G 77 47.34 37.83 -34.86
N LEU G 78 46.94 36.87 -35.67
CA LEU G 78 47.71 35.67 -35.94
C LEU G 78 49.11 35.94 -36.42
N GLN G 79 50.10 35.27 -35.82
CA GLN G 79 51.49 35.47 -36.21
C GLN G 79 51.97 34.35 -37.12
N SER G 80 53.06 34.57 -37.86
CA SER G 80 53.53 33.52 -38.76
C SER G 80 53.93 32.24 -38.04
N GLU G 81 54.38 32.35 -36.79
CA GLU G 81 54.77 31.19 -36.02
C GLU G 81 53.58 30.39 -35.55
N ASP G 82 52.37 30.94 -35.72
CA ASP G 82 51.17 30.26 -35.30
C ASP G 82 50.57 29.43 -36.42
N PHE G 83 51.19 29.37 -37.60
CA PHE G 83 50.60 28.55 -38.67
C PHE G 83 51.01 27.09 -38.53
N ALA G 84 50.47 26.52 -37.47
CA ALA G 84 50.68 25.20 -36.93
C ALA G 84 49.47 24.31 -37.16
N VAL G 85 49.65 23.03 -36.85
CA VAL G 85 48.51 22.13 -36.91
C VAL G 85 47.90 22.14 -35.52
N TYR G 86 46.63 22.44 -35.44
CA TYR G 86 46.02 22.50 -34.14
C TYR G 86 45.23 21.27 -33.84
N TYR G 87 45.28 20.88 -32.59
CA TYR G 87 44.51 19.73 -32.16
C TYR G 87 43.64 20.05 -31.00
N CYS G 88 42.50 19.42 -30.99
CA CYS G 88 41.57 19.49 -29.90
C CYS G 88 41.50 18.09 -29.34
N GLN G 89 41.64 17.94 -28.04
CA GLN G 89 41.55 16.63 -27.40
C GLN G 89 40.55 16.68 -26.26
N GLN G 90 39.95 15.54 -25.94
CA GLN G 90 38.96 15.47 -24.86
C GLN G 90 39.24 14.33 -23.89
N TYR G 91 39.20 14.63 -22.58
CA TYR G 91 39.49 13.60 -21.57
C TYR G 91 38.33 13.36 -20.59
N ASN G 92 37.11 13.70 -20.96
CA ASN G 92 35.98 13.66 -20.03
C ASN G 92 35.42 12.29 -19.63
N ASN G 93 35.91 11.23 -20.21
CA ASN G 93 35.39 9.92 -19.88
C ASN G 93 36.15 9.30 -18.71
N TRP G 94 35.49 8.42 -17.95
CA TRP G 94 36.23 7.71 -16.92
C TRP G 94 35.54 6.34 -16.78
N PRO G 95 36.24 5.19 -16.86
CA PRO G 95 37.65 4.92 -17.04
C PRO G 95 38.12 5.69 -18.25
N PRO G 96 39.34 6.17 -18.26
CA PRO G 96 39.87 7.05 -19.28
C PRO G 96 39.78 6.55 -20.68
N ARG G 97 39.37 7.46 -21.54
CA ARG G 97 39.28 7.29 -22.97
C ARG G 97 39.62 8.66 -23.48
N TYR G 98 40.51 8.76 -24.43
CA TYR G 98 40.84 10.08 -24.92
C TYR G 98 40.48 10.26 -26.35
N THR G 99 39.85 11.38 -26.62
CA THR G 99 39.52 11.68 -27.97
C THR G 99 40.74 12.48 -28.32
N PHE G 100 41.47 12.11 -29.35
CA PHE G 100 42.72 12.82 -29.56
C PHE G 100 42.75 13.82 -30.69
N GLY G 101 41.61 14.03 -31.32
CA GLY G 101 41.50 14.99 -32.38
C GLY G 101 41.91 14.47 -33.74
N GLN G 102 41.98 15.38 -34.69
CA GLN G 102 42.31 15.03 -36.06
C GLN G 102 43.53 15.85 -36.52
N GLY G 103 43.47 17.17 -36.33
CA GLY G 103 44.52 18.13 -36.65
C GLY G 103 44.15 19.07 -37.79
N THR G 104 44.20 20.39 -37.54
CA THR G 104 43.87 21.40 -38.55
C THR G 104 45.03 22.32 -38.87
N ARG G 105 45.29 22.61 -40.14
CA ARG G 105 46.40 23.50 -40.43
C ARG G 105 45.94 24.88 -40.86
N LEU G 106 46.63 25.92 -40.36
CA LEU G 106 46.32 27.25 -40.88
C LEU G 106 47.17 27.40 -42.14
N GLU G 107 46.62 28.04 -43.15
CA GLU G 107 47.30 28.18 -44.43
C GLU G 107 47.37 29.57 -45.02
N ILE G 108 48.41 29.77 -45.84
CA ILE G 108 48.62 30.96 -46.67
C ILE G 108 49.97 30.84 -47.35
N ILE H 8 3.03 -15.18 25.50
CA ILE H 8 2.19 -15.52 26.65
C ILE H 8 3.00 -15.45 27.91
N LEU H 9 4.22 -14.96 27.79
CA LEU H 9 5.12 -14.91 28.93
C LEU H 9 4.90 -13.67 29.78
N GLY H 10 3.80 -13.76 30.53
CA GLY H 10 3.32 -12.71 31.42
C GLY H 10 4.10 -12.73 32.72
N PHE H 11 5.04 -13.67 32.79
CA PHE H 11 5.88 -13.89 33.93
C PHE H 11 7.16 -13.10 33.80
N LEU H 12 7.33 -12.39 32.70
CA LEU H 12 8.54 -11.57 32.57
C LEU H 12 8.64 -10.56 33.69
N GLY H 13 7.50 -10.03 34.12
CA GLY H 13 7.47 -9.03 35.17
C GLY H 13 7.80 -9.62 36.54
N ALA H 14 7.88 -10.95 36.62
CA ALA H 14 8.20 -11.63 37.85
C ALA H 14 9.70 -11.68 38.02
N ALA H 15 10.45 -11.29 37.00
CA ALA H 15 11.88 -11.38 37.13
C ALA H 15 12.28 -10.51 38.30
N GLY H 16 13.17 -11.04 39.12
CA GLY H 16 13.68 -10.35 40.29
C GLY H 16 12.97 -10.80 41.56
N SER H 17 11.82 -11.47 41.43
CA SER H 17 11.12 -11.97 42.59
C SER H 17 11.72 -13.32 42.91
N THR H 18 11.45 -13.85 44.10
CA THR H 18 11.97 -15.16 44.46
C THR H 18 11.09 -16.25 43.88
N MET H 19 11.59 -17.48 43.86
CA MET H 19 10.78 -18.55 43.28
C MET H 19 9.47 -18.69 44.06
N GLY H 20 9.57 -18.59 45.38
CA GLY H 20 8.42 -18.70 46.24
C GLY H 20 7.44 -17.57 45.94
N ALA H 21 7.94 -16.36 45.85
CA ALA H 21 7.07 -15.23 45.57
C ALA H 21 6.37 -15.37 44.24
N ALA H 22 7.08 -15.87 43.23
CA ALA H 22 6.48 -16.01 41.92
C ALA H 22 5.29 -16.96 41.94
N SER H 23 5.43 -18.04 42.70
CA SER H 23 4.35 -19.00 42.81
C SER H 23 3.14 -18.36 43.46
N MET H 24 3.37 -17.60 44.52
CA MET H 24 2.25 -16.97 45.20
C MET H 24 1.55 -15.98 44.30
N ALA H 25 2.34 -15.22 43.55
CA ALA H 25 1.76 -14.21 42.69
C ALA H 25 0.85 -14.83 41.65
N LEU H 26 1.25 -15.98 41.11
CA LEU H 26 0.41 -16.60 40.13
C LEU H 26 -0.89 -17.06 40.71
N THR H 27 -0.86 -17.62 41.90
CA THR H 27 -2.11 -18.08 42.50
C THR H 27 -3.07 -16.91 42.67
N VAL H 28 -2.55 -15.78 43.13
CA VAL H 28 -3.42 -14.63 43.34
C VAL H 28 -4.02 -14.17 42.04
N GLN H 29 -3.19 -14.09 41.00
CA GLN H 29 -3.68 -13.64 39.72
C GLN H 29 -4.68 -14.61 39.17
N ALA H 30 -4.43 -15.91 39.36
CA ALA H 30 -5.33 -16.89 38.81
C ALA H 30 -6.71 -16.72 39.39
N ARG H 31 -6.80 -16.43 40.68
CA ARG H 31 -8.11 -16.26 41.22
C ARG H 31 -8.83 -15.07 40.63
N LEU H 32 -8.12 -13.95 40.49
CA LEU H 32 -8.74 -12.76 39.97
C LEU H 32 -9.13 -12.88 38.52
N LEU H 33 -8.30 -13.51 37.74
CA LEU H 33 -8.66 -13.63 36.35
C LEU H 33 -9.81 -14.58 36.17
N LEU H 34 -9.78 -15.70 36.86
CA LEU H 34 -10.78 -16.72 36.67
C LEU H 34 -12.14 -16.26 37.17
N SER H 35 -12.15 -15.51 38.28
CA SER H 35 -13.35 -15.01 38.91
C SER H 35 -13.95 -13.82 38.20
N GLY H 36 -13.27 -13.28 37.18
CA GLY H 36 -13.75 -12.12 36.47
C GLY H 36 -13.49 -10.83 37.21
N ILE H 37 -12.45 -10.82 38.05
CA ILE H 37 -12.10 -9.68 38.86
C ILE H 37 -10.62 -9.40 38.64
N HIS H 53 1.40 6.87 5.92
CA HIS H 53 1.54 6.43 7.28
C HIS H 53 1.13 4.98 7.43
N MET H 54 0.69 4.39 6.33
CA MET H 54 0.19 3.03 6.40
C MET H 54 1.23 1.94 6.66
N LEU H 55 2.48 2.11 6.24
CA LEU H 55 3.41 1.01 6.47
C LEU H 55 3.69 0.84 7.94
N GLN H 56 3.62 1.93 8.66
CA GLN H 56 3.83 1.95 10.08
C GLN H 56 2.75 1.14 10.80
N LEU H 57 1.63 0.89 10.14
CA LEU H 57 0.57 0.15 10.75
C LEU H 57 0.58 -1.30 10.26
N THR H 58 0.87 -1.51 8.97
CA THR H 58 0.76 -2.85 8.45
C THR H 58 2.02 -3.69 8.54
N VAL H 59 3.19 -3.08 8.56
CA VAL H 59 4.40 -3.87 8.67
C VAL H 59 4.44 -4.42 10.06
N TRP H 60 4.18 -3.55 11.01
CA TRP H 60 4.20 -3.96 12.37
C TRP H 60 3.00 -4.84 12.69
N GLY H 61 1.87 -4.63 12.02
CA GLY H 61 0.72 -5.48 12.28
C GLY H 61 1.12 -6.93 12.05
N ILE H 62 1.79 -7.18 10.93
CA ILE H 62 2.24 -8.53 10.66
C ILE H 62 3.27 -8.98 11.68
N LYS H 63 4.23 -8.15 12.03
CA LYS H 63 5.23 -8.63 12.97
C LYS H 63 4.64 -8.97 14.34
N GLN H 64 3.66 -8.20 14.81
CA GLN H 64 3.08 -8.52 16.10
C GLN H 64 2.30 -9.81 16.03
N LEU H 65 1.59 -10.06 14.94
CA LEU H 65 0.87 -11.31 14.83
C LEU H 65 1.86 -12.45 14.75
N GLN H 66 2.97 -12.26 14.06
CA GLN H 66 3.92 -13.36 13.99
C GLN H 66 4.45 -13.68 15.36
N ALA H 67 4.70 -12.66 16.16
CA ALA H 67 5.21 -12.90 17.50
C ALA H 67 4.21 -13.65 18.37
N ARG H 68 2.94 -13.33 18.24
CA ARG H 68 1.94 -13.97 19.06
C ARG H 68 1.61 -15.37 18.59
N VAL H 69 1.60 -15.60 17.29
CA VAL H 69 1.32 -16.92 16.79
C VAL H 69 2.43 -17.84 17.20
N LEU H 70 3.67 -17.37 17.09
CA LEU H 70 4.80 -18.17 17.50
C LEU H 70 4.73 -18.50 18.96
N ALA H 71 4.37 -17.53 19.83
CA ALA H 71 4.30 -17.85 21.24
C ALA H 71 3.33 -19.00 21.48
N VAL H 72 2.21 -19.01 20.76
CA VAL H 72 1.27 -20.09 20.92
C VAL H 72 1.86 -21.39 20.44
N GLU H 73 2.51 -21.38 19.29
CA GLU H 73 3.06 -22.62 18.79
C GLU H 73 4.13 -23.20 19.70
N ARG H 74 4.99 -22.37 20.28
CA ARG H 74 6.01 -22.94 21.14
C ARG H 74 5.35 -23.53 22.35
N TYR H 75 4.34 -22.84 22.87
CA TYR H 75 3.64 -23.33 24.03
C TYR H 75 3.05 -24.69 23.79
N LEU H 76 2.33 -24.85 22.68
CA LEU H 76 1.70 -26.12 22.43
C LEU H 76 2.73 -27.20 22.24
N ARG H 77 3.81 -26.88 21.56
CA ARG H 77 4.86 -27.85 21.35
C ARG H 77 5.37 -28.36 22.68
N ASP H 78 5.70 -27.45 23.60
CA ASP H 78 6.26 -27.86 24.87
C ASP H 78 5.26 -28.65 25.68
N GLN H 79 4.01 -28.27 25.61
CA GLN H 79 3.03 -28.99 26.38
C GLN H 79 2.95 -30.43 25.95
N GLN H 80 3.19 -30.72 24.66
CA GLN H 80 3.21 -32.11 24.26
C GLN H 80 4.58 -32.75 24.46
N LEU H 81 5.68 -31.99 24.35
CA LEU H 81 7.01 -32.59 24.52
C LEU H 81 7.16 -33.15 25.90
N LEU H 82 6.56 -32.48 26.87
CA LEU H 82 6.62 -32.84 28.27
C LEU H 82 5.97 -34.18 28.56
N GLY H 83 5.24 -34.73 27.61
CA GLY H 83 4.65 -36.04 27.79
C GLY H 83 5.73 -37.08 28.03
N ILE H 84 6.93 -36.86 27.49
CA ILE H 84 8.00 -37.82 27.65
C ILE H 84 8.40 -38.01 29.11
N TRP H 85 8.10 -37.05 29.98
CA TRP H 85 8.38 -37.14 31.40
C TRP H 85 7.10 -37.38 32.20
N GLY H 86 6.00 -37.61 31.46
CA GLY H 86 4.69 -37.80 32.06
C GLY H 86 4.07 -36.49 32.51
N CYS H 87 4.49 -35.39 31.89
CA CYS H 87 4.03 -34.09 32.30
C CYS H 87 3.24 -33.38 31.21
N SER H 88 2.67 -34.15 30.30
CA SER H 88 1.95 -33.53 29.21
C SER H 88 0.76 -32.75 29.65
N GLY H 89 0.61 -31.58 29.09
CA GLY H 89 -0.56 -30.76 29.36
C GLY H 89 -0.45 -30.00 30.66
N LYS H 90 0.69 -30.07 31.33
CA LYS H 90 0.81 -29.40 32.59
C LYS H 90 1.85 -28.32 32.61
N ILE H 91 1.64 -27.40 33.53
CA ILE H 91 2.57 -26.34 33.79
C ILE H 91 3.51 -26.80 34.89
N ILE H 92 2.93 -27.43 35.90
CA ILE H 92 3.73 -27.93 36.99
C ILE H 92 3.47 -29.39 37.11
N CYS H 93 4.51 -30.21 37.10
CA CYS H 93 4.26 -31.62 37.29
C CYS H 93 5.22 -32.20 38.29
N CYS H 94 4.69 -33.06 39.11
CA CYS H 94 5.44 -33.65 40.17
C CYS H 94 6.00 -34.99 39.71
N THR H 95 7.12 -35.38 40.28
CA THR H 95 7.83 -36.60 39.90
C THR H 95 7.92 -37.76 40.88
N ASN H 96 8.64 -38.79 40.44
CA ASN H 96 8.99 -39.95 41.25
C ASN H 96 10.52 -40.09 41.35
N VAL H 97 11.23 -39.02 41.01
CA VAL H 97 12.68 -38.93 41.10
C VAL H 97 13.08 -37.97 42.23
N PRO H 98 13.79 -38.42 43.27
CA PRO H 98 14.22 -37.66 44.44
C PRO H 98 15.37 -36.76 44.08
N TRP H 99 15.65 -35.80 44.94
CA TRP H 99 16.83 -34.97 44.72
C TRP H 99 18.04 -35.75 45.16
N ASN H 100 19.13 -35.72 44.39
CA ASN H 100 20.32 -36.48 44.78
C ASN H 100 21.28 -35.78 45.72
N ASP H 101 21.05 -34.50 45.97
CA ASP H 101 21.87 -33.64 46.82
C ASP H 101 23.31 -33.40 46.38
N SER H 102 23.71 -34.00 45.27
CA SER H 102 25.01 -33.72 44.71
C SER H 102 24.86 -32.52 43.81
N TRP H 103 23.65 -32.37 43.30
CA TRP H 103 23.28 -31.30 42.42
C TRP H 103 23.33 -29.98 43.19
N SER H 104 22.83 -30.03 44.41
CA SER H 104 22.80 -28.93 45.36
C SER H 104 22.40 -29.45 46.71
N ASN H 105 23.05 -28.96 47.77
CA ASN H 105 22.72 -29.40 49.11
C ASN H 105 22.00 -28.36 49.97
N LYS H 106 21.34 -27.42 49.34
CA LYS H 106 20.58 -26.41 50.07
C LYS H 106 19.20 -26.93 50.43
N THR H 107 18.56 -26.31 51.42
CA THR H 107 17.23 -26.75 51.82
C THR H 107 16.17 -26.14 50.93
N ILE H 108 14.96 -26.66 51.04
CA ILE H 108 13.87 -26.13 50.25
C ILE H 108 13.58 -24.70 50.57
N ASN H 109 13.57 -24.35 51.84
CA ASN H 109 13.24 -22.98 52.12
C ASN H 109 14.37 -22.06 51.67
N GLU H 110 15.61 -22.51 51.78
CA GLU H 110 16.66 -21.62 51.37
C GLU H 110 16.58 -21.30 49.89
N ILE H 111 16.27 -22.28 49.06
CA ILE H 111 16.25 -21.98 47.66
C ILE H 111 14.97 -21.30 47.21
N TRP H 112 13.83 -21.65 47.80
CA TRP H 112 12.59 -21.03 47.38
C TRP H 112 12.39 -19.62 47.89
N ASP H 113 12.94 -19.32 49.07
CA ASP H 113 12.76 -18.00 49.61
C ASP H 113 13.91 -17.01 49.37
N ASN H 114 15.16 -17.47 49.25
CA ASN H 114 16.24 -16.50 49.08
C ASN H 114 16.83 -16.45 47.66
N MET H 115 16.13 -17.03 46.68
CA MET H 115 16.65 -17.02 45.32
C MET H 115 15.57 -16.78 44.29
N THR H 116 15.98 -16.16 43.19
CA THR H 116 15.13 -15.95 42.03
C THR H 116 15.28 -17.14 41.14
N TRP H 117 14.39 -17.29 40.16
CA TRP H 117 14.53 -18.42 39.25
C TRP H 117 15.82 -18.41 38.50
N MET H 118 16.28 -17.25 38.08
CA MET H 118 17.52 -17.23 37.32
C MET H 118 18.68 -17.66 38.16
N GLN H 119 18.72 -17.22 39.42
CA GLN H 119 19.84 -17.58 40.26
C GLN H 119 19.84 -19.07 40.49
N TRP H 120 18.66 -19.61 40.68
CA TRP H 120 18.53 -21.02 40.90
C TRP H 120 19.02 -21.79 39.70
N GLU H 121 18.61 -21.35 38.52
CA GLU H 121 19.03 -22.07 37.34
C GLU H 121 20.53 -22.04 37.23
N LYS H 122 21.16 -20.92 37.55
CA LYS H 122 22.61 -20.90 37.42
C LYS H 122 23.24 -21.86 38.40
N GLU H 123 22.72 -21.93 39.62
CA GLU H 123 23.30 -22.81 40.61
C GLU H 123 23.39 -24.24 40.13
N ILE H 124 22.38 -24.71 39.41
CA ILE H 124 22.38 -26.08 38.92
C ILE H 124 22.36 -26.21 37.40
N ASP H 125 22.93 -25.28 36.64
CA ASP H 125 22.77 -25.41 35.19
C ASP H 125 23.67 -26.44 34.53
N ASN H 126 24.52 -27.08 35.30
CA ASN H 126 25.36 -28.11 34.76
C ASN H 126 24.83 -29.49 35.08
N TYR H 127 23.66 -29.57 35.69
CA TYR H 127 23.08 -30.86 36.02
C TYR H 127 21.79 -31.11 35.30
N THR H 128 21.40 -30.20 34.44
CA THR H 128 20.10 -30.31 33.84
C THR H 128 19.98 -31.50 32.94
N GLN H 129 21.04 -31.87 32.25
CA GLN H 129 20.92 -33.00 31.36
C GLN H 129 20.83 -34.29 32.16
N HIS H 130 21.46 -34.32 33.33
CA HIS H 130 21.42 -35.49 34.17
C HIS H 130 20.00 -35.68 34.63
N ILE H 131 19.42 -34.60 35.11
CA ILE H 131 18.08 -34.68 35.63
C ILE H 131 17.11 -35.02 34.53
N TYR H 132 17.24 -34.40 33.37
CA TYR H 132 16.32 -34.66 32.29
C TYR H 132 16.36 -36.13 31.94
N THR H 133 17.56 -36.70 31.92
CA THR H 133 17.70 -38.11 31.63
C THR H 133 16.97 -38.95 32.67
N LEU H 134 17.13 -38.61 33.94
CA LEU H 134 16.47 -39.40 34.96
C LEU H 134 14.97 -39.32 34.83
N LEU H 135 14.45 -38.15 34.48
CA LEU H 135 13.02 -38.04 34.36
C LEU H 135 12.52 -38.91 33.24
N GLU H 136 13.25 -38.96 32.13
CA GLU H 136 12.80 -39.83 31.05
C GLU H 136 12.78 -41.27 31.50
N VAL H 137 13.83 -41.67 32.18
CA VAL H 137 13.93 -43.05 32.58
C VAL H 137 12.86 -43.46 33.55
N SER H 138 12.58 -42.64 34.56
CA SER H 138 11.59 -43.10 35.49
C SER H 138 10.23 -43.14 34.82
N GLN H 139 10.00 -42.27 33.82
CA GLN H 139 8.71 -42.31 33.17
C GLN H 139 8.55 -43.57 32.40
N ILE H 140 9.61 -44.02 31.76
CA ILE H 140 9.51 -45.24 31.01
C ILE H 140 9.24 -46.41 31.91
N GLN H 141 9.95 -46.48 33.03
CA GLN H 141 9.73 -47.61 33.91
C GLN H 141 8.32 -47.60 34.48
N GLN H 142 7.79 -46.44 34.81
CA GLN H 142 6.45 -46.41 35.35
C GLN H 142 5.43 -46.90 34.34
N GLU H 143 5.59 -46.49 33.09
CA GLU H 143 4.65 -46.91 32.07
C GLU H 143 4.72 -48.39 31.88
N LYS H 144 5.95 -48.92 31.91
CA LYS H 144 6.14 -50.33 31.77
C LYS H 144 5.47 -51.06 32.90
N ASN H 145 5.63 -50.58 34.13
CA ASN H 145 5.07 -51.30 35.25
C ASN H 145 3.56 -51.39 35.12
N GLU H 146 2.91 -50.31 34.70
CA GLU H 146 1.47 -50.38 34.60
C GLU H 146 1.04 -51.38 33.54
N GLN H 147 1.72 -51.37 32.40
CA GLN H 147 1.31 -52.29 31.36
C GLN H 147 1.58 -53.73 31.72
N GLU H 148 2.63 -53.99 32.49
CA GLU H 148 2.90 -55.36 32.92
C GLU H 148 1.81 -55.84 33.88
N LEU H 149 1.37 -54.94 34.76
CA LEU H 149 0.32 -55.29 35.72
C LEU H 149 -1.00 -55.56 35.01
N LEU H 150 -1.30 -54.78 33.99
CA LEU H 150 -2.52 -54.97 33.25
C LEU H 150 -2.42 -56.20 32.35
N LYS I 21 62.03 -18.65 24.11
CA LYS I 21 61.68 -17.68 23.07
C LYS I 21 62.55 -17.84 21.85
N LYS I 22 62.15 -17.17 20.77
CA LYS I 22 62.95 -17.15 19.56
C LYS I 22 63.99 -16.07 19.72
N VAL I 23 65.19 -16.26 19.20
CA VAL I 23 66.17 -15.19 19.26
C VAL I 23 66.71 -14.94 17.85
N VAL I 24 66.69 -13.69 17.43
CA VAL I 24 67.17 -13.29 16.12
C VAL I 24 68.26 -12.23 16.23
N LEU I 25 69.42 -12.46 15.61
CA LEU I 25 70.48 -11.47 15.67
C LEU I 25 70.81 -10.88 14.32
N GLY I 26 70.87 -9.55 14.25
CA GLY I 26 71.26 -8.84 13.04
C GLY I 26 72.51 -8.02 13.31
N LYS I 27 72.94 -7.21 12.35
CA LYS I 27 74.12 -6.38 12.56
C LYS I 27 73.95 -4.95 12.05
N LYS I 28 74.48 -4.03 12.85
CA LYS I 28 74.51 -2.62 12.49
C LYS I 28 73.17 -2.13 11.95
N GLY I 29 73.17 -1.57 10.73
CA GLY I 29 72.01 -0.94 10.09
C GLY I 29 71.14 -1.83 9.20
N ASP I 30 71.23 -3.14 9.35
CA ASP I 30 70.45 -4.01 8.50
C ASP I 30 69.00 -4.10 9.00
N THR I 31 68.20 -4.98 8.37
CA THR I 31 66.80 -5.04 8.73
C THR I 31 66.39 -6.42 9.21
N VAL I 32 65.43 -6.44 10.12
CA VAL I 32 64.92 -7.67 10.68
C VAL I 32 63.43 -7.86 10.59
N GLU I 33 63.01 -9.08 10.31
CA GLU I 33 61.58 -9.38 10.29
C GLU I 33 61.22 -10.26 11.50
N LEU I 34 60.60 -9.66 12.50
CA LEU I 34 60.23 -10.36 13.72
C LEU I 34 58.78 -10.76 13.51
N THR I 35 58.33 -11.93 13.96
CA THR I 35 56.93 -12.24 13.66
C THR I 35 56.05 -12.73 14.78
N CYS I 36 54.75 -12.50 14.57
CA CYS I 36 53.64 -12.97 15.39
C CYS I 36 52.62 -13.62 14.49
N THR I 37 51.96 -14.68 14.94
CA THR I 37 50.93 -15.25 14.07
C THR I 37 49.62 -15.58 14.76
N ALA I 38 48.61 -15.88 13.96
CA ALA I 38 47.33 -16.32 14.45
C ALA I 38 46.79 -17.44 13.59
N SER I 39 45.98 -18.31 14.18
CA SER I 39 45.34 -19.36 13.43
C SER I 39 44.07 -18.85 12.76
N GLN I 40 43.64 -17.67 13.20
CA GLN I 40 42.43 -17.03 12.73
C GLN I 40 42.75 -15.94 11.71
N LYS I 41 42.49 -16.25 10.44
CA LYS I 41 42.83 -15.35 9.36
C LYS I 41 41.76 -14.27 9.16
N LYS I 42 41.62 -13.40 10.15
CA LYS I 42 40.59 -12.35 10.15
C LYS I 42 41.11 -10.96 10.48
N SER I 43 42.41 -10.74 10.36
CA SER I 43 43.02 -9.43 10.68
C SER I 43 42.64 -8.98 12.08
N ILE I 44 42.76 -9.89 13.02
CA ILE I 44 42.42 -9.62 14.39
C ILE I 44 43.47 -8.75 15.00
N GLN I 45 43.02 -7.76 15.74
CA GLN I 45 43.92 -6.81 16.38
C GLN I 45 45.03 -7.46 17.16
N PHE I 46 46.20 -6.89 16.93
CA PHE I 46 47.44 -7.25 17.54
C PHE I 46 48.26 -6.02 17.78
N HIS I 47 49.21 -6.17 18.68
CA HIS I 47 50.22 -5.16 18.94
C HIS I 47 51.61 -5.74 19.18
N TRP I 48 52.59 -4.93 18.88
CA TRP I 48 53.95 -5.20 19.28
C TRP I 48 54.35 -4.22 20.34
N LYS I 49 55.02 -4.74 21.36
CA LYS I 49 55.54 -3.93 22.45
C LYS I 49 56.97 -4.27 22.78
N ASN I 50 57.70 -3.33 23.31
CA ASN I 50 59.05 -3.69 23.75
C ASN I 50 58.98 -4.24 25.18
N SER I 51 60.13 -4.52 25.75
CA SER I 51 60.24 -5.12 27.07
C SER I 51 59.77 -4.22 28.21
N ASN I 52 59.58 -2.93 27.93
CA ASN I 52 59.13 -1.95 28.90
C ASN I 52 57.68 -1.64 28.63
N GLN I 53 57.03 -2.46 27.84
CA GLN I 53 55.66 -2.30 27.46
C GLN I 53 55.38 -0.98 26.79
N ILE I 54 56.28 -0.55 25.92
CA ILE I 54 56.03 0.65 25.20
C ILE I 54 55.54 0.20 23.86
N LYS I 55 54.41 0.72 23.45
CA LYS I 55 53.82 0.33 22.21
C LYS I 55 54.74 0.68 21.08
N ILE I 56 54.92 -0.24 20.15
CA ILE I 56 55.75 0.02 19.00
C ILE I 56 54.92 0.18 17.76
N LEU I 57 54.16 -0.87 17.49
CA LEU I 57 53.38 -0.99 16.26
C LEU I 57 52.11 -1.80 16.47
N GLY I 58 51.01 -1.40 15.85
CA GLY I 58 49.82 -2.25 15.96
C GLY I 58 48.74 -1.92 14.96
N ASN I 59 47.71 -2.72 14.99
CA ASN I 59 46.61 -2.58 14.06
C ASN I 59 45.32 -2.09 14.65
N GLN I 60 44.73 -1.10 14.00
CA GLN I 60 43.43 -0.62 14.39
C GLN I 60 42.49 -0.72 13.21
N GLY I 61 41.82 -1.87 13.11
CA GLY I 61 41.02 -2.15 11.93
C GLY I 61 41.94 -2.30 10.73
N SER I 62 41.73 -1.48 9.73
CA SER I 62 42.53 -1.50 8.52
C SER I 62 43.78 -0.65 8.59
N PHE I 63 43.88 0.20 9.61
CA PHE I 63 44.93 1.20 9.66
C PHE I 63 46.11 0.80 10.51
N LEU I 64 47.29 1.22 10.10
CA LEU I 64 48.47 0.93 10.88
C LEU I 64 48.74 2.10 11.79
N THR I 65 49.05 1.83 13.05
CA THR I 65 49.40 2.90 13.96
C THR I 65 50.73 2.61 14.62
N LYS I 66 51.39 3.65 15.11
CA LYS I 66 52.66 3.47 15.77
C LYS I 66 52.66 4.00 17.19
N GLY I 67 53.53 3.46 18.03
CA GLY I 67 53.64 4.01 19.36
C GLY I 67 54.85 4.93 19.42
N PRO I 68 55.06 5.63 20.55
CA PRO I 68 56.15 6.56 20.79
C PRO I 68 57.43 5.88 21.17
N SER I 69 57.89 4.99 20.33
CA SER I 69 59.11 4.28 20.59
C SER I 69 60.18 4.84 19.70
N LYS I 70 61.41 4.42 19.95
CA LYS I 70 62.54 4.86 19.13
C LYS I 70 62.45 4.30 17.71
N LEU I 71 61.56 3.34 17.51
CA LEU I 71 61.42 2.67 16.25
C LEU I 71 60.33 3.28 15.37
N ASN I 72 59.66 4.36 15.76
CA ASN I 72 58.58 4.80 14.87
C ASN I 72 59.06 5.15 13.46
N ASP I 73 60.30 5.61 13.38
CA ASP I 73 60.91 5.98 12.11
C ASP I 73 61.57 4.79 11.39
N ARG I 74 61.54 3.62 12.01
CA ARG I 74 62.17 2.42 11.47
C ARG I 74 61.19 1.28 11.21
N ALA I 75 60.13 1.21 11.99
CA ALA I 75 59.16 0.13 11.98
C ALA I 75 58.11 0.24 10.89
N ASP I 76 57.74 -0.91 10.34
CA ASP I 76 56.66 -1.06 9.39
C ASP I 76 56.04 -2.46 9.48
N SER I 77 55.01 -2.73 8.67
CA SER I 77 54.39 -4.05 8.69
C SER I 77 53.78 -4.43 7.35
N ARG I 78 53.75 -5.70 7.04
CA ARG I 78 53.19 -6.13 5.78
C ARG I 78 51.70 -6.17 5.87
N ARG I 79 51.09 -5.04 5.54
CA ARG I 79 49.65 -4.86 5.68
C ARG I 79 48.89 -5.89 4.89
N SER I 80 49.42 -6.30 3.75
CA SER I 80 48.77 -7.26 2.90
C SER I 80 48.65 -8.63 3.52
N LEU I 81 49.41 -8.89 4.57
CA LEU I 81 49.34 -10.19 5.19
C LEU I 81 48.46 -10.19 6.42
N TRP I 82 47.86 -9.06 6.76
CA TRP I 82 47.10 -9.07 7.98
C TRP I 82 45.91 -10.01 7.92
N ASP I 83 45.32 -10.22 6.75
CA ASP I 83 44.17 -11.09 6.70
C ASP I 83 44.59 -12.53 6.50
N GLN I 84 45.89 -12.79 6.57
CA GLN I 84 46.44 -14.13 6.47
C GLN I 84 46.85 -14.58 7.86
N GLY I 85 46.61 -13.73 8.87
CA GLY I 85 46.98 -14.05 10.22
C GLY I 85 48.47 -13.83 10.48
N ASN I 86 49.11 -12.99 9.68
CA ASN I 86 50.53 -12.75 9.84
C ASN I 86 50.77 -11.31 10.16
N PHE I 87 51.32 -11.05 11.33
CA PHE I 87 51.45 -9.67 11.75
C PHE I 87 52.86 -9.27 12.15
N PRO I 88 53.81 -9.20 11.21
CA PRO I 88 55.20 -8.95 11.43
C PRO I 88 55.52 -7.53 11.81
N LEU I 89 56.66 -7.39 12.48
CA LEU I 89 57.27 -6.12 12.78
C LEU I 89 58.56 -6.06 12.04
N ILE I 90 58.64 -5.13 11.13
CA ILE I 90 59.82 -5.06 10.33
C ILE I 90 60.59 -3.83 10.68
N ILE I 91 61.82 -4.01 11.11
CA ILE I 91 62.61 -2.87 11.53
C ILE I 91 63.78 -2.64 10.62
N LYS I 92 63.85 -1.46 10.04
CA LYS I 92 64.94 -1.11 9.13
C LYS I 92 65.97 -0.27 9.83
N ASN I 93 67.19 -0.21 9.32
CA ASN I 93 68.21 0.66 9.91
C ASN I 93 68.41 0.42 11.38
N LEU I 94 68.67 -0.82 11.77
CA LEU I 94 68.82 -1.11 13.17
C LEU I 94 69.94 -0.34 13.86
N LYS I 95 69.66 0.00 15.11
CA LYS I 95 70.57 0.68 16.01
C LYS I 95 71.01 -0.35 17.04
N ILE I 96 72.22 -0.26 17.57
CA ILE I 96 72.62 -1.23 18.61
C ILE I 96 71.68 -1.20 19.82
N GLU I 97 71.10 -0.04 20.07
CA GLU I 97 70.18 0.24 21.16
C GLU I 97 68.85 -0.47 21.00
N ASP I 98 68.60 -1.03 19.83
CA ASP I 98 67.34 -1.70 19.55
C ASP I 98 67.38 -3.13 20.07
N SER I 99 68.55 -3.60 20.55
CA SER I 99 68.57 -4.97 21.03
C SER I 99 67.64 -5.01 22.25
N ASP I 100 66.67 -5.91 22.23
CA ASP I 100 65.67 -5.98 23.29
C ASP I 100 64.78 -7.23 23.18
N THR I 101 63.87 -7.37 24.11
CA THR I 101 62.85 -8.42 23.95
C THR I 101 61.60 -7.80 23.36
N TYR I 102 61.13 -8.37 22.27
CA TYR I 102 59.95 -7.87 21.60
C TYR I 102 58.78 -8.81 21.87
N ILE I 103 57.66 -8.20 22.22
CA ILE I 103 56.49 -8.93 22.61
C ILE I 103 55.32 -8.81 21.67
N CYS I 104 54.81 -9.96 21.27
CA CYS I 104 53.65 -10.04 20.43
C CYS I 104 52.40 -10.19 21.23
N GLU I 105 51.44 -9.34 21.00
CA GLU I 105 50.15 -9.51 21.65
C GLU I 105 49.16 -9.73 20.55
N VAL I 106 48.71 -10.97 20.39
CA VAL I 106 47.82 -11.31 19.30
C VAL I 106 46.59 -11.95 19.87
N GLU I 107 45.41 -11.38 19.64
CA GLU I 107 44.25 -11.97 20.28
C GLU I 107 44.57 -11.99 21.78
N ASP I 108 44.45 -13.16 22.42
CA ASP I 108 44.72 -13.28 23.83
C ASP I 108 46.15 -13.75 24.16
N GLN I 109 46.75 -14.51 23.24
CA GLN I 109 48.04 -15.12 23.49
C GLN I 109 49.18 -14.15 23.33
N LYS I 110 50.29 -14.45 23.98
CA LYS I 110 51.46 -13.66 23.76
C LYS I 110 52.57 -14.54 23.26
N GLU I 111 53.44 -13.96 22.46
CA GLU I 111 54.62 -14.65 21.93
C GLU I 111 55.84 -13.76 22.08
N GLU I 112 57.02 -14.34 22.24
CA GLU I 112 58.19 -13.47 22.35
C GLU I 112 59.35 -13.86 21.50
N VAL I 113 60.02 -12.83 21.01
CA VAL I 113 61.26 -12.95 20.28
C VAL I 113 62.27 -11.93 20.78
N GLN I 114 63.49 -12.36 20.94
CA GLN I 114 64.54 -11.46 21.33
C GLN I 114 65.29 -10.98 20.13
N LEU I 115 65.51 -9.69 20.05
CA LEU I 115 66.24 -9.10 18.98
C LEU I 115 67.59 -8.65 19.43
N LEU I 116 68.60 -9.14 18.76
CA LEU I 116 69.94 -8.72 19.04
C LEU I 116 70.42 -8.00 17.81
N VAL I 117 71.22 -6.98 17.97
CA VAL I 117 71.78 -6.31 16.81
C VAL I 117 73.27 -6.56 16.72
N GLN J 1 57.43 20.32 -14.62
CA GLN J 1 58.75 20.73 -15.07
C GLN J 1 59.65 19.54 -15.27
N VAL J 2 59.08 18.41 -15.63
CA VAL J 2 59.94 17.27 -15.84
C VAL J 2 60.49 17.30 -17.23
N GLN J 3 61.80 17.19 -17.29
CA GLN J 3 62.50 17.25 -18.54
C GLN J 3 62.46 15.89 -19.13
N LEU J 4 61.29 15.56 -19.62
CA LEU J 4 61.04 14.22 -20.07
C LEU J 4 61.87 13.94 -21.31
N LEU J 5 62.67 12.89 -21.25
CA LEU J 5 63.56 12.55 -22.35
C LEU J 5 63.22 11.25 -23.02
N GLU J 6 63.24 11.32 -24.33
CA GLU J 6 62.94 10.22 -25.24
C GLU J 6 64.06 9.20 -25.38
N SER J 7 63.70 7.98 -25.78
CA SER J 7 64.68 6.93 -26.04
C SER J 7 65.03 6.86 -27.53
N GLY J 8 65.72 5.78 -27.92
CA GLY J 8 66.18 5.66 -29.31
C GLY J 8 65.12 5.08 -30.24
N ALA J 9 65.46 5.00 -31.53
CA ALA J 9 64.57 4.46 -32.57
C ALA J 9 64.64 2.95 -32.60
N GLU J 10 63.57 2.32 -33.07
CA GLU J 10 63.50 0.85 -33.19
C GLU J 10 62.89 0.34 -34.47
N VAL J 11 63.33 -0.84 -34.89
CA VAL J 11 62.71 -1.54 -36.00
C VAL J 11 62.52 -3.02 -35.64
N LYS J 12 61.30 -3.53 -35.80
CA LYS J 12 61.04 -4.93 -35.45
C LYS J 12 60.40 -5.74 -36.57
N LYS J 13 60.52 -7.05 -36.55
CA LYS J 13 59.80 -7.81 -37.56
C LYS J 13 58.33 -7.85 -37.13
N PRO J 14 57.33 -7.81 -38.02
CA PRO J 14 55.94 -7.92 -37.67
C PRO J 14 55.70 -9.17 -36.84
N GLY J 15 54.85 -9.01 -35.83
CA GLY J 15 54.49 -10.03 -34.86
C GLY J 15 55.32 -9.88 -33.58
N SER J 16 56.38 -9.08 -33.65
CA SER J 16 57.30 -8.84 -32.55
C SER J 16 56.78 -7.82 -31.58
N SER J 17 57.49 -7.64 -30.47
CA SER J 17 57.13 -6.61 -29.53
C SER J 17 58.24 -5.58 -29.43
N VAL J 18 57.86 -4.38 -29.04
CA VAL J 18 58.80 -3.31 -28.80
C VAL J 18 58.54 -2.67 -27.46
N LYS J 19 59.60 -2.32 -26.77
CA LYS J 19 59.42 -1.63 -25.54
C LYS J 19 60.25 -0.37 -25.57
N VAL J 20 59.58 0.74 -25.35
CA VAL J 20 60.19 2.05 -25.38
C VAL J 20 59.94 2.77 -24.08
N SER J 21 60.71 3.82 -23.82
CA SER J 21 60.55 4.52 -22.57
C SER J 21 60.94 5.97 -22.60
N CYS J 22 60.51 6.68 -21.55
CA CYS J 22 60.88 8.08 -21.35
C CYS J 22 61.37 8.30 -19.93
N LYS J 23 62.41 9.09 -19.77
CA LYS J 23 62.88 9.39 -18.42
C LYS J 23 62.42 10.75 -17.93
N ALA J 24 61.77 10.81 -16.78
CA ALA J 24 61.34 12.07 -16.23
C ALA J 24 62.46 12.58 -15.34
N SER J 25 62.68 13.89 -15.32
CA SER J 25 63.74 14.42 -14.46
C SER J 25 63.51 15.84 -13.99
N GLY J 26 64.00 16.14 -12.78
CA GLY J 26 63.91 17.49 -12.21
C GLY J 26 62.81 17.67 -11.17
N ASP J 27 61.97 16.65 -11.02
CA ASP J 27 60.88 16.68 -10.05
C ASP J 27 60.60 15.26 -9.59
N THR J 28 59.64 15.10 -8.70
CA THR J 28 59.27 13.80 -8.20
C THR J 28 58.45 13.04 -9.21
N PHE J 29 58.87 11.83 -9.51
CA PHE J 29 58.21 10.98 -10.49
C PHE J 29 56.78 10.70 -10.15
N ILE J 30 56.56 10.43 -8.88
CA ILE J 30 55.27 10.07 -8.36
C ILE J 30 54.26 11.22 -8.50
N ARG J 31 54.72 12.44 -8.67
CA ARG J 31 53.79 13.54 -8.78
C ARG J 31 53.36 13.79 -10.20
N TYR J 32 53.81 12.97 -11.15
CA TYR J 32 53.37 13.14 -12.52
C TYR J 32 52.73 11.90 -13.07
N SER J 33 51.65 12.09 -13.77
CA SER J 33 51.00 10.97 -14.43
C SER J 33 51.47 11.00 -15.83
N PHE J 34 51.50 9.85 -16.48
CA PHE J 34 51.98 9.86 -17.84
C PHE J 34 51.08 9.16 -18.82
N THR J 35 51.07 9.67 -20.04
CA THR J 35 50.36 9.02 -21.12
C THR J 35 51.27 8.83 -22.28
N TRP J 36 50.87 7.93 -23.16
CA TRP J 36 51.58 7.71 -24.41
C TRP J 36 50.71 8.05 -25.58
N VAL J 37 51.35 8.67 -26.57
CA VAL J 37 50.82 9.12 -27.84
C VAL J 37 51.62 8.58 -29.04
N ARG J 38 50.88 8.17 -30.07
CA ARG J 38 51.46 7.63 -31.29
C ARG J 38 51.18 8.46 -32.54
N GLN J 39 52.18 9.20 -33.00
CA GLN J 39 51.96 10.05 -34.16
C GLN J 39 52.26 9.27 -35.42
N ALA J 40 51.29 8.47 -35.82
CA ALA J 40 51.44 7.69 -37.03
C ALA J 40 51.42 8.66 -38.19
N PRO J 41 52.15 8.44 -39.30
CA PRO J 41 52.12 9.32 -40.44
C PRO J 41 50.71 9.49 -40.95
N GLY J 42 50.31 10.72 -41.21
CA GLY J 42 49.00 11.03 -41.75
C GLY J 42 47.89 11.04 -40.70
N GLN J 43 48.24 10.77 -39.45
CA GLN J 43 47.26 10.70 -38.37
C GLN J 43 47.36 11.84 -37.40
N GLY J 44 46.45 11.84 -36.43
CA GLY J 44 46.45 12.83 -35.38
C GLY J 44 47.21 12.26 -34.19
N LEU J 45 47.07 12.85 -33.03
CA LEU J 45 47.83 12.42 -31.85
C LEU J 45 47.22 11.25 -31.10
N GLU J 46 47.23 10.09 -31.73
CA GLU J 46 46.55 8.90 -31.20
C GLU J 46 46.98 8.54 -29.79
N TRP J 47 45.99 8.35 -28.91
CA TRP J 47 46.28 8.01 -27.52
C TRP J 47 46.41 6.51 -27.36
N MET J 48 47.46 6.08 -26.64
CA MET J 48 47.72 4.67 -26.41
C MET J 48 47.16 4.27 -25.08
N GLY J 49 47.46 5.10 -24.10
CA GLY J 49 47.08 4.78 -22.75
C GLY J 49 47.64 5.75 -21.71
N ARG J 50 47.27 5.47 -20.47
CA ARG J 50 47.62 6.27 -19.29
C ARG J 50 48.08 5.47 -18.11
N ILE J 51 49.10 5.96 -17.42
CA ILE J 51 49.55 5.35 -16.19
C ILE J 51 49.61 6.32 -15.01
N ILE J 52 49.11 5.82 -13.90
CA ILE J 52 49.10 6.52 -12.64
C ILE J 52 50.29 6.01 -11.86
N THR J 53 51.13 6.90 -11.35
CA THR J 53 52.33 6.48 -10.63
C THR J 53 52.17 6.45 -9.11
N ILE J 54 51.18 7.17 -8.59
CA ILE J 54 50.89 7.16 -7.16
C ILE J 54 50.20 5.84 -6.80
N LEU J 55 49.36 5.37 -7.70
CA LEU J 55 48.65 4.12 -7.63
C LEU J 55 49.13 3.41 -8.85
N ASP J 56 49.72 2.23 -8.76
CA ASP J 56 50.23 1.66 -10.00
C ASP J 56 49.09 1.04 -10.79
N VAL J 57 48.45 1.91 -11.56
CA VAL J 57 47.26 1.63 -12.33
C VAL J 57 47.38 2.15 -13.76
N ALA J 58 46.92 1.37 -14.73
CA ALA J 58 46.99 1.89 -16.09
C ALA J 58 45.73 1.57 -16.87
N HIS J 59 45.48 2.42 -17.85
CA HIS J 59 44.31 2.34 -18.69
C HIS J 59 44.74 2.39 -20.15
N TYR J 60 44.05 1.64 -20.99
CA TYR J 60 44.45 1.56 -22.40
C TYR J 60 43.33 1.81 -23.39
N ALA J 61 43.70 2.35 -24.54
CA ALA J 61 42.74 2.52 -25.62
C ALA J 61 42.22 1.14 -26.02
N PRO J 62 40.91 0.94 -26.25
CA PRO J 62 40.28 -0.33 -26.56
C PRO J 62 40.93 -1.18 -27.63
N HIS J 63 41.44 -0.58 -28.70
CA HIS J 63 42.01 -1.38 -29.75
C HIS J 63 43.39 -1.94 -29.43
N LEU J 64 43.97 -1.43 -28.36
CA LEU J 64 45.27 -1.85 -27.92
C LEU J 64 45.21 -2.66 -26.63
N GLN J 65 44.01 -2.98 -26.13
CA GLN J 65 43.99 -3.61 -24.81
C GLN J 65 44.70 -4.96 -24.74
N GLY J 66 44.66 -5.73 -25.81
CA GLY J 66 45.33 -7.02 -25.79
C GLY J 66 46.76 -6.92 -26.31
N ARG J 67 47.19 -5.71 -26.66
CA ARG J 67 48.51 -5.51 -27.24
C ARG J 67 49.44 -4.65 -26.42
N VAL J 68 48.89 -3.82 -25.56
CA VAL J 68 49.71 -2.86 -24.86
C VAL J 68 49.73 -2.94 -23.35
N THR J 69 50.95 -2.84 -22.82
CA THR J 69 51.21 -2.76 -21.40
C THR J 69 51.98 -1.48 -21.09
N ILE J 70 51.51 -0.73 -20.13
CA ILE J 70 52.19 0.47 -19.71
C ILE J 70 52.61 0.29 -18.28
N THR J 71 53.87 0.52 -18.04
CA THR J 71 54.39 0.37 -16.70
C THR J 71 55.35 1.47 -16.35
N ALA J 72 55.91 1.38 -15.16
CA ALA J 72 56.84 2.40 -14.70
C ALA J 72 57.82 1.84 -13.70
N ASP J 73 58.99 2.44 -13.66
CA ASP J 73 59.99 2.12 -12.67
C ASP J 73 60.19 3.32 -11.78
N LYS J 74 59.65 3.20 -10.58
CA LYS J 74 59.59 4.27 -9.61
C LYS J 74 60.97 4.73 -9.14
N SER J 75 61.98 3.87 -9.30
CA SER J 75 63.31 4.20 -8.82
C SER J 75 64.17 4.89 -9.86
N THR J 76 63.76 4.82 -11.14
CA THR J 76 64.56 5.39 -12.23
C THR J 76 63.79 6.46 -12.97
N SER J 77 62.64 6.84 -12.40
CA SER J 77 61.73 7.82 -12.94
C SER J 77 61.43 7.52 -14.40
N THR J 78 61.21 6.25 -14.70
CA THR J 78 61.03 5.89 -16.10
C THR J 78 59.67 5.33 -16.44
N VAL J 79 59.14 5.89 -17.50
CA VAL J 79 57.84 5.57 -18.05
C VAL J 79 58.02 4.56 -19.17
N TYR J 80 57.31 3.44 -19.14
CA TYR J 80 57.50 2.45 -20.20
C TYR J 80 56.25 2.08 -20.97
N LEU J 81 56.42 1.87 -22.27
CA LEU J 81 55.36 1.37 -23.13
C LEU J 81 55.78 0.13 -23.87
N GLU J 82 55.03 -0.94 -23.67
CA GLU J 82 55.33 -2.18 -24.34
C GLU J 82 54.19 -2.56 -25.26
N LEU J 83 54.51 -2.67 -26.54
CA LEU J 83 53.53 -3.00 -27.58
C LEU J 83 53.89 -4.32 -28.26
N ARG J 84 52.94 -5.24 -28.29
CA ARG J 84 53.18 -6.55 -28.91
C ARG J 84 52.35 -6.78 -30.16
N ASN J 85 52.68 -7.86 -30.87
CA ASN J 85 52.03 -8.24 -32.12
C ASN J 85 52.08 -7.11 -33.14
N LEU J 86 53.26 -6.54 -33.32
CA LEU J 86 53.48 -5.41 -34.21
C LEU J 86 53.14 -5.64 -35.65
N ARG J 87 52.58 -4.60 -36.24
CA ARG J 87 52.14 -4.52 -37.63
C ARG J 87 52.76 -3.30 -38.29
N SER J 88 52.73 -3.24 -39.62
CA SER J 88 53.25 -2.05 -40.31
C SER J 88 52.36 -0.84 -40.03
N ASP J 89 51.16 -1.14 -39.57
CA ASP J 89 50.12 -0.20 -39.19
C ASP J 89 50.54 0.59 -37.97
N ASP J 90 51.51 0.05 -37.24
CA ASP J 90 52.00 0.64 -36.03
C ASP J 90 53.22 1.50 -36.28
N THR J 91 53.58 1.71 -37.56
CA THR J 91 54.73 2.56 -37.79
C THR J 91 54.32 3.94 -37.35
N ALA J 92 55.09 4.50 -36.43
CA ALA J 92 54.74 5.80 -35.87
C ALA J 92 55.80 6.39 -35.02
N VAL J 93 55.65 7.68 -34.71
CA VAL J 93 56.54 8.26 -33.74
C VAL J 93 55.87 8.21 -32.38
N TYR J 94 56.52 7.55 -31.44
CA TYR J 94 55.97 7.34 -30.12
C TYR J 94 56.54 8.25 -29.08
N PHE J 95 55.70 8.72 -28.18
CA PHE J 95 56.14 9.57 -27.09
C PHE J 95 55.26 9.66 -25.85
N CYS J 96 55.91 10.02 -24.77
CA CYS J 96 55.31 10.23 -23.48
C CYS J 96 54.95 11.66 -23.24
N ALA J 97 53.98 11.86 -22.37
CA ALA J 97 53.71 13.20 -21.90
C ALA J 97 53.27 13.17 -20.44
N GLY J 98 53.80 14.11 -19.66
CA GLY J 98 53.49 14.22 -18.26
C GLY J 98 52.42 15.23 -17.91
N VAL J 99 51.74 14.91 -16.80
CA VAL J 99 50.70 15.71 -16.18
C VAL J 99 51.07 15.96 -14.73
N TYR J 100 51.07 17.20 -14.26
CA TYR J 100 51.39 17.42 -12.85
C TYR J 100 50.22 17.26 -11.92
N GLU J 101 50.43 16.46 -10.90
CA GLU J 101 49.43 16.16 -9.91
C GLU J 101 49.96 16.60 -8.56
N GLY J 102 49.65 17.83 -8.19
CA GLY J 102 50.26 18.36 -6.99
C GLY J 102 49.83 17.59 -5.78
N GLU J 103 50.80 17.37 -4.92
CA GLU J 103 50.67 16.67 -3.66
C GLU J 103 50.06 15.27 -3.79
N ALA J 104 50.33 14.59 -4.92
CA ALA J 104 49.86 13.22 -5.10
C ALA J 104 50.38 12.33 -3.99
N ASP J 105 51.59 12.60 -3.53
CA ASP J 105 52.27 11.85 -2.47
C ASP J 105 51.47 11.80 -1.20
N GLU J 106 50.69 12.84 -0.94
CA GLU J 106 49.95 12.96 0.28
C GLU J 106 48.50 12.57 0.10
N GLY J 107 48.14 12.09 -1.10
CA GLY J 107 46.78 11.70 -1.42
C GLY J 107 45.90 12.78 -2.08
N GLU J 108 46.50 13.83 -2.63
CA GLU J 108 45.75 14.91 -3.27
C GLU J 108 45.67 14.83 -4.79
N TYR J 109 46.02 13.69 -5.34
CA TYR J 109 46.06 13.45 -6.78
C TYR J 109 44.71 13.79 -7.48
N ASP J 110 44.75 14.56 -8.61
CA ASP J 110 43.54 14.97 -9.38
C ASP J 110 43.21 14.09 -10.59
N ASN J 111 44.24 13.48 -11.15
CA ASN J 111 44.15 12.65 -12.36
C ASN J 111 43.74 13.47 -13.59
N ASN J 112 44.45 14.56 -13.84
CA ASN J 112 44.14 15.43 -14.98
C ASN J 112 44.57 14.87 -16.34
N GLY J 113 43.87 15.32 -17.39
CA GLY J 113 44.12 14.92 -18.78
C GLY J 113 44.94 15.91 -19.60
N PHE J 114 45.56 16.87 -18.94
CA PHE J 114 46.31 17.89 -19.65
C PHE J 114 47.75 17.56 -19.79
N LEU J 115 48.17 17.36 -21.02
CA LEU J 115 49.52 16.94 -21.27
C LEU J 115 50.43 18.12 -21.56
N LYS J 116 51.34 18.39 -20.63
CA LYS J 116 52.21 19.54 -20.75
C LYS J 116 53.67 19.24 -20.98
N HIS J 117 54.15 18.12 -20.46
CA HIS J 117 55.59 17.89 -20.59
C HIS J 117 55.83 16.72 -21.47
N TRP J 118 56.19 17.04 -22.71
CA TRP J 118 56.28 16.07 -23.77
C TRP J 118 57.69 15.61 -24.07
N GLY J 119 57.80 14.35 -24.46
CA GLY J 119 59.05 13.80 -24.88
C GLY J 119 59.26 14.27 -26.31
N GLN J 120 60.30 13.80 -26.96
CA GLN J 120 60.61 14.31 -28.28
C GLN J 120 60.02 13.47 -29.41
N GLY J 121 59.77 12.18 -29.18
CA GLY J 121 59.25 11.32 -30.21
C GLY J 121 60.30 10.41 -30.81
N THR J 122 60.03 9.12 -30.75
CA THR J 122 60.94 8.15 -31.31
C THR J 122 60.24 7.30 -32.35
N LEU J 123 60.87 7.13 -33.49
CA LEU J 123 60.23 6.36 -34.53
C LEU J 123 60.41 4.87 -34.36
N VAL J 124 59.30 4.16 -34.44
CA VAL J 124 59.30 2.72 -34.41
C VAL J 124 58.69 2.23 -35.71
N THR J 125 59.42 1.36 -36.39
CA THR J 125 59.00 0.81 -37.68
C THR J 125 59.04 -0.71 -37.63
N VAL J 126 58.61 -1.35 -38.72
CA VAL J 126 58.73 -2.79 -38.79
C VAL J 126 59.44 -3.17 -40.08
N THR J 127 59.96 -4.39 -40.17
CA THR J 127 60.64 -4.79 -41.41
C THR J 127 60.65 -6.32 -41.65
N ALA K 37 -27.06 -37.09 42.52
CA ALA K 37 -28.17 -37.08 43.48
C ALA K 37 -27.93 -35.99 44.48
N LYS K 38 -26.73 -35.44 44.40
CA LYS K 38 -26.31 -34.36 45.28
C LYS K 38 -26.19 -33.07 44.52
N LYS K 39 -26.64 -33.08 43.27
CA LYS K 39 -26.61 -31.89 42.46
C LYS K 39 -25.20 -31.31 42.50
N TRP K 40 -24.23 -32.10 42.16
CA TRP K 40 -22.86 -31.67 42.32
C TRP K 40 -22.55 -30.46 41.44
N VAL K 41 -21.79 -29.50 41.97
CA VAL K 41 -21.50 -28.33 41.17
C VAL K 41 -20.60 -28.66 40.00
N THR K 42 -21.03 -28.39 38.80
CA THR K 42 -20.21 -28.72 37.64
C THR K 42 -19.88 -27.48 36.85
N VAL K 43 -18.63 -27.39 36.48
CA VAL K 43 -18.19 -26.23 35.77
C VAL K 43 -18.13 -26.51 34.28
N TYR K 44 -18.80 -25.66 33.50
CA TYR K 44 -18.88 -25.82 32.06
C TYR K 44 -18.23 -24.65 31.34
N TYR K 45 -17.34 -24.95 30.41
CA TYR K 45 -16.69 -23.89 29.67
C TYR K 45 -17.14 -23.80 28.22
N GLY K 46 -17.38 -22.58 27.75
CA GLY K 46 -17.82 -22.34 26.38
C GLY K 46 -19.29 -22.00 26.35
N VAL K 47 -19.79 -21.55 27.48
CA VAL K 47 -21.18 -21.18 27.65
C VAL K 47 -21.48 -19.89 26.90
N PRO K 48 -22.49 -19.84 26.01
CA PRO K 48 -22.85 -18.67 25.24
C PRO K 48 -23.63 -17.66 26.05
N VAL K 49 -22.98 -17.13 27.05
CA VAL K 49 -23.61 -16.17 27.94
C VAL K 49 -22.86 -14.85 27.86
N TRP K 50 -23.59 -13.75 27.78
CA TRP K 50 -22.94 -12.45 27.66
C TRP K 50 -23.49 -11.36 28.53
N LYS K 51 -22.63 -10.37 28.73
CA LYS K 51 -22.96 -9.15 29.44
C LYS K 51 -22.63 -7.93 28.63
N GLU K 52 -23.34 -6.86 28.93
CA GLU K 52 -23.07 -5.56 28.36
C GLU K 52 -21.73 -5.14 28.87
N ALA K 53 -20.92 -4.58 28.02
CA ALA K 53 -19.60 -4.18 28.48
C ALA K 53 -19.15 -2.92 27.79
N THR K 54 -18.28 -2.18 28.43
CA THR K 54 -17.79 -0.96 27.83
C THR K 54 -16.41 -1.10 27.26
N THR K 55 -16.34 -0.81 25.99
CA THR K 55 -15.12 -0.79 25.22
C THR K 55 -15.22 0.39 24.32
N THR K 56 -14.16 0.68 23.58
CA THR K 56 -14.22 1.78 22.63
C THR K 56 -14.33 1.25 21.23
N LEU K 57 -15.35 1.68 20.51
CA LEU K 57 -15.56 1.21 19.15
C LEU K 57 -14.70 2.01 18.20
N PHE K 58 -14.38 1.43 17.06
CA PHE K 58 -13.59 2.18 16.10
C PHE K 58 -14.47 2.55 14.93
N CYS K 59 -14.11 3.61 14.22
CA CYS K 59 -14.94 3.99 13.08
C CYS K 59 -14.37 3.54 11.76
N ALA K 60 -15.26 3.36 10.81
CA ALA K 60 -14.92 3.04 9.46
C ALA K 60 -15.81 3.84 8.53
N SER K 61 -15.30 4.23 7.38
CA SER K 61 -16.15 4.93 6.42
C SER K 61 -15.59 4.78 5.03
N ASP K 62 -16.41 5.01 4.02
CA ASP K 62 -15.89 4.92 2.66
C ASP K 62 -15.29 6.25 2.25
N ALA K 63 -14.18 6.59 2.90
CA ALA K 63 -13.51 7.85 2.68
C ALA K 63 -12.93 7.90 1.29
N LYS K 64 -12.96 9.06 0.69
CA LYS K 64 -12.35 9.23 -0.63
C LYS K 64 -10.96 9.84 -0.47
N ALA K 65 -10.86 10.73 0.49
CA ALA K 65 -9.64 11.45 0.89
C ALA K 65 -8.95 12.32 -0.16
N TYR K 66 -9.63 12.70 -1.25
CA TYR K 66 -8.96 13.56 -2.23
C TYR K 66 -9.72 14.83 -2.64
N ASP K 67 -10.90 15.06 -2.11
CA ASP K 67 -11.72 16.20 -2.52
C ASP K 67 -11.61 17.36 -1.57
N THR K 68 -10.73 17.20 -0.59
CA THR K 68 -10.48 18.14 0.48
C THR K 68 -11.77 18.59 1.15
N GLU K 69 -12.70 17.65 1.35
CA GLU K 69 -13.96 17.95 2.01
C GLU K 69 -13.76 17.63 3.47
N VAL K 70 -14.49 18.26 4.35
CA VAL K 70 -14.23 17.96 5.75
C VAL K 70 -14.37 16.52 6.18
N HIS K 71 -15.41 15.83 5.76
CA HIS K 71 -15.61 14.49 6.25
C HIS K 71 -14.62 13.53 5.66
N ASN K 72 -14.26 13.74 4.40
CA ASN K 72 -13.27 12.87 3.79
C ASN K 72 -11.89 13.13 4.34
N VAL K 73 -11.59 14.37 4.67
CA VAL K 73 -10.29 14.67 5.23
C VAL K 73 -10.20 14.10 6.62
N TRP K 74 -11.23 14.28 7.41
CA TRP K 74 -11.22 13.73 8.74
C TRP K 74 -11.13 12.22 8.66
N ALA K 75 -12.00 11.62 7.86
CA ALA K 75 -12.06 10.18 7.77
C ALA K 75 -10.76 9.60 7.31
N THR K 76 -10.03 10.31 6.45
CA THR K 76 -8.74 9.85 5.97
C THR K 76 -7.86 9.40 7.10
N HIS K 77 -7.84 10.14 8.21
CA HIS K 77 -6.96 9.76 9.28
C HIS K 77 -7.68 9.21 10.50
N ALA K 78 -8.97 9.50 10.63
CA ALA K 78 -9.73 9.04 11.79
C ALA K 78 -10.27 7.62 11.65
N CYS K 79 -10.65 7.21 10.44
CA CYS K 79 -11.34 5.96 10.22
C CYS K 79 -10.68 4.99 9.27
N VAL K 80 -11.08 3.74 9.36
CA VAL K 80 -10.55 2.72 8.48
C VAL K 80 -11.59 2.49 7.38
N PRO K 81 -11.30 1.73 6.33
CA PRO K 81 -12.22 1.37 5.28
C PRO K 81 -13.28 0.52 5.91
N THR K 82 -14.46 0.47 5.33
CA THR K 82 -15.50 -0.36 5.87
C THR K 82 -15.20 -1.79 5.55
N ASP K 83 -15.91 -2.70 6.22
CA ASP K 83 -15.77 -4.13 6.00
C ASP K 83 -16.47 -4.52 4.71
N PRO K 84 -15.77 -5.01 3.66
CA PRO K 84 -16.34 -5.37 2.38
C PRO K 84 -17.26 -6.58 2.44
N ASN K 85 -17.17 -7.38 3.51
CA ASN K 85 -17.99 -8.58 3.60
C ASN K 85 -18.25 -8.99 5.05
N PRO K 86 -18.97 -8.19 5.82
CA PRO K 86 -19.26 -8.42 7.21
C PRO K 86 -20.23 -9.55 7.28
N GLN K 87 -20.20 -10.29 8.37
CA GLN K 87 -21.15 -11.37 8.53
C GLN K 87 -22.18 -11.03 9.57
N GLU K 88 -23.33 -11.68 9.48
CA GLU K 88 -24.37 -11.51 10.47
C GLU K 88 -24.92 -12.84 10.89
N ILE K 89 -25.02 -13.04 12.19
CA ILE K 89 -25.57 -14.29 12.69
C ILE K 89 -26.89 -14.03 13.36
N VAL K 90 -27.92 -14.72 12.91
CA VAL K 90 -29.21 -14.54 13.50
C VAL K 90 -29.34 -15.56 14.62
N LEU K 91 -29.72 -15.11 15.80
CA LEU K 91 -29.82 -16.01 16.92
C LEU K 91 -31.22 -16.56 16.91
N GLY K 92 -31.45 -17.67 17.60
CA GLY K 92 -32.77 -18.26 17.59
C GLY K 92 -33.68 -17.68 18.64
N ASN K 93 -33.97 -18.45 19.66
CA ASN K 93 -34.93 -18.00 20.66
C ASN K 93 -34.25 -17.10 21.68
N VAL K 94 -33.84 -15.94 21.21
CA VAL K 94 -33.10 -15.03 22.04
C VAL K 94 -33.80 -13.72 22.23
N THR K 95 -33.98 -13.36 23.49
CA THR K 95 -34.61 -12.11 23.88
C THR K 95 -33.58 -11.29 24.63
N GLU K 96 -33.47 -10.02 24.29
CA GLU K 96 -32.49 -9.13 24.90
C GLU K 96 -33.06 -7.77 25.22
N ASN K 97 -32.74 -7.23 26.38
CA ASN K 97 -33.22 -5.90 26.72
C ASN K 97 -32.35 -4.77 26.19
N PHE K 98 -32.90 -3.99 25.27
CA PHE K 98 -32.21 -2.88 24.64
C PHE K 98 -32.72 -1.55 25.17
N ASN K 99 -31.87 -0.88 25.95
CA ASN K 99 -32.21 0.40 26.55
C ASN K 99 -31.44 1.51 25.83
N MET K 100 -32.14 2.18 24.93
CA MET K 100 -31.56 3.19 24.06
C MET K 100 -31.17 4.45 24.78
N TRP K 101 -31.63 4.60 26.00
CA TRP K 101 -31.39 5.81 26.73
C TRP K 101 -30.10 5.71 27.51
N LYS K 102 -29.55 4.50 27.59
CA LYS K 102 -28.37 4.23 28.39
C LYS K 102 -27.32 3.56 27.54
N ASN K 103 -27.43 3.75 26.25
CA ASN K 103 -26.53 3.13 25.33
C ASN K 103 -25.26 3.96 25.22
N ASN K 104 -24.14 3.46 25.70
CA ASN K 104 -22.95 4.28 25.77
C ASN K 104 -22.34 4.58 24.41
N MET K 105 -22.81 3.91 23.35
CA MET K 105 -22.28 4.16 22.03
C MET K 105 -22.56 5.58 21.63
N VAL K 106 -23.59 6.15 22.24
CA VAL K 106 -24.02 7.48 21.94
C VAL K 106 -22.96 8.46 22.36
N GLU K 107 -22.36 8.23 23.51
CA GLU K 107 -21.40 9.19 23.99
C GLU K 107 -20.17 9.10 23.13
N GLN K 108 -19.82 7.88 22.71
CA GLN K 108 -18.64 7.78 21.87
C GLN K 108 -18.87 8.47 20.53
N MET K 109 -20.07 8.33 19.97
CA MET K 109 -20.35 8.99 18.71
C MET K 109 -20.27 10.49 18.89
N HIS K 110 -20.73 10.98 20.03
CA HIS K 110 -20.73 12.38 20.34
C HIS K 110 -19.33 12.93 20.36
N GLU K 111 -18.41 12.24 21.03
CA GLU K 111 -17.07 12.75 21.06
C GLU K 111 -16.41 12.80 19.69
N ASP K 112 -16.65 11.80 18.84
CA ASP K 112 -16.01 11.85 17.52
C ASP K 112 -16.52 13.00 16.68
N ILE K 113 -17.82 13.26 16.78
CA ILE K 113 -18.40 14.35 16.01
C ILE K 113 -17.86 15.67 16.47
N ILE K 114 -17.73 15.88 17.78
CA ILE K 114 -17.17 17.14 18.18
C ILE K 114 -15.78 17.30 17.65
N SER K 115 -14.96 16.26 17.70
CA SER K 115 -13.63 16.47 17.17
C SER K 115 -13.70 16.84 15.69
N LEU K 116 -14.56 16.20 14.92
CA LEU K 116 -14.67 16.54 13.51
C LEU K 116 -15.01 17.99 13.33
N TRP K 117 -15.98 18.47 14.09
CA TRP K 117 -16.36 19.85 13.95
C TRP K 117 -15.27 20.82 14.35
N ASP K 118 -14.57 20.57 15.47
CA ASP K 118 -13.52 21.49 15.92
C ASP K 118 -12.32 21.52 15.00
N GLN K 119 -12.11 20.44 14.29
CA GLN K 119 -11.02 20.30 13.35
C GLN K 119 -11.37 20.82 11.96
N SER K 120 -12.59 21.35 11.80
CA SER K 120 -13.07 21.79 10.50
C SER K 120 -13.74 23.14 10.46
N LEU K 121 -14.94 23.23 11.00
CA LEU K 121 -15.72 24.46 10.91
C LEU K 121 -15.30 25.44 11.97
N LYS K 122 -14.13 25.99 11.76
CA LYS K 122 -13.53 26.92 12.69
C LYS K 122 -14.19 28.28 12.57
N PRO K 123 -14.71 28.86 13.65
CA PRO K 123 -15.34 30.13 13.70
C PRO K 123 -14.29 31.15 13.65
N CYS K 124 -14.67 32.34 13.30
CA CYS K 124 -13.74 33.44 13.41
C CYS K 124 -13.53 33.73 14.88
N VAL K 125 -14.64 33.76 15.59
CA VAL K 125 -14.63 34.00 17.02
C VAL K 125 -15.37 32.93 17.79
N LYS K 126 -14.71 32.36 18.78
CA LYS K 126 -15.31 31.37 19.65
C LYS K 126 -15.28 31.88 21.10
N LEU K 127 -16.44 31.98 21.73
CA LEU K 127 -16.50 32.47 23.10
C LEU K 127 -16.89 31.39 24.10
N THR K 128 -15.99 31.13 25.03
CA THR K 128 -16.21 30.13 26.07
C THR K 128 -16.24 30.76 27.46
N PRO K 129 -17.36 30.80 28.17
CA PRO K 129 -17.44 31.36 29.49
C PRO K 129 -16.71 30.40 30.40
N LEU K 130 -16.00 30.91 31.40
CA LEU K 130 -15.33 30.03 32.34
C LEU K 130 -15.50 30.49 33.79
N CYS K 131 -16.12 29.62 34.59
CA CYS K 131 -16.40 29.95 35.98
C CYS K 131 -15.58 29.09 36.93
N CYS K 212 -16.59 33.90 36.68
CA CYS K 212 -17.18 33.72 35.36
C CYS K 212 -16.68 34.73 34.35
N ASN K 213 -15.51 34.47 33.80
CA ASN K 213 -14.90 35.33 32.81
C ASN K 213 -15.20 34.77 31.43
N THR K 214 -14.75 35.44 30.37
CA THR K 214 -14.95 34.88 29.04
C THR K 214 -13.64 34.76 28.30
N SER K 215 -13.40 33.57 27.78
CA SER K 215 -12.20 33.31 27.01
C SER K 215 -12.51 33.42 25.52
N VAL K 216 -11.76 34.25 24.81
CA VAL K 216 -12.03 34.39 23.39
C VAL K 216 -10.92 33.86 22.53
N ILE K 217 -11.32 33.02 21.61
CA ILE K 217 -10.41 32.39 20.68
C ILE K 217 -10.66 32.89 19.29
N THR K 218 -9.61 33.35 18.63
CA THR K 218 -9.76 33.82 17.28
C THR K 218 -8.99 32.94 16.33
N GLN K 219 -9.62 32.59 15.22
CA GLN K 219 -9.02 31.72 14.23
C GLN K 219 -9.20 32.21 12.81
N ALA K 220 -8.36 31.73 11.90
CA ALA K 220 -8.55 32.04 10.49
C ALA K 220 -9.93 31.53 10.11
N CYS K 221 -10.59 32.17 9.15
CA CYS K 221 -11.95 31.75 8.85
C CYS K 221 -12.16 31.28 7.42
N PRO K 222 -11.47 30.26 6.92
CA PRO K 222 -11.63 29.79 5.57
C PRO K 222 -12.95 29.10 5.51
N LYS K 223 -13.57 29.10 4.37
CA LYS K 223 -14.77 28.32 4.25
C LYS K 223 -14.37 26.95 3.80
N VAL K 224 -15.15 25.96 4.15
CA VAL K 224 -14.84 24.61 3.72
C VAL K 224 -16.04 23.93 3.12
N SER K 225 -15.79 22.93 2.29
CA SER K 225 -16.87 22.12 1.77
C SER K 225 -17.35 21.28 2.92
N PHE K 226 -18.66 21.14 3.08
CA PHE K 226 -19.15 20.39 4.19
C PHE K 226 -20.40 19.61 3.86
N GLU K 227 -20.18 18.31 3.65
CA GLU K 227 -21.22 17.35 3.28
C GLU K 227 -20.99 16.01 4.00
N PRO K 228 -21.87 15.60 4.93
CA PRO K 228 -21.74 14.38 5.71
C PRO K 228 -21.63 13.12 4.86
N ILE K 229 -20.85 12.18 5.39
CA ILE K 229 -20.56 10.87 4.84
C ILE K 229 -21.08 9.93 5.90
N PRO K 230 -21.63 8.76 5.60
CA PRO K 230 -22.03 7.83 6.63
C PRO K 230 -20.80 7.27 7.30
N ILE K 231 -20.86 7.08 8.60
CA ILE K 231 -19.78 6.47 9.38
C ILE K 231 -20.29 5.24 10.08
N HIS K 232 -19.54 4.15 10.01
CA HIS K 232 -19.88 2.89 10.65
C HIS K 232 -19.11 2.74 11.94
N TYR K 233 -19.71 2.14 12.95
CA TYR K 233 -18.93 1.81 14.13
C TYR K 233 -18.75 0.32 14.25
N CYS K 234 -17.53 -0.06 14.60
CA CYS K 234 -17.19 -1.48 14.66
C CYS K 234 -16.57 -1.90 15.98
N ALA K 235 -16.93 -3.12 16.41
CA ALA K 235 -16.40 -3.73 17.62
C ALA K 235 -14.92 -4.12 17.47
N PRO K 236 -14.11 -3.93 18.51
CA PRO K 236 -12.73 -4.35 18.61
C PRO K 236 -12.69 -5.85 18.83
N ALA K 237 -11.54 -6.47 18.61
CA ALA K 237 -11.43 -7.91 18.82
C ALA K 237 -11.89 -8.31 20.21
N GLY K 238 -12.68 -9.39 20.25
CA GLY K 238 -13.18 -9.93 21.49
C GLY K 238 -14.60 -9.46 21.82
N PHE K 239 -15.10 -8.48 21.09
CA PHE K 239 -16.44 -7.93 21.30
C PHE K 239 -17.38 -8.09 20.13
N ALA K 240 -18.66 -8.03 20.40
CA ALA K 240 -19.62 -8.09 19.32
C ALA K 240 -20.80 -7.20 19.62
N ILE K 241 -21.49 -6.80 18.56
CA ILE K 241 -22.65 -5.96 18.69
C ILE K 241 -23.94 -6.68 18.38
N LEU K 242 -24.86 -6.60 19.33
CA LEU K 242 -26.14 -7.22 19.19
C LEU K 242 -27.00 -6.23 18.46
N LYS K 243 -27.84 -6.71 17.57
CA LYS K 243 -28.74 -5.85 16.85
C LYS K 243 -30.16 -6.25 17.08
N CYS K 244 -31.01 -5.27 17.32
CA CYS K 244 -32.43 -5.56 17.45
C CYS K 244 -33.11 -5.44 16.10
N ASN K 245 -33.69 -6.52 15.64
CA ASN K 245 -34.30 -6.57 14.34
C ASN K 245 -35.81 -6.55 14.42
N SER K 246 -36.35 -6.21 15.56
CA SER K 246 -37.79 -6.16 15.67
C SER K 246 -38.31 -4.80 15.23
N LYS K 247 -39.04 -4.82 14.14
CA LYS K 247 -39.56 -3.62 13.47
C LYS K 247 -40.62 -2.89 14.27
N THR K 248 -41.18 -3.54 15.27
CA THR K 248 -42.21 -2.97 16.11
C THR K 248 -41.69 -2.63 17.50
N PHE K 249 -40.39 -2.76 17.71
CA PHE K 249 -39.82 -2.48 19.00
C PHE K 249 -39.62 -1.00 19.21
N ASN K 250 -40.17 -0.48 20.30
CA ASN K 250 -40.05 0.95 20.55
C ASN K 250 -38.89 1.29 21.47
N GLY K 251 -38.16 0.29 21.89
CA GLY K 251 -37.03 0.54 22.78
C GLY K 251 -37.39 0.33 24.24
N SER K 252 -36.38 0.42 25.10
CA SER K 252 -36.53 0.28 26.54
C SER K 252 -37.17 -1.02 26.94
N GLY K 253 -36.70 -2.09 26.35
CA GLY K 253 -37.28 -3.36 26.72
C GLY K 253 -36.84 -4.50 25.85
N PRO K 254 -37.48 -5.65 26.00
CA PRO K 254 -37.19 -6.88 25.31
C PRO K 254 -37.35 -6.81 23.82
N CYS K 255 -36.30 -7.17 23.12
CA CYS K 255 -36.32 -7.28 21.69
C CYS K 255 -36.34 -8.75 21.44
N THR K 256 -37.25 -9.20 20.63
CA THR K 256 -37.42 -10.62 20.41
C THR K 256 -36.76 -11.16 19.16
N ASN K 257 -36.01 -10.32 18.49
CA ASN K 257 -35.28 -10.76 17.31
C ASN K 257 -33.87 -10.19 17.35
N VAL K 258 -32.91 -11.00 17.78
CA VAL K 258 -31.55 -10.49 17.97
C VAL K 258 -30.54 -11.20 17.09
N SER K 259 -29.70 -10.40 16.43
CA SER K 259 -28.62 -10.92 15.58
C SER K 259 -27.30 -10.30 15.97
N THR K 260 -26.18 -10.90 15.55
CA THR K 260 -24.90 -10.31 15.92
C THR K 260 -24.05 -9.90 14.73
N VAL K 261 -23.45 -8.72 14.84
CA VAL K 261 -22.56 -8.14 13.83
C VAL K 261 -21.27 -7.57 14.41
N GLN K 262 -20.27 -7.32 13.57
CA GLN K 262 -19.12 -6.57 14.05
C GLN K 262 -19.35 -5.09 13.89
N CYS K 263 -19.97 -4.72 12.79
CA CYS K 263 -20.18 -3.33 12.48
C CYS K 263 -21.62 -2.99 12.30
N THR K 264 -21.96 -1.77 12.67
CA THR K 264 -23.29 -1.22 12.47
C THR K 264 -23.32 -0.70 11.06
N HIS K 265 -24.49 -0.32 10.58
CA HIS K 265 -24.56 0.29 9.27
C HIS K 265 -23.99 1.68 9.41
N GLY K 266 -23.80 2.37 8.30
CA GLY K 266 -23.26 3.70 8.43
C GLY K 266 -24.35 4.67 8.82
N ILE K 267 -24.00 5.64 9.63
CA ILE K 267 -24.90 6.69 10.06
C ILE K 267 -24.35 8.03 9.65
N ARG K 268 -25.20 8.88 9.08
CA ARG K 268 -24.76 10.19 8.67
C ARG K 268 -24.82 11.14 9.87
N PRO K 269 -23.71 11.76 10.29
CA PRO K 269 -23.60 12.62 11.46
C PRO K 269 -24.18 14.00 11.21
N VAL K 270 -25.47 14.05 11.00
CA VAL K 270 -26.15 15.31 10.72
C VAL K 270 -26.50 16.08 11.98
N VAL K 271 -26.16 17.35 12.02
CA VAL K 271 -26.47 18.16 13.18
C VAL K 271 -27.65 19.08 12.88
N SER K 272 -28.78 18.87 13.57
CA SER K 272 -29.98 19.65 13.32
C SER K 272 -30.96 19.63 14.49
N THR K 273 -31.94 20.52 14.43
CA THR K 273 -33.01 20.59 15.45
C THR K 273 -34.41 20.51 14.88
N GLN K 274 -35.41 20.22 15.73
CA GLN K 274 -36.85 20.11 15.38
C GLN K 274 -37.16 18.92 14.45
N LEU K 275 -36.65 18.99 13.25
CA LEU K 275 -36.83 17.92 12.27
C LEU K 275 -35.47 17.35 12.04
N LEU K 276 -35.34 16.06 12.26
CA LEU K 276 -34.05 15.46 12.11
C LEU K 276 -33.95 15.06 10.66
N LEU K 277 -32.75 15.04 10.13
CA LEU K 277 -32.62 14.79 8.70
C LEU K 277 -31.69 13.66 8.31
N ASN K 278 -32.05 13.04 7.18
CA ASN K 278 -31.29 12.01 6.49
C ASN K 278 -31.01 10.81 7.37
N GLY K 279 -31.95 10.43 8.23
CA GLY K 279 -31.75 9.26 9.07
C GLY K 279 -32.37 8.06 8.40
N SER K 280 -32.49 6.98 9.16
CA SER K 280 -33.07 5.77 8.62
C SER K 280 -34.58 5.82 8.73
N LEU K 281 -35.26 5.04 7.91
CA LEU K 281 -36.70 4.95 8.01
C LEU K 281 -37.13 3.67 8.68
N ALA K 282 -38.29 3.74 9.30
CA ALA K 282 -38.93 2.60 9.93
C ALA K 282 -39.37 1.66 8.84
N GLU K 283 -39.41 0.36 9.13
CA GLU K 283 -39.77 -0.60 8.11
C GLU K 283 -41.21 -0.49 7.60
N GLU K 284 -42.15 -0.25 8.50
CA GLU K 284 -43.55 -0.18 8.07
C GLU K 284 -44.35 1.02 8.56
N GLU K 285 -44.18 1.37 9.82
CA GLU K 285 -45.00 2.41 10.47
C GLU K 285 -44.18 3.43 11.21
N ILE K 286 -44.77 4.58 11.44
CA ILE K 286 -44.17 5.64 12.21
C ILE K 286 -44.09 5.18 13.66
N VAL K 287 -42.92 5.32 14.28
CA VAL K 287 -42.74 4.81 15.64
C VAL K 287 -42.36 5.84 16.66
N ILE K 288 -43.17 5.92 17.71
CA ILE K 288 -42.90 6.79 18.84
C ILE K 288 -41.93 6.09 19.73
N ARG K 289 -40.86 6.76 20.15
CA ARG K 289 -39.85 6.10 20.96
C ARG K 289 -39.55 6.85 22.23
N SER K 290 -40.56 7.47 22.83
CA SER K 290 -40.34 8.23 24.04
C SER K 290 -39.93 7.37 25.19
N GLU K 291 -39.03 7.88 26.02
CA GLU K 291 -38.65 7.16 27.21
C GLU K 291 -39.86 7.01 28.10
N ASN K 292 -40.69 8.05 28.14
CA ASN K 292 -41.90 8.06 28.95
C ASN K 292 -42.90 9.04 28.36
N ILE K 293 -43.97 8.49 27.83
CA ILE K 293 -45.03 9.21 27.15
C ILE K 293 -45.64 10.26 28.02
N THR K 294 -45.76 9.95 29.29
CA THR K 294 -46.41 10.80 30.24
C THR K 294 -45.52 11.68 31.13
N ASP K 295 -44.20 11.69 30.92
CA ASP K 295 -43.30 12.48 31.79
C ASP K 295 -43.30 14.01 31.54
N ASN K 296 -43.45 14.41 30.28
CA ASN K 296 -43.44 15.80 29.81
C ASN K 296 -42.13 16.54 29.96
N ALA K 297 -41.05 15.83 30.23
CA ALA K 297 -39.75 16.47 30.29
C ALA K 297 -38.81 15.71 29.41
N LYS K 298 -39.38 14.96 28.48
CA LYS K 298 -38.62 14.16 27.57
C LYS K 298 -39.25 14.24 26.20
N THR K 299 -38.45 14.00 25.18
CA THR K 299 -38.92 14.05 23.82
C THR K 299 -39.60 12.79 23.33
N ILE K 300 -40.29 12.95 22.23
CA ILE K 300 -41.03 11.92 21.54
C ILE K 300 -40.20 11.17 20.51
N ILE K 301 -39.33 11.93 19.87
CA ILE K 301 -38.43 11.48 18.82
C ILE K 301 -39.03 10.43 17.90
N VAL K 302 -40.08 10.83 17.22
CA VAL K 302 -40.78 9.89 16.40
C VAL K 302 -40.05 9.74 15.10
N GLN K 303 -39.88 8.51 14.63
CA GLN K 303 -39.21 8.37 13.35
C GLN K 303 -40.25 8.00 12.33
N LEU K 304 -39.98 8.35 11.10
CA LEU K 304 -40.92 8.08 10.04
C LEU K 304 -40.61 6.82 9.28
N ASN K 305 -41.64 6.28 8.62
CA ASN K 305 -41.55 5.14 7.72
C ASN K 305 -41.50 5.58 6.26
N GLU K 306 -41.43 6.87 6.07
CA GLU K 306 -41.37 7.52 4.77
C GLU K 306 -40.60 8.80 4.92
N ALA K 307 -39.72 9.10 3.97
CA ALA K 307 -39.00 10.36 4.07
C ALA K 307 -39.77 11.40 3.32
N VAL K 308 -39.74 12.62 3.83
CA VAL K 308 -40.37 13.71 3.12
C VAL K 308 -39.31 14.68 2.64
N GLU K 309 -39.22 14.88 1.33
CA GLU K 309 -38.20 15.77 0.84
C GLU K 309 -38.46 17.20 1.23
N ILE K 310 -37.42 17.88 1.64
CA ILE K 310 -37.46 19.30 1.89
C ILE K 310 -36.35 19.94 1.09
N ASN K 311 -36.74 20.89 0.24
CA ASN K 311 -35.77 21.52 -0.64
C ASN K 311 -35.53 22.96 -0.29
N CYS K 312 -34.33 23.26 0.19
CA CYS K 312 -34.04 24.61 0.61
C CYS K 312 -33.06 25.27 -0.34
N THR K 313 -33.44 26.41 -0.86
CA THR K 313 -32.55 27.09 -1.78
C THR K 313 -32.41 28.54 -1.46
N ARG K 314 -31.27 29.06 -1.83
CA ARG K 314 -31.03 30.47 -1.72
C ARG K 314 -31.52 31.15 -3.00
N PRO K 315 -32.07 32.37 -2.96
CA PRO K 315 -32.47 33.12 -4.13
C PRO K 315 -31.22 33.64 -4.81
N ASN K 316 -30.54 32.74 -5.49
CA ASN K 316 -29.27 33.03 -6.12
C ASN K 316 -29.36 34.23 -7.01
N ASN K 317 -28.30 35.01 -6.93
CA ASN K 317 -28.08 36.26 -7.61
C ASN K 317 -28.98 37.39 -7.11
N ASN K 318 -29.70 37.17 -6.01
CA ASN K 318 -30.46 38.24 -5.42
C ASN K 318 -29.59 38.92 -4.39
N THR K 319 -28.97 40.04 -4.74
CA THR K 319 -28.08 40.69 -3.80
C THR K 319 -28.67 42.02 -3.43
N ARG K 320 -29.07 42.15 -2.19
CA ARG K 320 -29.68 43.37 -1.69
C ARG K 320 -29.17 43.61 -0.28
N LYS K 321 -28.93 44.85 0.07
CA LYS K 321 -28.42 45.11 1.40
C LYS K 321 -29.30 46.10 2.14
N SER K 322 -29.38 45.93 3.45
CA SER K 322 -30.10 46.86 4.27
C SER K 322 -29.19 48.04 4.53
N ILE K 323 -29.77 49.14 4.97
CA ILE K 323 -29.00 50.30 5.30
C ILE K 323 -29.35 50.77 6.68
N HIS K 324 -28.48 51.55 7.28
CA HIS K 324 -28.68 52.15 8.59
C HIS K 324 -30.12 52.08 9.07
N ASN K 340 -32.94 40.73 0.88
CA ASN K 340 -31.57 40.94 1.33
C ASN K 340 -30.66 39.88 0.69
N ILE K 341 -29.52 39.64 1.33
CA ILE K 341 -28.59 38.58 0.93
C ILE K 341 -28.84 37.32 1.74
N ARG K 342 -28.97 37.49 3.04
CA ARG K 342 -29.15 36.38 3.96
C ARG K 342 -30.60 35.91 4.01
N GLN K 343 -30.97 35.17 2.98
CA GLN K 343 -32.31 34.62 2.83
C GLN K 343 -32.30 33.28 2.15
N ALA K 344 -33.24 32.43 2.52
CA ALA K 344 -33.43 31.15 1.86
C ALA K 344 -34.90 30.75 1.95
N HIS K 345 -35.31 29.85 1.07
CA HIS K 345 -36.68 29.36 1.09
C HIS K 345 -36.77 27.86 1.07
N CYS K 346 -37.55 27.30 1.99
CA CYS K 346 -37.69 25.84 2.01
C CYS K 346 -39.07 25.37 1.63
N ASN K 347 -39.12 24.49 0.65
CA ASN K 347 -40.37 23.97 0.12
C ASN K 347 -40.64 22.53 0.49
N ILE K 348 -41.76 22.34 1.18
CA ILE K 348 -42.25 21.05 1.67
C ILE K 348 -43.51 20.64 0.94
N SER K 349 -43.56 19.44 0.38
CA SER K 349 -44.80 19.06 -0.28
C SER K 349 -45.92 19.09 0.73
N LYS K 350 -47.04 19.74 0.39
CA LYS K 350 -48.06 19.77 1.42
C LYS K 350 -48.70 18.43 1.53
N ALA K 351 -48.75 17.67 0.42
CA ALA K 351 -49.41 16.39 0.47
C ALA K 351 -48.69 15.46 1.39
N ARG K 352 -47.36 15.47 1.33
CA ARG K 352 -46.65 14.56 2.18
C ARG K 352 -46.80 14.97 3.62
N TRP K 353 -46.78 16.26 3.86
CA TRP K 353 -46.89 16.73 5.22
C TRP K 353 -48.24 16.32 5.80
N ASN K 354 -49.32 16.48 5.02
CA ASN K 354 -50.65 16.16 5.50
C ASN K 354 -50.78 14.69 5.83
N GLU K 355 -50.20 13.83 4.98
CA GLU K 355 -50.30 12.41 5.20
C GLU K 355 -49.53 12.01 6.44
N THR K 356 -48.36 12.63 6.59
CA THR K 356 -47.49 12.34 7.70
C THR K 356 -48.13 12.74 9.00
N LEU K 357 -48.74 13.90 9.04
CA LEU K 357 -49.35 14.32 10.28
C LEU K 357 -50.59 13.53 10.59
N GLY K 358 -51.36 13.12 9.58
CA GLY K 358 -52.53 12.33 9.89
C GLY K 358 -52.10 11.02 10.57
N GLN K 359 -51.03 10.41 10.07
CA GLN K 359 -50.56 9.17 10.64
C GLN K 359 -50.00 9.37 12.04
N ILE K 360 -49.29 10.49 12.26
CA ILE K 360 -48.74 10.78 13.57
C ILE K 360 -49.83 11.02 14.57
N VAL K 361 -50.86 11.77 14.21
CA VAL K 361 -51.87 12.01 15.20
C VAL K 361 -52.58 10.73 15.49
N ALA K 362 -52.76 9.84 14.51
CA ALA K 362 -53.43 8.61 14.88
C ALA K 362 -52.66 7.88 15.99
N LYS K 363 -51.33 7.89 15.94
CA LYS K 363 -50.57 7.23 16.99
C LYS K 363 -50.66 8.00 18.31
N LEU K 364 -50.69 9.33 18.24
CA LEU K 364 -50.78 10.10 19.46
C LEU K 364 -52.14 9.87 20.11
N GLU K 365 -53.17 9.72 19.29
CA GLU K 365 -54.52 9.45 19.76
C GLU K 365 -54.55 8.12 20.46
N GLU K 366 -53.81 7.13 19.96
CA GLU K 366 -53.81 5.86 20.65
C GLU K 366 -53.26 6.03 22.08
N GLN K 367 -52.23 6.87 22.23
CA GLN K 367 -51.67 7.13 23.55
C GLN K 367 -52.57 8.01 24.40
N PHE K 368 -53.29 8.90 23.76
CA PHE K 368 -54.18 9.83 24.43
C PHE K 368 -55.59 9.74 23.80
N PRO K 369 -56.33 8.62 24.01
CA PRO K 369 -57.57 8.23 23.34
C PRO K 369 -58.78 9.12 23.51
N ASN K 370 -58.78 9.96 24.53
CA ASN K 370 -59.93 10.83 24.74
C ASN K 370 -59.59 12.28 24.47
N LYS K 371 -58.48 12.53 23.76
CA LYS K 371 -58.10 13.92 23.53
C LYS K 371 -57.85 14.29 22.07
N THR K 372 -58.02 15.57 21.79
CA THR K 372 -57.75 16.21 20.50
C THR K 372 -56.27 16.50 20.40
N ILE K 373 -55.70 16.34 19.20
CA ILE K 373 -54.29 16.66 19.08
C ILE K 373 -54.07 18.01 18.41
N ILE K 374 -53.41 18.92 19.10
CA ILE K 374 -53.16 20.24 18.54
C ILE K 374 -51.68 20.52 18.49
N PHE K 375 -51.24 21.14 17.43
CA PHE K 375 -49.85 21.47 17.25
C PHE K 375 -49.64 22.95 17.33
N ASN K 376 -48.49 23.32 17.87
CA ASN K 376 -48.16 24.72 18.02
C ASN K 376 -46.67 24.94 17.77
N HIS K 377 -46.26 26.20 17.82
CA HIS K 377 -44.89 26.63 17.68
C HIS K 377 -44.24 26.67 19.06
N SER K 378 -42.96 27.01 19.15
CA SER K 378 -42.30 26.99 20.44
C SER K 378 -42.80 28.11 21.35
N SER K 379 -42.52 27.97 22.65
CA SER K 379 -42.92 28.96 23.66
C SER K 379 -41.87 30.02 23.91
N GLY K 380 -40.70 29.80 23.35
CA GLY K 380 -39.55 30.66 23.53
C GLY K 380 -38.29 29.85 23.69
N GLY K 381 -37.16 30.54 23.77
CA GLY K 381 -35.86 29.90 23.89
C GLY K 381 -34.90 30.39 22.82
N ASP K 382 -33.73 29.78 22.80
CA ASP K 382 -32.69 30.13 21.85
C ASP K 382 -33.16 29.89 20.41
N PRO K 383 -32.78 30.72 19.43
CA PRO K 383 -33.13 30.61 18.03
C PRO K 383 -32.92 29.23 17.41
N GLU K 384 -31.92 28.49 17.88
CA GLU K 384 -31.65 27.16 17.35
C GLU K 384 -32.75 26.16 17.63
N ILE K 385 -33.56 26.45 18.62
CA ILE K 385 -34.67 25.63 19.02
C ILE K 385 -35.95 26.18 18.50
N VAL K 386 -36.09 27.49 18.54
CA VAL K 386 -37.32 28.12 18.12
C VAL K 386 -37.55 27.88 16.64
N THR K 387 -36.51 28.05 15.84
CA THR K 387 -36.59 27.78 14.43
C THR K 387 -35.85 26.50 14.11
N HIS K 388 -36.07 25.97 12.93
CA HIS K 388 -35.37 24.77 12.55
C HIS K 388 -33.95 25.11 12.21
N SER K 389 -33.01 24.34 12.70
CA SER K 389 -31.62 24.64 12.38
C SER K 389 -30.91 23.52 11.66
N PHE K 390 -30.16 23.92 10.65
CA PHE K 390 -29.33 23.00 9.84
C PHE K 390 -28.22 23.74 9.15
N ASN K 391 -27.33 23.00 8.53
CA ASN K 391 -26.27 23.66 7.79
C ASN K 391 -25.89 22.89 6.54
N CYS K 392 -25.35 23.64 5.57
CA CYS K 392 -24.85 23.11 4.31
C CYS K 392 -23.61 23.87 3.90
N GLY K 393 -22.53 23.20 3.63
CA GLY K 393 -21.36 23.99 3.34
C GLY K 393 -21.12 24.71 4.65
N GLY K 394 -20.67 25.94 4.59
CA GLY K 394 -20.38 26.67 5.81
C GLY K 394 -21.57 27.50 6.26
N GLU K 395 -22.73 27.34 5.62
CA GLU K 395 -23.85 28.17 5.95
C GLU K 395 -24.75 27.54 6.99
N PHE K 396 -25.12 28.34 7.98
CA PHE K 396 -26.00 27.93 9.06
C PHE K 396 -27.37 28.56 8.89
N PHE K 397 -28.37 27.73 8.66
CA PHE K 397 -29.71 28.16 8.34
C PHE K 397 -30.65 28.06 9.49
N TYR K 398 -31.53 29.04 9.58
CA TYR K 398 -32.61 29.08 10.55
C TYR K 398 -33.93 29.20 9.83
N CYS K 399 -34.82 28.22 9.98
CA CYS K 399 -36.07 28.29 9.25
C CYS K 399 -37.31 28.32 10.13
N ASN K 400 -38.23 29.17 9.77
CA ASN K 400 -39.47 29.33 10.50
C ASN K 400 -40.48 28.28 10.10
N THR K 401 -40.70 27.32 11.00
CA THR K 401 -41.54 26.16 10.78
C THR K 401 -42.96 26.36 11.21
N THR K 402 -43.31 27.57 11.60
CA THR K 402 -44.67 27.86 12.03
C THR K 402 -45.71 27.28 11.05
N PRO K 403 -45.59 27.44 9.71
CA PRO K 403 -46.52 26.96 8.72
C PRO K 403 -46.78 25.46 8.75
N LEU K 404 -45.87 24.72 9.36
CA LEU K 404 -45.98 23.28 9.46
C LEU K 404 -46.72 22.80 10.71
N PHE K 405 -46.84 23.66 11.74
CA PHE K 405 -47.40 23.20 13.01
C PHE K 405 -48.43 24.12 13.65
N ASN K 406 -49.58 24.31 13.02
CA ASN K 406 -50.64 25.11 13.64
C ASN K 406 -51.99 24.39 13.60
N SER K 407 -51.93 23.10 13.26
CA SER K 407 -53.11 22.25 13.09
C SER K 407 -53.76 21.85 14.42
N THR K 408 -55.01 21.41 14.33
CA THR K 408 -55.57 20.57 15.42
C THR K 408 -56.35 19.38 14.86
N TRP K 409 -55.77 18.19 14.90
CA TRP K 409 -56.51 16.99 14.47
C TRP K 409 -57.33 16.48 15.66
N ASN K 410 -58.58 16.06 15.42
CA ASN K 410 -59.36 15.34 16.46
C ASN K 410 -60.08 14.19 15.80
N ASN K 411 -60.96 14.50 14.83
CA ASN K 411 -61.62 13.43 14.06
C ASN K 411 -60.68 13.09 12.92
N THR K 412 -59.38 12.96 13.23
CA THR K 412 -58.37 12.72 12.19
C THR K 412 -58.60 13.73 11.07
N ARG K 413 -59.06 14.93 11.43
CA ARG K 413 -59.25 15.89 10.37
C ARG K 413 -59.01 17.29 10.89
N THR K 414 -58.30 18.10 10.12
CA THR K 414 -58.08 19.48 10.57
C THR K 414 -58.55 20.59 9.62
N ASP K 415 -58.48 20.35 8.32
CA ASP K 415 -58.66 21.42 7.35
C ASP K 415 -57.63 22.53 7.65
N ASP K 416 -56.48 22.14 8.18
CA ASP K 416 -55.54 23.20 8.60
C ASP K 416 -55.09 23.84 7.30
N TYR K 417 -54.91 23.00 6.29
CA TYR K 417 -54.58 23.52 4.95
C TYR K 417 -55.91 23.61 4.23
N PRO K 418 -56.31 24.80 3.73
CA PRO K 418 -57.64 24.95 3.15
C PRO K 418 -57.89 24.22 1.84
N THR K 419 -57.31 23.03 1.68
CA THR K 419 -56.97 22.53 0.32
C THR K 419 -56.45 23.71 -0.48
N GLY K 420 -55.43 24.42 0.05
CA GLY K 420 -54.91 25.63 -0.61
C GLY K 420 -54.45 25.40 -2.04
N GLY K 421 -54.28 24.13 -2.44
CA GLY K 421 -53.92 23.83 -3.83
C GLY K 421 -52.58 24.42 -4.20
N GLU K 422 -51.95 25.17 -3.28
CA GLU K 422 -50.57 25.59 -3.53
C GLU K 422 -49.62 24.42 -3.69
N GLN K 423 -49.89 23.37 -2.95
CA GLN K 423 -49.12 22.13 -2.91
C GLN K 423 -47.76 22.27 -2.26
N ASN K 424 -47.48 23.43 -1.71
CA ASN K 424 -46.18 23.70 -1.11
C ASN K 424 -46.29 24.51 0.15
N ILE K 425 -45.75 23.97 1.21
CA ILE K 425 -45.71 24.72 2.42
C ILE K 425 -44.36 25.34 2.33
N THR K 426 -44.27 26.65 2.48
CA THR K 426 -42.96 27.24 2.31
C THR K 426 -42.51 27.89 3.57
N LEU K 427 -41.23 27.75 3.87
CA LEU K 427 -40.70 28.37 5.06
C LEU K 427 -39.82 29.53 4.71
N GLN K 428 -39.87 30.55 5.54
CA GLN K 428 -38.93 31.66 5.39
C GLN K 428 -37.71 31.33 6.20
N CYS K 429 -36.55 31.42 5.58
CA CYS K 429 -35.32 31.12 6.25
C CYS K 429 -34.32 32.25 6.19
N ARG K 430 -33.42 32.26 7.16
CA ARG K 430 -32.32 33.20 7.21
C ARG K 430 -31.02 32.48 7.45
N ILE K 431 -29.94 33.11 7.02
CA ILE K 431 -28.61 32.57 7.22
C ILE K 431 -27.95 33.48 8.24
N LYS K 432 -27.39 32.91 9.29
CA LYS K 432 -26.80 33.73 10.34
C LYS K 432 -25.29 33.60 10.45
N GLN K 433 -24.64 34.62 10.99
CA GLN K 433 -23.21 34.53 11.25
C GLN K 433 -22.91 34.25 12.69
N ILE K 434 -23.75 34.73 13.61
CA ILE K 434 -23.50 34.47 15.03
C ILE K 434 -24.55 33.52 15.53
N ILE K 435 -24.08 32.37 15.98
CA ILE K 435 -24.97 31.30 16.40
C ILE K 435 -24.60 30.78 17.79
N ASN K 436 -25.52 30.11 18.47
CA ASN K 436 -25.16 29.48 19.73
C ASN K 436 -24.51 28.16 19.39
N MET K 437 -23.49 27.77 20.12
CA MET K 437 -22.89 26.49 19.81
C MET K 437 -23.70 25.37 20.37
N TRP K 438 -23.72 24.23 19.69
CA TRP K 438 -24.39 23.06 20.23
C TRP K 438 -23.45 22.29 21.14
N GLN K 439 -22.16 22.60 21.03
CA GLN K 439 -21.11 21.90 21.74
C GLN K 439 -20.87 22.44 23.13
N GLY K 440 -21.83 22.26 24.00
CA GLY K 440 -21.74 22.77 25.36
C GLY K 440 -22.10 24.24 25.35
N VAL K 441 -21.98 24.92 26.48
CA VAL K 441 -22.38 26.31 26.49
C VAL K 441 -21.31 27.22 25.93
N GLY K 442 -21.70 28.04 24.97
CA GLY K 442 -20.81 29.00 24.35
C GLY K 442 -21.42 29.56 23.08
N LYS K 443 -20.77 30.58 22.53
CA LYS K 443 -21.24 31.28 21.32
C LYS K 443 -20.17 31.35 20.24
N ALA K 444 -20.57 31.37 18.96
CA ALA K 444 -19.54 31.49 17.93
C ALA K 444 -19.97 32.27 16.70
N MET K 445 -18.99 32.94 16.10
CA MET K 445 -19.19 33.70 14.89
C MET K 445 -18.41 33.17 13.71
N TYR K 446 -19.10 33.06 12.61
CA TYR K 446 -18.56 32.61 11.35
C TYR K 446 -18.52 33.73 10.33
N ALA K 447 -17.67 33.57 9.33
CA ALA K 447 -17.55 34.55 8.26
C ALA K 447 -18.89 34.68 7.50
N PRO K 448 -19.20 35.85 6.89
CA PRO K 448 -20.38 36.16 6.08
C PRO K 448 -20.54 35.19 4.92
N PRO K 449 -21.73 35.09 4.29
CA PRO K 449 -22.13 34.16 3.24
C PRO K 449 -21.34 34.15 1.95
N ILE K 450 -21.36 32.99 1.31
CA ILE K 450 -20.78 32.70 0.00
C ILE K 450 -21.57 33.47 -1.04
N ARG K 451 -20.92 34.09 -2.01
CA ARG K 451 -21.62 34.91 -3.01
C ARG K 451 -22.47 34.22 -4.08
N GLY K 452 -22.36 32.91 -4.22
CA GLY K 452 -23.09 32.17 -5.25
C GLY K 452 -24.34 31.45 -4.73
N GLN K 453 -24.67 30.33 -5.37
CA GLN K 453 -25.87 29.58 -5.05
C GLN K 453 -25.62 28.49 -4.05
N ILE K 454 -26.48 28.44 -3.04
CA ILE K 454 -26.46 27.44 -2.00
C ILE K 454 -27.76 26.65 -2.02
N ARG K 455 -27.62 25.33 -2.00
CA ARG K 455 -28.76 24.43 -1.98
C ARG K 455 -28.59 23.31 -0.99
N CYS K 456 -29.67 22.96 -0.33
CA CYS K 456 -29.71 21.82 0.56
C CYS K 456 -30.84 20.90 0.10
N SER K 457 -30.60 19.62 0.12
CA SER K 457 -31.63 18.67 -0.25
C SER K 457 -31.71 17.62 0.80
N SER K 458 -32.75 17.66 1.61
CA SER K 458 -32.77 16.75 2.74
C SER K 458 -34.01 15.91 2.88
N ASN K 459 -33.85 14.81 3.58
CA ASN K 459 -34.95 13.90 3.90
C ASN K 459 -35.45 14.07 5.32
N ILE K 460 -36.69 14.49 5.49
CA ILE K 460 -37.17 14.57 6.85
C ILE K 460 -37.44 13.16 7.20
N THR K 461 -36.80 12.67 8.25
CA THR K 461 -36.98 11.28 8.63
C THR K 461 -37.52 11.12 10.03
N GLY K 462 -37.84 12.22 10.67
CA GLY K 462 -38.36 12.18 12.03
C GLY K 462 -38.52 13.54 12.66
N LEU K 463 -39.26 13.56 13.76
CA LEU K 463 -39.56 14.78 14.45
C LEU K 463 -39.28 14.70 15.94
N LEU K 464 -38.53 15.66 16.43
CA LEU K 464 -38.15 15.69 17.82
C LEU K 464 -39.21 16.46 18.55
N LEU K 465 -40.41 15.94 18.52
CA LEU K 465 -41.53 16.63 19.08
C LEU K 465 -41.54 16.54 20.57
N THR K 466 -42.15 17.52 21.20
CA THR K 466 -42.39 17.40 22.61
C THR K 466 -43.85 17.63 22.89
N ARG K 467 -44.21 17.54 24.16
CA ARG K 467 -45.57 17.70 24.61
C ARG K 467 -45.62 18.62 25.82
N ASP K 468 -46.73 19.32 25.98
CA ASP K 468 -46.92 20.24 27.09
C ASP K 468 -47.25 19.48 28.37
N GLY K 469 -47.43 20.19 29.47
CA GLY K 469 -47.69 19.55 30.76
C GLY K 469 -48.98 18.74 30.70
N GLY K 470 -50.05 19.42 30.33
CA GLY K 470 -51.36 18.78 30.18
C GLY K 470 -52.22 18.81 31.44
N ARG K 471 -51.62 19.15 32.58
CA ARG K 471 -52.32 19.15 33.86
C ARG K 471 -53.57 20.00 33.93
N ASP K 472 -53.55 21.14 33.25
CA ASP K 472 -54.64 22.08 33.23
C ASP K 472 -55.41 22.04 31.91
N GLN K 473 -55.25 20.98 31.12
CA GLN K 473 -55.94 20.93 29.86
C GLN K 473 -57.20 20.12 29.95
N ASN K 474 -58.14 20.41 29.07
CA ASN K 474 -59.40 19.69 29.08
C ASN K 474 -59.80 19.15 27.73
N GLY K 475 -59.45 17.90 27.49
CA GLY K 475 -59.78 17.22 26.24
C GLY K 475 -58.80 17.41 25.08
N THR K 476 -57.74 18.17 25.31
CA THR K 476 -56.75 18.45 24.28
C THR K 476 -55.31 18.32 24.77
N GLU K 477 -54.45 17.76 23.93
CA GLU K 477 -53.02 17.70 24.19
C GLU K 477 -52.29 18.55 23.18
N THR K 478 -51.30 19.31 23.65
CA THR K 478 -50.53 20.17 22.77
C THR K 478 -49.12 19.73 22.55
N PHE K 479 -48.76 19.66 21.28
CA PHE K 479 -47.46 19.25 20.84
C PHE K 479 -46.74 20.41 20.20
N ARG K 480 -45.43 20.44 20.37
CA ARG K 480 -44.60 21.49 19.80
C ARG K 480 -43.33 20.87 19.22
N PRO K 481 -42.87 21.27 18.04
CA PRO K 481 -41.67 20.79 17.40
C PRO K 481 -40.40 21.32 18.01
N GLY K 482 -40.47 22.41 18.77
CA GLY K 482 -39.23 22.94 19.24
C GLY K 482 -38.59 21.96 20.17
N GLY K 483 -37.31 21.72 19.97
CA GLY K 483 -36.58 20.82 20.83
C GLY K 483 -35.51 20.01 20.12
N GLY K 484 -34.71 19.35 20.94
CA GLY K 484 -33.63 18.53 20.48
C GLY K 484 -32.27 19.10 20.80
N ASN K 485 -31.34 18.19 20.88
CA ASN K 485 -29.96 18.48 21.12
C ASN K 485 -29.26 17.34 20.45
N MET K 486 -27.96 17.33 20.43
CA MET K 486 -27.37 16.26 19.70
C MET K 486 -27.45 14.88 20.30
N ARG K 487 -27.55 14.74 21.60
CA ARG K 487 -27.57 13.38 22.07
C ARG K 487 -28.83 12.69 21.62
N ASP K 488 -29.93 13.44 21.58
CA ASP K 488 -31.21 12.88 21.17
C ASP K 488 -31.15 12.45 19.73
N ASN K 489 -30.45 13.21 18.91
CA ASN K 489 -30.40 12.82 17.51
C ASN K 489 -29.71 11.50 17.32
N TRP K 490 -28.71 11.21 18.14
CA TRP K 490 -28.02 9.95 17.97
C TRP K 490 -28.78 8.81 18.61
N ARG K 491 -29.52 9.07 19.68
CA ARG K 491 -30.28 7.99 20.28
C ARG K 491 -31.26 7.42 19.29
N SER K 492 -31.83 8.27 18.46
CA SER K 492 -32.77 7.82 17.45
C SER K 492 -32.14 6.98 16.35
N GLU K 493 -30.83 6.96 16.26
CA GLU K 493 -30.15 6.17 15.24
C GLU K 493 -29.46 4.94 15.83
N LEU K 494 -29.00 5.05 17.07
CA LEU K 494 -28.22 3.98 17.71
C LEU K 494 -29.03 3.00 18.55
N TYR K 495 -30.33 3.19 18.64
CA TYR K 495 -31.19 2.36 19.47
C TYR K 495 -31.18 0.89 19.11
N LYS K 496 -30.78 0.57 17.91
CA LYS K 496 -30.79 -0.80 17.48
C LYS K 496 -29.58 -1.57 17.91
N TYR K 497 -28.55 -0.91 18.43
CA TYR K 497 -27.34 -1.66 18.71
C TYR K 497 -26.83 -1.64 20.14
N LYS K 498 -26.32 -2.80 20.60
CA LYS K 498 -25.76 -2.96 21.94
C LYS K 498 -24.42 -3.70 21.90
N VAL K 499 -23.43 -3.31 22.70
CA VAL K 499 -22.17 -4.07 22.64
C VAL K 499 -21.97 -4.88 23.91
N VAL K 500 -21.72 -6.16 23.69
CA VAL K 500 -21.58 -7.14 24.75
C VAL K 500 -20.34 -8.00 24.57
N LYS K 501 -19.99 -8.73 25.62
CA LYS K 501 -18.94 -9.74 25.50
C LYS K 501 -19.36 -11.03 26.17
N ILE K 502 -18.91 -12.13 25.61
CA ILE K 502 -19.18 -13.45 26.18
C ILE K 502 -18.19 -13.86 27.22
N GLU K 503 -18.76 -14.36 28.30
CA GLU K 503 -18.06 -14.87 29.44
C GLU K 503 -18.32 -16.35 29.45
N PRO K 504 -17.46 -17.18 28.85
CA PRO K 504 -17.67 -18.57 28.58
C PRO K 504 -17.69 -19.49 29.79
N LEU K 505 -17.31 -19.01 30.96
CA LEU K 505 -17.28 -19.92 32.10
C LEU K 505 -18.55 -19.85 32.93
N GLY K 506 -19.29 -20.96 33.01
CA GLY K 506 -20.53 -20.99 33.77
C GLY K 506 -20.65 -22.21 34.67
N ILE K 507 -21.60 -22.15 35.61
CA ILE K 507 -21.86 -23.21 36.56
C ILE K 507 -23.28 -23.69 36.62
N ALA K 508 -23.47 -24.98 36.72
CA ALA K 508 -24.79 -25.57 36.91
C ALA K 508 -24.59 -26.84 37.71
N PRO K 509 -25.52 -27.27 38.56
CA PRO K 509 -25.47 -28.53 39.24
C PRO K 509 -25.81 -29.68 38.32
N THR K 510 -25.27 -30.87 38.61
CA THR K 510 -25.66 -32.08 37.91
C THR K 510 -25.47 -33.36 38.75
N ALA K 511 -25.63 -34.50 38.10
CA ALA K 511 -25.60 -35.81 38.75
C ALA K 511 -24.24 -36.50 38.85
N CYS K 512 -23.19 -35.91 38.34
CA CYS K 512 -21.88 -36.57 38.36
C CYS K 512 -21.15 -36.30 39.65
N LYS K 513 -20.25 -37.18 40.04
CA LYS K 513 -19.37 -36.89 41.14
C LYS K 513 -17.93 -37.11 40.70
N ARG K 514 -17.00 -36.29 41.20
CA ARG K 514 -15.61 -36.52 40.90
C ARG K 514 -15.10 -37.61 41.80
N ARG K 515 -14.32 -38.53 41.25
CA ARG K 515 -13.75 -39.57 42.08
C ARG K 515 -12.62 -38.98 42.88
N VAL K 516 -12.63 -39.22 44.17
CA VAL K 516 -11.57 -38.74 45.02
C VAL K 516 -11.01 -39.87 45.89
N GLU L 1 4.64 42.95 6.16
CA GLU L 1 3.22 42.63 6.15
C GLU L 1 2.53 43.40 5.04
N LEU L 2 1.22 43.62 5.21
CA LEU L 2 0.49 44.39 4.24
C LEU L 2 0.74 45.87 4.46
N GLU L 3 1.19 46.52 3.41
CA GLU L 3 1.49 47.94 3.41
C GLU L 3 0.86 48.58 2.20
N LEU L 4 0.55 49.87 2.31
CA LEU L 4 -0.06 50.57 1.19
C LEU L 4 0.83 51.67 0.69
N THR L 5 1.18 51.58 -0.57
CA THR L 5 2.01 52.58 -1.22
C THR L 5 1.13 53.39 -2.17
N GLN L 6 1.12 54.69 -1.99
CA GLN L 6 0.29 55.54 -2.82
C GLN L 6 1.11 56.30 -3.87
N SER L 7 0.41 57.09 -4.69
CA SER L 7 0.96 57.93 -5.74
C SER L 7 1.83 59.03 -5.06
N PRO L 8 2.57 59.90 -5.80
CA PRO L 8 3.48 60.94 -5.28
C PRO L 8 2.86 61.89 -4.25
N ALA L 9 1.53 61.97 -4.22
CA ALA L 9 0.76 62.81 -3.31
C ALA L 9 0.84 64.28 -3.59
N THR L 10 1.30 64.62 -4.76
CA THR L 10 1.38 65.97 -5.27
C THR L 10 0.80 65.92 -6.66
N LEU L 11 -0.52 65.79 -6.77
CA LEU L 11 -1.09 65.55 -8.07
C LEU L 11 -1.52 66.87 -8.65
N SER L 12 -0.82 67.36 -9.66
CA SER L 12 -1.18 68.66 -10.19
C SER L 12 -2.27 68.50 -11.23
N VAL L 13 -3.45 69.03 -10.92
CA VAL L 13 -4.61 68.89 -11.78
C VAL L 13 -5.52 70.11 -11.75
N SER L 14 -6.02 70.51 -12.90
CA SER L 14 -6.93 71.65 -12.91
C SER L 14 -8.35 71.20 -12.63
N PRO L 15 -9.22 72.06 -12.13
CA PRO L 15 -10.60 71.74 -11.97
C PRO L 15 -11.13 71.50 -13.37
N GLY L 16 -12.00 70.53 -13.48
CA GLY L 16 -12.61 70.13 -14.74
C GLY L 16 -11.86 68.97 -15.38
N GLU L 17 -10.65 68.68 -14.89
CA GLU L 17 -9.83 67.60 -15.41
C GLU L 17 -10.06 66.33 -14.63
N ARG L 18 -9.69 65.19 -15.20
CA ARG L 18 -9.83 63.93 -14.50
C ARG L 18 -8.54 63.55 -13.77
N ALA L 19 -8.58 63.57 -12.44
CA ALA L 19 -7.39 63.27 -11.64
C ALA L 19 -7.22 61.76 -11.52
N THR L 20 -5.98 61.24 -11.56
CA THR L 20 -5.80 59.81 -11.33
C THR L 20 -4.94 59.55 -10.10
N LEU L 21 -5.48 58.77 -9.20
CA LEU L 21 -4.91 58.41 -7.93
C LEU L 21 -4.70 56.90 -7.89
N SER L 22 -3.82 56.42 -7.03
CA SER L 22 -3.55 54.98 -7.00
C SER L 22 -3.29 54.46 -5.60
N CYS L 23 -3.40 53.15 -5.47
CA CYS L 23 -3.24 52.43 -4.22
C CYS L 23 -2.62 51.05 -4.44
N ARG L 24 -1.35 50.91 -4.10
CA ARG L 24 -0.63 49.66 -4.31
C ARG L 24 -0.45 48.89 -3.02
N ALA L 25 -0.71 47.60 -3.06
CA ALA L 25 -0.54 46.79 -1.87
C ALA L 25 0.76 46.00 -1.90
N SER L 26 1.36 45.80 -0.72
CA SER L 26 2.52 44.91 -0.63
C SER L 26 2.13 43.43 -0.69
N GLU L 27 0.87 43.13 -0.45
CA GLU L 27 0.30 41.78 -0.42
C GLU L 27 -1.04 41.85 -1.15
N SER L 28 -1.52 40.74 -1.68
CA SER L 28 -2.81 40.78 -2.35
C SER L 28 -3.94 41.14 -1.39
N VAL L 29 -4.87 41.95 -1.89
CA VAL L 29 -6.05 42.42 -1.20
C VAL L 29 -7.26 42.17 -2.11
N SER L 30 -8.38 41.76 -1.56
CA SER L 30 -9.57 41.57 -2.38
C SER L 30 -10.23 42.92 -2.50
N SER L 31 -11.52 42.96 -2.82
CA SER L 31 -12.20 44.25 -2.98
C SER L 31 -12.60 44.76 -1.58
N ASP L 32 -11.57 45.00 -0.77
CA ASP L 32 -11.63 45.40 0.61
C ASP L 32 -11.03 46.75 0.85
N LEU L 33 -11.11 47.58 -0.17
CA LEU L 33 -10.59 48.91 -0.07
C LEU L 33 -11.61 49.95 0.23
N ALA L 34 -11.15 50.94 0.92
CA ALA L 34 -11.95 52.08 1.23
C ALA L 34 -11.22 53.35 0.85
N TRP L 35 -11.89 54.20 0.07
CA TRP L 35 -11.25 55.45 -0.32
C TRP L 35 -11.94 56.59 0.41
N TYR L 36 -11.14 57.47 0.99
CA TYR L 36 -11.65 58.56 1.81
C TYR L 36 -11.20 59.92 1.31
N GLN L 37 -12.02 60.95 1.56
CA GLN L 37 -11.70 62.32 1.20
C GLN L 37 -11.56 63.25 2.43
N GLN L 38 -10.31 63.60 2.78
CA GLN L 38 -10.03 64.41 3.96
C GLN L 38 -9.80 65.87 3.66
N LYS L 39 -10.54 66.71 4.33
CA LYS L 39 -10.38 68.14 4.17
C LYS L 39 -9.84 68.60 5.51
N PRO L 40 -9.05 69.68 5.59
CA PRO L 40 -8.54 70.17 6.84
C PRO L 40 -9.67 70.46 7.80
N GLY L 41 -9.57 69.93 9.01
CA GLY L 41 -10.57 70.17 10.05
C GLY L 41 -11.80 69.29 9.90
N GLN L 42 -11.84 68.44 8.89
CA GLN L 42 -13.00 67.61 8.62
C GLN L 42 -12.76 66.14 8.84
N ALA L 43 -13.84 65.40 9.03
CA ALA L 43 -13.72 63.96 9.12
C ALA L 43 -13.28 63.42 7.77
N PRO L 44 -12.47 62.36 7.72
CA PRO L 44 -12.03 61.70 6.53
C PRO L 44 -13.13 60.82 5.98
N ARG L 45 -14.15 61.44 5.41
CA ARG L 45 -15.34 60.76 4.90
C ARG L 45 -15.07 59.72 3.84
N LEU L 46 -15.77 58.58 3.95
CA LEU L 46 -15.66 57.51 2.97
C LEU L 46 -16.44 57.79 1.72
N LEU L 47 -15.77 57.71 0.57
CA LEU L 47 -16.45 57.92 -0.67
C LEU L 47 -16.59 56.62 -1.48
N ILE L 48 -15.56 55.77 -1.47
CA ILE L 48 -15.69 54.50 -2.21
C ILE L 48 -15.52 53.33 -1.29
N TYR L 49 -16.50 52.47 -1.38
CA TYR L 49 -16.67 51.30 -0.56
C TYR L 49 -16.35 49.96 -1.29
N GLY L 50 -15.37 49.20 -0.84
CA GLY L 50 -15.15 47.89 -1.44
C GLY L 50 -14.47 48.00 -2.79
N ALA L 51 -13.55 48.94 -2.86
CA ALA L 51 -12.77 49.30 -4.03
C ALA L 51 -13.60 50.05 -5.07
N SER L 52 -14.83 49.62 -5.35
CA SER L 52 -15.63 50.25 -6.41
C SER L 52 -17.04 50.82 -6.08
N THR L 53 -17.62 50.57 -4.92
CA THR L 53 -19.01 51.01 -4.70
C THR L 53 -19.14 52.44 -4.17
N ARG L 54 -20.02 53.25 -4.76
CA ARG L 54 -20.17 54.58 -4.17
C ARG L 54 -20.69 54.37 -2.75
N ALA L 55 -20.06 55.03 -1.79
CA ALA L 55 -20.35 54.86 -0.37
C ALA L 55 -21.65 55.51 0.12
N THR L 56 -22.34 56.25 -0.76
CA THR L 56 -23.60 56.98 -0.53
C THR L 56 -23.39 58.47 -0.32
N GLY L 57 -24.06 59.26 -1.17
CA GLY L 57 -23.97 60.72 -1.16
C GLY L 57 -22.68 61.16 -1.82
N VAL L 58 -22.15 60.28 -2.64
CA VAL L 58 -20.90 60.46 -3.33
C VAL L 58 -21.18 60.70 -4.81
N PRO L 59 -20.71 61.81 -5.39
CA PRO L 59 -20.87 62.16 -6.79
C PRO L 59 -20.28 61.09 -7.67
N ALA L 60 -20.87 60.90 -8.85
CA ALA L 60 -20.43 59.91 -9.83
C ALA L 60 -19.05 60.21 -10.36
N ARG L 61 -18.62 61.45 -10.13
CA ARG L 61 -17.33 61.95 -10.54
C ARG L 61 -16.25 61.11 -9.89
N PHE L 62 -16.52 60.66 -8.67
CA PHE L 62 -15.54 59.97 -7.89
C PHE L 62 -15.74 58.47 -7.99
N SER L 63 -14.86 57.77 -8.70
CA SER L 63 -15.05 56.35 -8.90
C SER L 63 -13.74 55.61 -9.07
N GLY L 64 -13.77 54.29 -8.94
CA GLY L 64 -12.54 53.53 -9.07
C GLY L 64 -12.79 52.05 -9.15
N SER L 65 -11.69 51.31 -9.22
CA SER L 65 -11.69 49.85 -9.38
C SER L 65 -10.33 49.26 -9.06
N GLY L 66 -10.26 47.93 -9.00
CA GLY L 66 -8.96 47.29 -8.84
C GLY L 66 -9.05 45.89 -8.28
N SER L 67 -7.90 45.23 -8.21
CA SER L 67 -7.82 43.86 -7.70
C SER L 67 -6.38 43.52 -7.32
N GLY L 68 -6.19 42.41 -6.62
CA GLY L 68 -4.84 41.97 -6.35
C GLY L 68 -4.12 43.03 -5.53
N ALA L 69 -3.03 43.53 -6.05
CA ALA L 69 -2.30 44.54 -5.30
C ALA L 69 -2.31 45.87 -6.02
N GLU L 70 -3.17 46.04 -7.02
CA GLU L 70 -3.21 47.31 -7.75
C GLU L 70 -4.60 47.88 -7.91
N PHE L 71 -4.83 49.01 -7.25
CA PHE L 71 -6.13 49.65 -7.29
C PHE L 71 -6.01 51.10 -7.67
N THR L 72 -7.04 51.62 -8.34
CA THR L 72 -7.05 53.04 -8.67
C THR L 72 -8.36 53.76 -8.41
N LEU L 73 -8.20 55.07 -8.33
CA LEU L 73 -9.26 56.05 -8.17
C LEU L 73 -9.13 57.17 -9.17
N THR L 74 -10.21 57.51 -9.83
CA THR L 74 -10.14 58.68 -10.66
C THR L 74 -11.24 59.64 -10.30
N ILE L 75 -10.98 60.93 -10.49
CA ILE L 75 -12.00 61.90 -10.21
C ILE L 75 -12.30 62.71 -11.45
N SER L 76 -13.43 62.44 -12.12
CA SER L 76 -13.77 63.10 -13.37
C SER L 76 -14.29 64.48 -13.12
N SER L 77 -14.06 65.42 -14.04
CA SER L 77 -14.63 66.74 -13.90
C SER L 77 -14.40 67.26 -12.49
N LEU L 78 -13.16 67.21 -12.04
CA LEU L 78 -12.77 67.55 -10.70
C LEU L 78 -13.22 68.92 -10.26
N GLN L 79 -13.83 69.02 -9.07
CA GLN L 79 -14.30 70.30 -8.57
C GLN L 79 -13.35 70.88 -7.55
N SER L 80 -13.42 72.18 -7.29
CA SER L 80 -12.49 72.78 -6.32
C SER L 80 -12.63 72.19 -4.91
N GLU L 81 -13.83 71.73 -4.56
CA GLU L 81 -14.06 71.15 -3.25
C GLU L 81 -13.46 69.76 -3.14
N ASP L 82 -12.99 69.20 -4.26
CA ASP L 82 -12.41 67.88 -4.26
C ASP L 82 -10.91 67.93 -4.07
N PHE L 83 -10.31 69.11 -3.90
CA PHE L 83 -8.85 69.13 -3.72
C PHE L 83 -8.48 68.88 -2.27
N ALA L 84 -8.74 67.64 -1.89
CA ALA L 84 -8.63 67.02 -0.60
C ALA L 84 -7.47 66.06 -0.53
N VAL L 85 -7.19 65.58 0.68
CA VAL L 85 -6.19 64.55 0.82
C VAL L 85 -6.92 63.23 0.73
N TYR L 86 -6.52 62.38 -0.18
CA TYR L 86 -7.21 61.14 -0.33
C TYR L 86 -6.48 60.01 0.33
N TYR L 87 -7.25 59.12 0.90
CA TYR L 87 -6.68 57.95 1.53
C TYR L 87 -7.27 56.69 1.00
N CYS L 88 -6.43 55.70 0.92
CA CYS L 88 -6.83 54.36 0.56
C CYS L 88 -6.56 53.52 1.79
N GLN L 89 -7.54 52.73 2.21
CA GLN L 89 -7.36 51.85 3.36
C GLN L 89 -7.75 50.43 2.99
N GLN L 90 -7.17 49.45 3.67
CA GLN L 90 -7.45 48.04 3.40
C GLN L 90 -7.79 47.25 4.66
N TYR L 91 -8.87 46.47 4.62
CA TYR L 91 -9.29 45.71 5.80
C TYR L 91 -9.36 44.19 5.56
N ASN L 92 -8.65 43.69 4.57
CA ASN L 92 -8.77 42.28 4.18
C ASN L 92 -8.18 41.21 5.08
N ASN L 93 -7.49 41.60 6.13
CA ASN L 93 -6.88 40.62 7.00
C ASN L 93 -7.82 40.20 8.11
N TRP L 94 -7.67 38.98 8.63
CA TRP L 94 -8.46 38.61 9.78
C TRP L 94 -7.60 37.61 10.58
N PRO L 95 -7.34 37.80 11.89
CA PRO L 95 -7.77 38.82 12.83
C PRO L 95 -7.45 40.16 12.24
N PRO L 96 -8.26 41.18 12.48
CA PRO L 96 -8.16 42.47 11.85
C PRO L 96 -6.84 43.16 11.97
N ARG L 97 -6.42 43.71 10.85
CA ARG L 97 -5.24 44.52 10.70
C ARG L 97 -5.66 45.51 9.66
N TYR L 98 -5.43 46.78 9.88
CA TYR L 98 -5.84 47.73 8.86
C TYR L 98 -4.68 48.45 8.28
N THR L 99 -4.68 48.53 6.97
CA THR L 99 -3.66 49.27 6.30
C THR L 99 -4.36 50.59 6.23
N PHE L 100 -3.78 51.66 6.74
CA PHE L 100 -4.55 52.88 6.77
C PHE L 100 -4.19 53.95 5.78
N GLY L 101 -3.27 53.62 4.89
CA GLY L 101 -2.86 54.52 3.84
C GLY L 101 -1.82 55.52 4.25
N GLN L 102 -1.57 56.46 3.37
CA GLN L 102 -0.54 57.47 3.59
C GLN L 102 -1.17 58.87 3.47
N GLY L 103 -1.89 59.12 2.37
CA GLY L 103 -2.60 60.36 2.08
C GLY L 103 -2.01 61.12 0.91
N THR L 104 -2.83 61.41 -0.12
CA THR L 104 -2.38 62.14 -1.31
C THR L 104 -3.11 63.44 -1.51
N ARG L 105 -2.44 64.53 -1.84
CA ARG L 105 -3.18 65.78 -2.04
C ARG L 105 -3.28 66.15 -3.51
N LEU L 106 -4.46 66.63 -3.92
CA LEU L 106 -4.54 67.17 -5.28
C LEU L 106 -4.09 68.61 -5.18
N GLU L 107 -3.35 69.08 -6.18
CA GLU L 107 -2.80 70.42 -6.15
C GLU L 107 -3.03 71.29 -7.38
N ILE L 108 -3.02 72.61 -7.14
CA ILE L 108 -3.06 73.66 -8.16
C ILE L 108 -3.14 75.00 -7.46
N ILE M 8 -13.43 -19.04 18.64
CA ILE M 8 -13.71 -20.46 18.69
C ILE M 8 -15.08 -20.69 19.27
N LEU M 9 -15.80 -19.61 19.48
CA LEU M 9 -17.11 -19.70 20.12
C LEU M 9 -18.20 -20.02 19.12
N GLY M 10 -18.19 -21.29 18.75
CA GLY M 10 -19.11 -21.88 17.78
C GLY M 10 -20.44 -22.18 18.43
N PHE M 11 -20.51 -21.86 19.72
CA PHE M 11 -21.67 -22.08 20.54
C PHE M 11 -22.55 -20.86 20.54
N LEU M 12 -22.15 -19.80 19.85
CA LEU M 12 -23.00 -18.62 19.78
C LEU M 12 -24.36 -18.97 19.19
N GLY M 13 -24.37 -19.87 18.22
CA GLY M 13 -25.60 -20.26 17.56
C GLY M 13 -26.50 -21.10 18.46
N ALA M 14 -25.98 -21.51 19.62
CA ALA M 14 -26.74 -22.29 20.56
C ALA M 14 -27.57 -21.37 21.43
N ALA M 15 -27.35 -20.06 21.34
CA ALA M 15 -28.10 -19.18 22.18
C ALA M 15 -29.57 -19.38 21.87
N GLY M 16 -30.35 -19.46 22.93
CA GLY M 16 -31.80 -19.64 22.83
C GLY M 16 -32.19 -21.10 23.04
N SER M 17 -31.23 -22.02 22.97
CA SER M 17 -31.53 -23.42 23.22
C SER M 17 -31.42 -23.62 24.72
N THR M 18 -31.94 -24.74 25.22
CA THR M 18 -31.85 -25.02 26.64
C THR M 18 -30.50 -25.59 26.98
N MET M 19 -30.15 -25.61 28.27
CA MET M 19 -28.83 -26.13 28.62
C MET M 19 -28.71 -27.59 28.19
N GLY M 20 -29.79 -28.33 28.39
CA GLY M 20 -29.83 -29.73 28.02
C GLY M 20 -29.64 -29.88 26.52
N ALA M 21 -30.39 -29.09 25.75
CA ALA M 21 -30.28 -29.17 24.31
C ALA M 21 -28.89 -28.85 23.81
N ALA M 22 -28.24 -27.86 24.43
CA ALA M 22 -26.92 -27.47 24.01
C ALA M 22 -25.93 -28.61 24.18
N SER M 23 -26.05 -29.34 25.27
CA SER M 23 -25.17 -30.46 25.52
C SER M 23 -25.36 -31.53 24.47
N MET M 24 -26.62 -31.82 24.14
CA MET M 24 -26.87 -32.84 23.15
C MET M 24 -26.32 -32.44 21.79
N ALA M 25 -26.50 -31.17 21.44
CA ALA M 25 -26.04 -30.71 20.15
C ALA M 25 -24.55 -30.87 20.01
N LEU M 26 -23.81 -30.59 21.08
CA LEU M 26 -22.38 -30.74 20.97
C LEU M 26 -21.97 -32.17 20.77
N THR M 27 -22.61 -33.09 21.47
CA THR M 27 -22.24 -34.48 21.30
C THR M 27 -22.45 -34.91 19.84
N VAL M 28 -23.57 -34.49 19.25
CA VAL M 28 -23.83 -34.88 17.88
C VAL M 28 -22.78 -34.32 16.95
N GLN M 29 -22.45 -33.04 17.15
CA GLN M 29 -21.48 -32.41 16.30
C GLN M 29 -20.13 -33.06 16.48
N ALA M 30 -19.79 -33.41 17.72
CA ALA M 30 -18.50 -33.99 17.95
C ALA M 30 -18.34 -35.27 17.19
N ARG M 31 -19.39 -36.07 17.13
CA ARG M 31 -19.24 -37.29 16.38
C ARG M 31 -19.01 -37.04 14.92
N LEU M 32 -19.76 -36.12 14.34
CA LEU M 32 -19.62 -35.85 12.92
C LEU M 32 -18.30 -35.22 12.57
N LEU M 33 -17.82 -34.33 13.40
CA LEU M 33 -16.57 -33.71 13.06
C LEU M 33 -15.43 -34.70 13.22
N LEU M 34 -15.45 -35.48 14.28
CA LEU M 34 -14.35 -36.37 14.57
C LEU M 34 -14.28 -37.49 13.56
N SER M 35 -15.45 -37.98 13.12
CA SER M 35 -15.57 -39.08 12.18
C SER M 35 -15.30 -38.67 10.75
N GLY M 36 -15.11 -37.36 10.49
CA GLY M 36 -14.89 -36.89 9.14
C GLY M 36 -16.17 -36.78 8.34
N ILE M 37 -17.30 -36.60 9.02
CA ILE M 37 -18.59 -36.52 8.41
C ILE M 37 -19.27 -35.26 8.91
N HIS M 53 -8.25 -0.72 -3.95
CA HIS M 53 -9.13 -1.64 -3.27
C HIS M 53 -8.37 -2.47 -2.25
N MET M 54 -7.07 -2.25 -2.19
CA MET M 54 -6.25 -3.06 -1.31
C MET M 54 -6.44 -2.84 0.19
N LEU M 55 -6.81 -1.64 0.64
CA LEU M 55 -6.93 -1.47 2.09
C LEU M 55 -8.08 -2.28 2.63
N GLN M 56 -9.08 -2.46 1.80
CA GLN M 56 -10.25 -3.23 2.16
C GLN M 56 -9.89 -4.70 2.38
N LEU M 57 -8.75 -5.13 1.87
CA LEU M 57 -8.34 -6.49 2.05
C LEU M 57 -7.31 -6.62 3.16
N THR M 58 -6.40 -5.65 3.27
CA THR M 58 -5.33 -5.80 4.24
C THR M 58 -5.62 -5.24 5.62
N VAL M 59 -6.48 -4.24 5.73
CA VAL M 59 -6.79 -3.72 7.05
C VAL M 59 -7.59 -4.75 7.77
N TRP M 60 -8.57 -5.28 7.07
CA TRP M 60 -9.41 -6.27 7.66
C TRP M 60 -8.66 -7.59 7.81
N GLY M 61 -7.71 -7.88 6.92
CA GLY M 61 -6.96 -9.11 7.06
C GLY M 61 -6.31 -9.14 8.44
N ILE M 62 -5.68 -8.02 8.81
CA ILE M 62 -5.08 -7.96 10.13
C ILE M 62 -6.11 -8.03 11.22
N LYS M 63 -7.23 -7.32 11.10
CA LYS M 63 -8.19 -7.38 12.18
C LYS M 63 -8.77 -8.78 12.39
N GLN M 64 -8.99 -9.53 11.32
CA GLN M 64 -9.52 -10.87 11.50
C GLN M 64 -8.50 -11.77 12.15
N LEU M 65 -7.23 -11.63 11.79
CA LEU M 65 -6.23 -12.46 12.44
C LEU M 65 -6.12 -12.07 13.89
N GLN M 66 -6.23 -10.78 14.20
CA GLN M 66 -6.12 -10.41 15.61
C GLN M 66 -7.24 -11.04 16.38
N ALA M 67 -8.44 -11.05 15.82
CA ALA M 67 -9.57 -11.64 16.52
C ALA M 67 -9.39 -13.13 16.76
N ARG M 68 -8.83 -13.84 15.80
CA ARG M 68 -8.66 -15.26 15.94
C ARG M 68 -7.51 -15.62 16.86
N VAL M 69 -6.43 -14.86 16.82
CA VAL M 69 -5.31 -15.14 17.68
C VAL M 69 -5.73 -14.91 19.10
N LEU M 70 -6.47 -13.83 19.34
CA LEU M 70 -6.94 -13.56 20.67
C LEU M 70 -7.85 -14.65 21.16
N ALA M 71 -8.76 -15.16 20.32
CA ALA M 71 -9.63 -16.23 20.79
C ALA M 71 -8.81 -17.41 21.29
N VAL M 72 -7.73 -17.73 20.57
CA VAL M 72 -6.89 -18.82 21.00
C VAL M 72 -6.22 -18.50 22.31
N GLU M 73 -5.68 -17.30 22.44
CA GLU M 73 -5.02 -16.98 23.68
C GLU M 73 -5.93 -17.00 24.88
N ARG M 74 -7.15 -16.51 24.75
CA ARG M 74 -8.02 -16.53 25.91
C ARG M 74 -8.34 -17.96 26.26
N TYR M 75 -8.56 -18.79 25.25
CA TYR M 75 -8.85 -20.17 25.48
C TYR M 75 -7.75 -20.85 26.26
N LEU M 76 -6.52 -20.69 25.82
CA LEU M 76 -5.44 -21.37 26.50
C LEU M 76 -5.29 -20.85 27.91
N ARG M 77 -5.46 -19.56 28.11
CA ARG M 77 -5.37 -19.00 29.42
C ARG M 77 -6.37 -19.66 30.34
N ASP M 78 -7.62 -19.73 29.93
CA ASP M 78 -8.66 -20.29 30.77
C ASP M 78 -8.41 -21.75 31.05
N GLN M 79 -7.92 -22.47 30.06
CA GLN M 79 -7.69 -23.87 30.27
C GLN M 79 -6.66 -24.09 31.36
N GLN M 80 -5.70 -23.18 31.50
CA GLN M 80 -4.76 -23.33 32.60
C GLN M 80 -5.28 -22.70 33.90
N LEU M 81 -6.07 -21.64 33.82
CA LEU M 81 -6.56 -21.00 35.05
C LEU M 81 -7.41 -21.96 35.83
N LEU M 82 -8.15 -22.80 35.12
CA LEU M 82 -9.05 -23.77 35.70
C LEU M 82 -8.34 -24.83 36.52
N GLY M 83 -7.02 -24.89 36.43
CA GLY M 83 -6.27 -25.82 37.24
C GLY M 83 -6.48 -25.54 38.71
N ILE M 84 -6.76 -24.29 39.06
CA ILE M 84 -6.96 -23.94 40.46
C ILE M 84 -8.14 -24.67 41.09
N TRP M 85 -9.10 -25.14 40.28
CA TRP M 85 -10.25 -25.89 40.75
C TRP M 85 -10.10 -27.37 40.41
N GLY M 86 -8.93 -27.74 39.89
CA GLY M 86 -8.65 -29.10 39.47
C GLY M 86 -9.29 -29.41 38.13
N CYS M 87 -9.54 -28.38 37.33
CA CYS M 87 -10.22 -28.56 36.07
C CYS M 87 -9.36 -28.19 34.88
N SER M 88 -8.05 -28.24 35.05
CA SER M 88 -7.18 -27.85 33.97
C SER M 88 -7.30 -28.73 32.78
N GLY M 89 -7.34 -28.11 31.63
CA GLY M 89 -7.36 -28.84 30.37
C GLY M 89 -8.73 -29.38 30.01
N LYS M 90 -9.73 -29.03 30.80
CA LYS M 90 -11.05 -29.55 30.53
C LYS M 90 -12.08 -28.51 30.18
N ILE M 91 -13.08 -28.96 29.46
CA ILE M 91 -14.22 -28.15 29.12
C ILE M 91 -15.26 -28.35 30.18
N ILE M 92 -15.46 -29.59 30.58
CA ILE M 92 -16.42 -29.90 31.61
C ILE M 92 -15.71 -30.61 32.71
N CYS M 93 -15.83 -30.12 33.94
CA CYS M 93 -15.19 -30.85 35.01
C CYS M 93 -16.13 -31.01 36.17
N CYS M 94 -16.08 -32.18 36.75
CA CYS M 94 -16.97 -32.52 37.82
C CYS M 94 -16.28 -32.25 39.15
N THR M 95 -17.05 -31.95 40.17
CA THR M 95 -16.54 -31.58 41.49
C THR M 95 -16.79 -32.52 42.66
N ASN M 96 -16.34 -32.05 43.83
CA ASN M 96 -16.56 -32.68 45.11
C ASN M 96 -17.31 -31.73 46.06
N VAL M 97 -17.90 -30.68 45.48
CA VAL M 97 -18.70 -29.70 46.19
C VAL M 97 -20.19 -29.85 45.80
N PRO M 98 -21.10 -30.16 46.73
CA PRO M 98 -22.51 -30.39 46.53
C PRO M 98 -23.23 -29.08 46.31
N TRP M 99 -24.44 -29.13 45.82
CA TRP M 99 -25.24 -27.91 45.72
C TRP M 99 -25.78 -27.59 47.09
N ASN M 100 -25.76 -26.32 47.50
CA ASN M 100 -26.27 -25.98 48.84
C ASN M 100 -27.76 -25.69 48.92
N ASP M 101 -28.42 -25.62 47.78
CA ASP M 101 -29.86 -25.33 47.64
C ASP M 101 -30.32 -23.96 48.13
N SER M 102 -29.41 -23.16 48.64
CA SER M 102 -29.75 -21.80 49.00
C SER M 102 -29.57 -20.96 47.76
N TRP M 103 -28.67 -21.43 46.91
CA TRP M 103 -28.33 -20.79 45.67
C TRP M 103 -29.54 -20.84 44.74
N SER M 104 -30.17 -21.99 44.73
CA SER M 104 -31.38 -22.28 43.96
C SER M 104 -31.95 -23.59 44.42
N ASN M 105 -33.28 -23.67 44.54
CA ASN M 105 -33.91 -24.91 44.96
C ASN M 105 -34.69 -25.64 43.87
N LYS M 106 -34.35 -25.40 42.62
CA LYS M 106 -34.98 -26.10 41.52
C LYS M 106 -34.35 -27.46 41.28
N THR M 107 -35.05 -28.35 40.59
CA THR M 107 -34.51 -29.67 40.33
C THR M 107 -33.62 -29.64 39.12
N ILE M 108 -32.88 -30.73 38.91
CA ILE M 108 -32.01 -30.81 37.77
C ILE M 108 -32.76 -30.79 36.48
N ASN M 109 -33.87 -31.50 36.41
CA ASN M 109 -34.55 -31.48 35.15
C ASN M 109 -35.18 -30.13 34.89
N GLU M 110 -35.66 -29.47 35.94
CA GLU M 110 -36.27 -28.18 35.70
C GLU M 110 -35.27 -27.20 35.12
N ILE M 111 -34.05 -27.18 35.63
CA ILE M 111 -33.14 -26.19 35.13
C ILE M 111 -32.51 -26.59 33.80
N TRP M 112 -32.24 -27.87 33.60
CA TRP M 112 -31.61 -28.28 32.36
C TRP M 112 -32.55 -28.31 31.17
N ASP M 113 -33.82 -28.60 31.41
CA ASP M 113 -34.76 -28.67 30.30
C ASP M 113 -35.58 -27.40 30.06
N ASN M 114 -35.88 -26.59 31.08
CA ASN M 114 -36.72 -25.42 30.82
C ASN M 114 -35.98 -24.08 30.84
N MET M 115 -34.65 -24.11 30.78
CA MET M 115 -33.88 -22.87 30.81
C MET M 115 -32.72 -22.89 29.86
N THR M 116 -32.37 -21.70 29.37
CA THR M 116 -31.21 -21.48 28.55
C THR M 116 -30.07 -21.17 29.46
N TRP M 117 -28.83 -21.20 28.95
CA TRP M 117 -27.71 -20.87 29.80
C TRP M 117 -27.77 -19.48 30.35
N MET M 118 -28.22 -18.53 29.55
CA MET M 118 -28.26 -17.17 30.05
C MET M 118 -29.26 -17.03 31.17
N GLN M 119 -30.40 -17.69 31.04
CA GLN M 119 -31.40 -17.56 32.08
C GLN M 119 -30.89 -18.16 33.35
N TRP M 120 -30.21 -19.28 33.22
CA TRP M 120 -29.67 -19.94 34.36
C TRP M 120 -28.66 -19.07 35.04
N GLU M 121 -27.77 -18.45 34.27
CA GLU M 121 -26.76 -17.62 34.88
C GLU M 121 -27.42 -16.49 35.63
N LYS M 122 -28.48 -15.91 35.09
CA LYS M 122 -29.10 -14.82 35.81
C LYS M 122 -29.69 -15.30 37.11
N GLU M 123 -30.30 -16.47 37.10
CA GLU M 123 -30.92 -16.97 38.32
C GLU M 123 -29.94 -17.04 39.47
N ILE M 124 -28.70 -17.43 39.20
CA ILE M 124 -27.71 -17.54 40.26
C ILE M 124 -26.51 -16.61 40.09
N ASP M 125 -26.66 -15.44 39.48
CA ASP M 125 -25.43 -14.65 39.26
C ASP M 125 -24.90 -13.92 40.47
N ASN M 126 -25.59 -14.03 41.58
CA ASN M 126 -25.11 -13.40 42.79
C ASN M 126 -24.46 -14.40 43.72
N TYR M 127 -24.31 -15.64 43.27
CA TYR M 127 -23.69 -16.65 44.10
C TYR M 127 -22.40 -17.17 43.50
N THR M 128 -22.00 -16.61 42.39
CA THR M 128 -20.87 -17.16 41.69
C THR M 128 -19.59 -17.04 42.45
N GLN M 129 -19.42 -15.96 43.20
CA GLN M 129 -18.19 -15.82 43.92
C GLN M 129 -18.13 -16.80 45.09
N HIS M 130 -19.30 -17.12 45.64
CA HIS M 130 -19.36 -18.05 46.75
C HIS M 130 -18.93 -19.40 46.24
N ILE M 131 -19.50 -19.79 45.11
CA ILE M 131 -19.21 -21.08 44.56
C ILE M 131 -17.77 -21.16 44.14
N TYR M 132 -17.25 -20.12 43.49
CA TYR M 132 -15.88 -20.15 43.04
C TYR M 132 -14.96 -20.35 44.22
N THR M 133 -15.26 -19.68 45.32
CA THR M 133 -14.45 -19.82 46.52
C THR M 133 -14.49 -21.26 47.01
N LEU M 134 -15.67 -21.87 47.03
CA LEU M 134 -15.75 -23.23 47.52
C LEU M 134 -14.97 -24.17 46.64
N LEU M 135 -14.99 -23.94 45.33
CA LEU M 135 -14.28 -24.83 44.46
C LEU M 135 -12.80 -24.73 44.72
N GLU M 136 -12.29 -23.53 44.96
CA GLU M 136 -10.88 -23.41 45.25
C GLU M 136 -10.54 -24.15 46.53
N VAL M 137 -11.37 -23.98 47.53
CA VAL M 137 -11.07 -24.60 48.80
C VAL M 137 -11.09 -26.10 48.75
N SER M 138 -12.09 -26.69 48.09
CA SER M 138 -12.08 -28.13 48.10
C SER M 138 -10.91 -28.66 47.30
N GLN M 139 -10.46 -27.91 46.28
CA GLN M 139 -9.33 -28.39 45.53
C GLN M 139 -8.09 -28.40 46.36
N ILE M 140 -7.92 -27.39 47.18
CA ILE M 140 -6.76 -27.34 48.02
C ILE M 140 -6.77 -28.48 48.99
N GLN M 141 -7.90 -28.73 49.62
CA GLN M 141 -7.92 -29.80 50.60
C GLN M 141 -7.68 -31.15 49.95
N GLN M 142 -8.21 -31.37 48.75
CA GLN M 142 -7.97 -32.65 48.12
C GLN M 142 -6.50 -32.87 47.81
N GLU M 143 -5.83 -31.82 47.34
CA GLU M 143 -4.43 -31.95 47.01
C GLU M 143 -3.64 -32.22 48.26
N LYS M 144 -4.01 -31.56 49.34
CA LYS M 144 -3.35 -31.76 50.60
C LYS M 144 -3.52 -33.20 51.04
N ASN M 145 -4.74 -33.73 50.94
CA ASN M 145 -4.96 -35.06 51.44
C ASN M 145 -4.10 -36.06 50.69
N GLU M 146 -3.97 -35.91 49.38
CA GLU M 146 -3.17 -36.87 48.66
C GLU M 146 -1.72 -36.79 49.08
N GLN M 147 -1.19 -35.58 49.23
CA GLN M 147 0.20 -35.49 49.59
C GLN M 147 0.46 -35.98 51.00
N GLU M 148 -0.49 -35.82 51.91
CA GLU M 148 -0.30 -36.33 53.26
C GLU M 148 -0.27 -37.86 53.25
N LEU M 149 -1.13 -38.46 52.42
CA LEU M 149 -1.17 -39.91 52.33
C LEU M 149 0.11 -40.46 51.73
N LEU M 150 0.65 -39.77 50.76
CA LEU M 150 1.89 -40.21 50.13
C LEU M 150 3.07 -39.94 51.06
N LYS N 21 -39.26 22.01 52.44
CA LYS N 21 -38.77 22.74 51.28
C LYS N 21 -38.20 24.09 51.65
N LYS N 22 -37.53 24.72 50.70
CA LYS N 22 -37.01 26.06 50.90
C LYS N 22 -38.14 27.02 50.58
N VAL N 23 -38.24 28.14 51.28
CA VAL N 23 -39.25 29.12 50.92
C VAL N 23 -38.58 30.46 50.75
N VAL N 24 -38.84 31.11 49.63
CA VAL N 24 -38.27 32.41 49.32
C VAL N 24 -39.37 33.43 49.04
N LEU N 25 -39.36 34.58 49.73
CA LEU N 25 -40.39 35.58 49.47
C LEU N 25 -39.81 36.87 48.93
N GLY N 26 -40.40 37.36 47.84
CA GLY N 26 -40.02 38.64 47.24
C GLY N 26 -41.21 39.59 47.27
N LYS N 27 -41.06 40.76 46.66
CA LYS N 27 -42.17 41.71 46.64
C LYS N 27 -42.38 42.36 45.27
N LYS N 28 -43.65 42.49 44.91
CA LYS N 28 -44.05 43.19 43.70
C LYS N 28 -43.23 42.75 42.49
N GLY N 29 -42.58 43.72 41.82
CA GLY N 29 -41.84 43.50 40.57
C GLY N 29 -40.34 43.20 40.70
N ASP N 30 -39.90 42.76 41.85
CA ASP N 30 -38.48 42.50 42.02
C ASP N 30 -38.11 41.13 41.42
N THR N 31 -36.85 40.71 41.61
CA THR N 31 -36.41 39.47 40.99
C THR N 31 -35.93 38.45 42.00
N VAL N 32 -36.13 37.18 41.66
CA VAL N 32 -35.75 36.09 42.52
C VAL N 32 -34.87 35.05 41.86
N GLU N 33 -33.89 34.56 42.61
CA GLU N 33 -33.06 33.48 42.11
C GLU N 33 -33.37 32.18 42.86
N LEU N 34 -34.10 31.28 42.20
CA LEU N 34 -34.49 30.02 42.80
C LEU N 34 -33.45 29.01 42.32
N THR N 35 -33.04 28.05 43.14
CA THR N 35 -31.99 27.17 42.61
C THR N 35 -32.17 25.68 42.74
N CYS N 36 -31.49 24.98 41.83
CA CYS N 36 -31.35 23.53 41.79
C CYS N 36 -29.88 23.20 41.63
N THR N 37 -29.41 22.12 42.24
CA THR N 37 -28.00 21.78 42.02
C THR N 37 -27.74 20.32 41.71
N ALA N 38 -26.51 20.05 41.30
CA ALA N 38 -26.06 18.69 41.07
C ALA N 38 -24.64 18.52 41.57
N SER N 39 -24.30 17.32 41.97
CA SER N 39 -22.93 17.02 42.37
C SER N 39 -22.06 16.72 41.15
N GLN N 40 -22.72 16.51 40.03
CA GLN N 40 -22.09 16.16 38.78
C GLN N 40 -21.97 17.38 37.86
N LYS N 41 -20.78 17.92 37.77
CA LYS N 41 -20.54 19.14 37.00
C LYS N 41 -20.38 18.85 35.51
N LYS N 42 -21.46 18.38 34.88
CA LYS N 42 -21.44 17.99 33.47
C LYS N 42 -22.58 18.57 32.63
N SER N 43 -23.22 19.63 33.12
CA SER N 43 -24.35 20.25 32.42
C SER N 43 -25.42 19.22 32.08
N ILE N 44 -25.76 18.41 33.06
CA ILE N 44 -26.73 17.37 32.90
C ILE N 44 -28.10 17.99 32.84
N GLN N 45 -28.90 17.50 31.90
CA GLN N 45 -30.23 18.01 31.70
C GLN N 45 -31.05 18.08 32.97
N PHE N 46 -31.72 19.22 33.06
CA PHE N 46 -32.59 19.58 34.13
C PHE N 46 -33.75 20.39 33.58
N HIS N 47 -34.80 20.42 34.36
CA HIS N 47 -35.95 21.27 34.10
C HIS N 47 -36.53 21.91 35.36
N TRP N 48 -37.16 23.04 35.15
CA TRP N 48 -37.98 23.65 36.16
C TRP N 48 -39.41 23.55 35.75
N LYS N 49 -40.26 23.19 36.70
CA LYS N 49 -41.69 23.10 36.49
C LYS N 49 -42.47 23.79 37.60
N ASN N 50 -43.66 24.24 37.29
CA ASN N 50 -44.47 24.79 38.37
C ASN N 50 -45.24 23.65 39.05
N SER N 51 -46.10 24.00 39.98
CA SER N 51 -46.85 23.03 40.77
C SER N 51 -47.89 22.25 39.97
N ASN N 52 -48.19 22.70 38.75
CA ASN N 52 -49.14 22.07 37.87
C ASN N 52 -48.39 21.32 36.79
N GLN N 53 -47.11 21.12 37.00
CA GLN N 53 -46.23 20.45 36.06
C GLN N 53 -46.20 21.10 34.72
N ILE N 54 -46.20 22.42 34.68
CA ILE N 54 -46.10 23.09 33.43
C ILE N 54 -44.65 23.47 33.31
N LYS N 55 -44.05 23.10 32.20
CA LYS N 55 -42.64 23.37 32.01
C LYS N 55 -42.41 24.85 32.00
N ILE N 56 -41.39 25.29 32.71
CA ILE N 56 -41.06 26.70 32.73
C ILE N 56 -39.81 26.96 31.94
N LEU N 57 -38.75 26.28 32.36
CA LEU N 57 -37.40 26.49 31.84
C LEU N 57 -36.59 25.22 31.87
N GLY N 58 -35.76 24.98 30.86
CA GLY N 58 -34.89 23.82 30.96
C GLY N 58 -33.77 23.80 29.94
N ASN N 59 -32.92 22.82 30.06
CA ASN N 59 -31.77 22.69 29.20
C ASN N 59 -31.80 21.56 28.21
N GLN N 60 -31.50 21.88 26.97
CA GLN N 60 -31.38 20.86 25.95
C GLN N 60 -30.01 20.93 25.34
N GLY N 61 -29.08 20.18 25.92
CA GLY N 61 -27.69 20.30 25.52
C GLY N 61 -27.17 21.67 25.92
N SER N 62 -26.69 22.42 24.96
CA SER N 62 -26.18 23.75 25.18
C SER N 62 -27.22 24.84 25.15
N PHE N 63 -28.42 24.51 24.68
CA PHE N 63 -29.42 25.53 24.40
C PHE N 63 -30.44 25.67 25.51
N LEU N 64 -30.89 26.90 25.72
CA LEU N 64 -31.93 27.13 26.71
C LEU N 64 -33.27 27.09 26.04
N THR N 65 -34.22 26.41 26.65
CA THR N 65 -35.57 26.39 26.09
C THR N 65 -36.57 26.81 27.15
N LYS N 66 -37.73 27.28 26.72
CA LYS N 66 -38.76 27.69 27.66
C LYS N 66 -40.06 26.94 27.47
N GLY N 67 -40.85 26.83 28.52
CA GLY N 67 -42.15 26.22 28.36
C GLY N 67 -43.20 27.31 28.24
N PRO N 68 -44.46 26.95 27.97
CA PRO N 68 -45.61 27.84 27.80
C PRO N 68 -46.19 28.28 29.12
N SER N 69 -45.37 28.87 29.96
CA SER N 69 -45.83 29.33 31.24
C SER N 69 -45.95 30.83 31.17
N LYS N 70 -46.53 31.40 32.22
CA LYS N 70 -46.66 32.85 32.31
C LYS N 70 -45.31 33.53 32.48
N LEU N 71 -44.29 32.74 32.78
CA LEU N 71 -42.97 33.24 33.03
C LEU N 71 -42.07 33.24 31.81
N ASN N 72 -42.54 32.86 30.62
CA ASN N 72 -41.56 32.81 29.53
C ASN N 72 -40.91 34.17 29.24
N ASP N 73 -41.64 35.22 29.51
CA ASP N 73 -41.16 36.58 29.30
C ASP N 73 -40.41 37.15 30.51
N ARG N 74 -40.32 36.36 31.58
CA ARG N 74 -39.65 36.78 32.81
C ARG N 74 -38.46 35.91 33.20
N ALA N 75 -38.51 34.64 32.83
CA ALA N 75 -37.53 33.64 33.22
C ALA N 75 -36.27 33.64 32.38
N ASP N 76 -35.14 33.38 33.05
CA ASP N 76 -33.85 33.19 32.43
C ASP N 76 -32.97 32.27 33.28
N SER N 77 -31.75 31.99 32.83
CA SER N 77 -30.84 31.13 33.61
C SER N 77 -29.38 31.46 33.36
N ARG N 78 -28.56 31.25 34.35
CA ARG N 78 -27.15 31.53 34.19
C ARG N 78 -26.47 30.42 33.45
N ARG N 79 -26.46 30.56 32.14
CA ARG N 79 -25.95 29.52 31.25
C ARG N 79 -24.51 29.18 31.56
N SER N 80 -23.74 30.16 31.99
CA SER N 80 -22.35 29.96 32.29
C SER N 80 -22.12 29.05 33.48
N LEU N 81 -23.14 28.83 34.28
CA LEU N 81 -22.97 27.96 35.42
C LEU N 81 -23.46 26.56 35.18
N TRP N 82 -23.94 26.27 33.98
CA TRP N 82 -24.49 24.95 33.80
C TRP N 82 -23.43 23.86 33.94
N ASP N 83 -22.17 24.15 33.60
CA ASP N 83 -21.18 23.11 33.71
C ASP N 83 -20.57 23.08 35.09
N GLN N 84 -21.13 23.87 36.00
CA GLN N 84 -20.71 23.90 37.39
C GLN N 84 -21.73 23.16 38.23
N GLY N 85 -22.75 22.59 37.57
CA GLY N 85 -23.79 21.89 38.27
C GLY N 85 -24.81 22.82 38.91
N ASN N 86 -24.90 24.05 38.41
CA ASN N 86 -25.83 25.01 38.99
C ASN N 86 -26.84 25.42 37.98
N PHE N 87 -28.10 25.13 38.26
CA PHE N 87 -29.11 25.37 37.25
C PHE N 87 -30.28 26.23 37.73
N PRO N 88 -30.06 27.51 38.02
CA PRO N 88 -31.02 28.43 38.58
C PRO N 88 -32.11 28.84 37.63
N LEU N 89 -33.21 29.25 38.23
CA LEU N 89 -34.33 29.87 37.56
C LEU N 89 -34.42 31.27 38.06
N ILE N 90 -34.22 32.20 37.16
CA ILE N 90 -34.23 33.57 37.59
C ILE N 90 -35.43 34.26 37.04
N ILE N 91 -36.26 34.78 37.91
CA ILE N 91 -37.47 35.41 37.45
C ILE N 91 -37.46 36.89 37.72
N LYS N 92 -37.62 37.68 36.68
CA LYS N 92 -37.62 39.13 36.81
C LYS N 92 -39.05 39.66 36.77
N ASN N 93 -39.27 40.87 37.28
CA ASN N 93 -40.59 41.46 37.19
C ASN N 93 -41.68 40.58 37.75
N LEU N 94 -41.52 40.13 38.99
CA LEU N 94 -42.52 39.24 39.56
C LEU N 94 -43.91 39.81 39.63
N LYS N 95 -44.87 38.92 39.41
CA LYS N 95 -46.29 39.18 39.49
C LYS N 95 -46.79 38.50 40.75
N ILE N 96 -47.81 39.03 41.41
CA ILE N 96 -48.33 38.34 42.60
C ILE N 96 -48.79 36.92 42.29
N GLU N 97 -49.23 36.70 41.06
CA GLU N 97 -49.73 35.45 40.55
C GLU N 97 -48.64 34.40 40.39
N ASP N 98 -47.39 34.81 40.52
CA ASP N 98 -46.27 33.90 40.38
C ASP N 98 -46.02 33.16 41.67
N SER N 99 -46.72 33.52 42.76
CA SER N 99 -46.44 32.79 43.99
C SER N 99 -46.88 31.35 43.74
N ASP N 100 -45.99 30.40 43.98
CA ASP N 100 -46.26 28.99 43.70
C ASP N 100 -45.18 28.07 44.24
N THR N 101 -45.36 26.78 44.05
CA THR N 101 -44.26 25.85 44.35
C THR N 101 -43.51 25.54 43.07
N TYR N 102 -42.21 25.75 43.11
CA TYR N 102 -41.37 25.50 41.95
C TYR N 102 -40.57 24.23 42.16
N ILE N 103 -40.57 23.41 41.13
CA ILE N 103 -39.96 22.11 41.18
C ILE N 103 -38.75 21.94 40.31
N CYS N 104 -37.68 21.49 40.92
CA CYS N 104 -36.46 21.19 40.23
C CYS N 104 -36.39 19.76 39.83
N GLU N 105 -36.14 19.49 38.57
CA GLU N 105 -35.92 18.13 38.15
C GLU N 105 -34.52 18.07 37.62
N VAL N 106 -33.63 17.48 38.39
CA VAL N 106 -32.21 17.45 38.00
C VAL N 106 -31.75 16.04 37.99
N GLU N 107 -31.27 15.54 36.86
CA GLU N 107 -30.91 14.13 36.85
C GLU N 107 -32.17 13.38 37.29
N ASP N 108 -32.05 12.52 38.30
CA ASP N 108 -33.18 11.76 38.79
C ASP N 108 -33.89 12.40 39.99
N GLN N 109 -33.15 13.17 40.79
CA GLN N 109 -33.68 13.74 42.02
C GLN N 109 -34.56 14.93 41.79
N LYS N 110 -35.44 15.19 42.74
CA LYS N 110 -36.21 16.39 42.66
C LYS N 110 -35.97 17.22 43.89
N GLU N 111 -36.05 18.53 43.72
CA GLU N 111 -35.91 19.48 44.83
C GLU N 111 -37.02 20.51 44.76
N GLU N 112 -37.45 21.05 45.89
CA GLU N 112 -38.49 22.06 45.80
C GLU N 112 -38.23 23.31 46.61
N VAL N 113 -38.68 24.41 46.01
CA VAL N 113 -38.67 25.71 46.64
C VAL N 113 -40.01 26.40 46.41
N GLN N 114 -40.53 27.03 47.44
CA GLN N 114 -41.73 27.78 47.32
C GLN N 114 -41.40 29.23 47.11
N LEU N 115 -42.06 29.83 46.14
CA LEU N 115 -41.89 31.22 45.83
C LEU N 115 -43.08 32.01 46.26
N LEU N 116 -42.85 32.99 47.08
CA LEU N 116 -43.90 33.87 47.48
C LEU N 116 -43.54 35.23 46.94
N VAL N 117 -44.52 36.01 46.54
CA VAL N 117 -44.24 37.34 46.07
C VAL N 117 -44.78 38.37 47.05
N GLN O 1 -26.24 55.84 10.91
CA GLN O 1 -26.73 57.18 11.18
C GLN O 1 -26.46 57.57 12.61
N VAL O 2 -25.40 57.05 13.18
CA VAL O 2 -25.13 57.43 14.55
C VAL O 2 -24.38 58.73 14.58
N GLN O 3 -24.91 59.65 15.35
CA GLN O 3 -24.35 60.96 15.45
C GLN O 3 -23.26 60.88 16.45
N LEU O 4 -22.17 60.29 16.04
CA LEU O 4 -21.10 59.99 16.93
C LEU O 4 -20.45 61.29 17.39
N LEU O 5 -20.40 61.48 18.70
CA LEU O 5 -19.85 62.71 19.26
C LEU O 5 -18.58 62.49 20.04
N GLU O 6 -17.65 63.38 19.77
CA GLU O 6 -16.33 63.41 20.36
C GLU O 6 -16.29 63.98 21.78
N SER O 7 -15.25 63.60 22.53
CA SER O 7 -15.05 64.13 23.87
C SER O 7 -14.09 65.32 23.87
N GLY O 8 -13.62 65.72 25.05
CA GLY O 8 -12.76 66.90 25.16
C GLY O 8 -11.28 66.58 24.93
N ALA O 9 -10.45 67.63 24.94
CA ALA O 9 -9.00 67.51 24.74
C ALA O 9 -8.31 67.11 26.02
N GLU O 10 -7.15 66.47 25.90
CA GLU O 10 -6.36 66.05 27.07
C GLU O 10 -4.87 66.29 26.94
N VAL O 11 -4.23 66.50 28.09
CA VAL O 11 -2.77 66.56 28.15
C VAL O 11 -2.27 65.74 29.34
N LYS O 12 -1.33 64.84 29.11
CA LYS O 12 -0.82 64.00 30.19
C LYS O 12 0.71 64.01 30.32
N LYS O 13 1.24 63.69 31.48
CA LYS O 13 2.68 63.60 31.55
C LYS O 13 3.09 62.28 30.88
N PRO O 14 4.22 62.17 30.17
CA PRO O 14 4.68 60.94 29.59
C PRO O 14 4.76 59.85 30.64
N GLY O 15 4.34 58.66 30.24
CA GLY O 15 4.27 57.46 31.07
C GLY O 15 2.84 57.26 31.60
N SER O 16 2.02 58.30 31.49
CA SER O 16 0.64 58.30 31.95
C SER O 16 -0.31 57.63 31.00
N SER O 17 -1.55 57.46 31.43
CA SER O 17 -2.55 56.92 30.54
C SER O 17 -3.63 57.95 30.29
N VAL O 18 -4.30 57.80 29.15
CA VAL O 18 -5.42 58.64 28.80
C VAL O 18 -6.59 57.80 28.38
N LYS O 19 -7.78 58.20 28.76
CA LYS O 19 -8.93 57.49 28.30
C LYS O 19 -9.89 58.48 27.68
N VAL O 20 -10.25 58.20 26.45
CA VAL O 20 -11.12 59.06 25.67
C VAL O 20 -12.31 58.26 25.17
N SER O 21 -13.35 58.97 24.75
CA SER O 21 -14.52 58.26 24.30
C SER O 21 -15.36 59.00 23.29
N CYS O 22 -16.26 58.25 22.66
CA CYS O 22 -17.23 58.80 21.73
C CYS O 22 -18.64 58.29 22.05
N LYS O 23 -19.62 59.16 21.97
CA LYS O 23 -20.99 58.72 22.20
C LYS O 23 -21.76 58.51 20.92
N ALA O 24 -22.32 57.33 20.73
CA ALA O 24 -23.12 57.05 19.54
C ALA O 24 -24.55 57.42 19.86
N SER O 25 -25.28 57.97 18.90
CA SER O 25 -26.67 58.32 19.17
C SER O 25 -27.57 58.29 17.95
N GLY O 26 -28.84 57.95 18.16
CA GLY O 26 -29.84 57.94 17.09
C GLY O 26 -30.17 56.55 16.54
N ASP O 27 -29.41 55.55 16.97
CA ASP O 27 -29.61 54.17 16.54
C ASP O 27 -29.17 53.25 17.66
N THR O 28 -29.30 51.95 17.44
CA THR O 28 -28.89 50.96 18.40
C THR O 28 -27.39 50.81 18.43
N PHE O 29 -26.81 50.93 19.61
CA PHE O 29 -25.36 50.83 19.80
C PHE O 29 -24.80 49.52 19.33
N ILE O 30 -25.51 48.47 19.66
CA ILE O 30 -25.11 47.12 19.36
C ILE O 30 -25.06 46.85 17.86
N ARG O 31 -25.71 47.67 17.05
CA ARG O 31 -25.69 47.43 15.63
C ARG O 31 -24.53 48.12 14.94
N TYR O 32 -23.67 48.80 15.70
CA TYR O 32 -22.53 49.42 15.10
C TYR O 32 -21.23 48.95 15.69
N SER O 33 -20.26 48.70 14.83
CA SER O 33 -18.95 48.33 15.31
C SER O 33 -18.14 49.57 15.29
N PHE O 34 -17.15 49.66 16.15
CA PHE O 34 -16.37 50.88 16.16
C PHE O 34 -14.89 50.67 16.10
N THR O 35 -14.21 51.60 15.46
CA THR O 35 -12.77 51.60 15.43
C THR O 35 -12.25 52.93 15.88
N TRP O 36 -10.99 52.94 16.26
CA TRP O 36 -10.30 54.16 16.59
C TRP O 36 -9.16 54.42 15.65
N VAL O 37 -9.03 55.70 15.30
CA VAL O 37 -8.04 56.29 14.42
C VAL O 37 -7.27 57.45 15.08
N ARG O 38 -5.96 57.48 14.86
CA ARG O 38 -5.08 58.50 15.40
C ARG O 38 -4.41 59.37 14.34
N GLN O 39 -4.89 60.59 14.18
CA GLN O 39 -4.32 61.45 13.15
C GLN O 39 -3.16 62.22 13.74
N ALA O 40 -2.01 61.56 13.82
CA ALA O 40 -0.83 62.21 14.35
C ALA O 40 -0.41 63.24 13.33
N PRO O 41 0.16 64.40 13.70
CA PRO O 41 0.62 65.39 12.76
C PRO O 41 1.61 64.79 11.79
N GLY O 42 1.41 65.06 10.51
CA GLY O 42 2.32 64.58 9.46
C GLY O 42 2.06 63.13 9.05
N GLN O 43 1.10 62.48 9.68
CA GLN O 43 0.79 61.09 9.41
C GLN O 43 -0.51 60.88 8.67
N GLY O 44 -0.78 59.62 8.37
CA GLY O 44 -2.04 59.24 7.73
C GLY O 44 -3.02 58.84 8.81
N LEU O 45 -4.09 58.17 8.44
CA LEU O 45 -5.13 57.82 9.41
C LEU O 45 -4.85 56.54 10.19
N GLU O 46 -3.85 56.59 11.05
CA GLU O 46 -3.37 55.40 11.78
C GLU O 46 -4.46 54.68 12.54
N TRP O 47 -4.56 53.37 12.33
CA TRP O 47 -5.56 52.57 13.01
C TRP O 47 -5.06 52.09 14.35
N MET O 48 -5.90 52.23 15.38
CA MET O 48 -5.54 51.83 16.73
C MET O 48 -6.08 50.45 17.01
N GLY O 49 -7.33 50.29 16.64
CA GLY O 49 -8.01 49.04 16.94
C GLY O 49 -9.50 49.07 16.61
N ARG O 50 -10.12 47.91 16.86
CA ARG O 50 -11.53 47.65 16.58
C ARG O 50 -12.27 46.97 17.70
N ILE O 51 -13.49 47.39 17.95
CA ILE O 51 -14.35 46.72 18.91
C ILE O 51 -15.70 46.30 18.35
N ILE O 52 -16.06 45.09 18.69
CA ILE O 52 -17.31 44.48 18.32
C ILE O 52 -18.23 44.65 19.51
N THR O 53 -19.43 45.19 19.30
CA THR O 53 -20.35 45.43 20.40
C THR O 53 -21.38 44.32 20.61
N ILE O 54 -21.62 43.51 19.58
CA ILE O 54 -22.55 42.39 19.69
C ILE O 54 -21.87 41.26 20.48
N LEU O 55 -20.58 41.11 20.26
CA LEU O 55 -19.71 40.19 20.96
C LEU O 55 -18.70 41.09 21.58
N ASP O 56 -18.51 41.07 22.88
CA ASP O 56 -17.57 42.06 23.42
C ASP O 56 -16.16 41.58 23.19
N VAL O 57 -15.68 41.91 22.00
CA VAL O 57 -14.40 41.48 21.46
C VAL O 57 -13.62 42.64 20.84
N ALA O 58 -12.33 42.71 21.08
CA ALA O 58 -11.58 43.80 20.46
C ALA O 58 -10.26 43.32 19.92
N HIS O 59 -9.80 44.04 18.90
CA HIS O 59 -8.56 43.75 18.22
C HIS O 59 -7.71 45.00 18.14
N TYR O 60 -6.40 44.83 18.25
CA TYR O 60 -5.51 45.99 18.29
C TYR O 60 -4.35 45.93 17.32
N ALA O 61 -3.92 47.10 16.87
CA ALA O 61 -2.74 47.17 16.04
C ALA O 61 -1.55 46.63 16.83
N PRO O 62 -0.66 45.81 16.26
CA PRO O 62 0.48 45.18 16.93
C PRO O 62 1.35 46.06 17.80
N HIS O 63 1.61 47.29 17.39
CA HIS O 63 2.49 48.12 18.17
C HIS O 63 1.84 48.70 19.42
N LEU O 64 0.54 48.58 19.49
CA LEU O 64 -0.22 49.07 20.61
C LEU O 64 -0.78 47.94 21.46
N GLN O 65 -0.43 46.69 21.19
CA GLN O 65 -1.11 45.63 21.93
C GLN O 65 -0.87 45.66 23.44
N GLY O 66 0.29 46.08 23.87
CA GLY O 66 0.56 46.14 25.30
C GLY O 66 0.20 47.50 25.88
N ARG O 67 -0.31 48.41 25.05
CA ARG O 67 -0.60 49.76 25.47
C ARG O 67 -2.06 50.15 25.39
N VAL O 68 -2.82 49.47 24.56
CA VAL O 68 -4.19 49.89 24.32
C VAL O 68 -5.28 48.90 24.65
N THR O 69 -6.30 49.44 25.31
CA THR O 69 -7.52 48.73 25.62
C THR O 69 -8.71 49.46 25.02
N ILE O 70 -9.55 48.75 24.31
CA ILE O 70 -10.75 49.32 23.75
C ILE O 70 -11.92 48.64 24.37
N THR O 71 -12.83 49.44 24.89
CA THR O 71 -14.00 48.89 25.52
C THR O 71 -15.24 49.67 25.17
N ALA O 72 -16.35 49.27 25.75
CA ALA O 72 -17.60 49.94 25.47
C ALA O 72 -18.57 49.80 26.63
N ASP O 73 -19.44 50.79 26.75
CA ASP O 73 -20.51 50.74 27.72
C ASP O 73 -21.83 50.68 26.99
N LYS O 74 -22.40 49.49 27.00
CA LYS O 74 -23.59 49.15 26.25
C LYS O 74 -24.81 49.95 26.68
N SER O 75 -24.79 50.49 27.90
CA SER O 75 -25.93 51.21 28.42
C SER O 75 -25.90 52.70 28.12
N THR O 76 -24.72 53.23 27.73
CA THR O 76 -24.56 54.66 27.49
C THR O 76 -24.13 54.93 26.06
N SER O 77 -24.18 53.88 25.25
CA SER O 77 -23.78 53.89 23.85
C SER O 77 -22.42 54.53 23.70
N THR O 78 -21.50 54.18 24.58
CA THR O 78 -20.21 54.84 24.54
C THR O 78 -19.04 53.94 24.23
N VAL O 79 -18.24 54.43 23.30
CA VAL O 79 -17.06 53.78 22.79
C VAL O 79 -15.85 54.32 23.53
N TYR O 80 -15.00 53.45 24.09
CA TYR O 80 -13.85 53.97 24.82
C TYR O 80 -12.51 53.47 24.33
N LEU O 81 -11.54 54.37 24.38
CA LEU O 81 -10.15 54.03 24.08
C LEU O 81 -9.22 54.41 25.21
N GLU O 82 -8.52 53.43 25.74
CA GLU O 82 -7.59 53.68 26.81
C GLU O 82 -6.18 53.37 26.36
N LEU O 83 -5.33 54.38 26.40
CA LEU O 83 -3.93 54.27 25.98
C LEU O 83 -2.99 54.55 27.14
N ARG O 84 -2.08 53.63 27.41
CA ARG O 84 -1.14 53.78 28.51
C ARG O 84 0.29 53.94 28.04
N ASN O 85 1.17 54.30 28.99
CA ASN O 85 2.59 54.52 28.75
C ASN O 85 2.80 55.56 27.66
N LEU O 86 2.10 56.69 27.78
CA LEU O 86 2.13 57.77 26.80
C LEU O 86 3.48 58.39 26.56
N ARG O 87 3.71 58.70 25.30
CA ARG O 87 4.91 59.31 24.76
C ARG O 87 4.55 60.55 23.97
N SER O 88 5.51 61.41 23.67
CA SER O 88 5.23 62.58 22.83
C SER O 88 4.89 62.14 21.40
N ASP O 89 5.27 60.92 21.09
CA ASP O 89 5.06 60.24 19.83
C ASP O 89 3.58 60.00 19.61
N ASP O 90 2.82 60.04 20.70
CA ASP O 90 1.40 59.77 20.68
C ASP O 90 0.60 61.05 20.56
N THR O 91 1.28 62.19 20.35
CA THR O 91 0.52 63.41 20.22
C THR O 91 -0.26 63.27 18.93
N ALA O 92 -1.57 63.39 19.03
CA ALA O 92 -2.41 63.18 17.86
C ALA O 92 -3.84 63.56 18.08
N VAL O 93 -4.58 63.66 16.99
CA VAL O 93 -6.00 63.83 17.14
C VAL O 93 -6.68 62.46 17.06
N TYR O 94 -7.39 62.11 18.12
CA TYR O 94 -8.00 60.81 18.23
C TYR O 94 -9.47 60.81 17.96
N PHE O 95 -9.95 59.79 17.28
CA PHE O 95 -11.37 59.66 17.00
C PHE O 95 -11.90 58.27 16.66
N CYS O 96 -13.20 58.15 16.90
CA CYS O 96 -13.96 56.95 16.63
C CYS O 96 -14.62 56.99 15.30
N ALA O 97 -14.88 55.81 14.77
CA ALA O 97 -15.73 55.73 13.59
C ALA O 97 -16.59 54.48 13.64
N GLY O 98 -17.86 54.64 13.28
CA GLY O 98 -18.81 53.56 13.27
C GLY O 98 -19.02 52.89 11.91
N VAL O 99 -19.36 51.60 12.02
CA VAL O 99 -19.70 50.72 10.91
C VAL O 99 -21.07 50.12 11.15
N TYR O 100 -21.99 50.20 10.19
CA TYR O 100 -23.29 49.59 10.44
C TYR O 100 -23.35 48.11 10.11
N GLU O 101 -23.84 47.36 11.07
CA GLU O 101 -23.96 45.92 10.95
C GLU O 101 -25.41 45.55 11.09
N GLY O 102 -26.11 45.48 9.98
CA GLY O 102 -27.53 45.30 10.08
C GLY O 102 -27.87 43.98 10.69
N GLU O 103 -28.89 44.03 11.54
CA GLU O 103 -29.44 42.91 12.27
C GLU O 103 -28.40 42.14 13.09
N ALA O 104 -27.38 42.85 13.60
CA ALA O 104 -26.38 42.21 14.46
C ALA O 104 -27.06 41.58 15.67
N ASP O 105 -28.11 42.21 16.16
CA ASP O 105 -28.86 41.78 17.32
C ASP O 105 -29.40 40.38 17.17
N GLU O 106 -29.70 40.00 15.94
CA GLU O 106 -30.31 38.72 15.65
C GLU O 106 -29.29 37.70 15.17
N GLY O 107 -28.00 38.08 15.18
CA GLY O 107 -26.93 37.21 14.73
C GLY O 107 -26.52 37.36 13.26
N GLU O 108 -26.88 38.47 12.61
CA GLU O 108 -26.54 38.68 11.20
C GLU O 108 -25.34 39.58 10.96
N TYR O 109 -24.57 39.83 11.99
CA TYR O 109 -23.40 40.70 11.96
C TYR O 109 -22.39 40.33 10.85
N ASP O 110 -21.93 41.32 10.04
CA ASP O 110 -20.95 41.10 8.92
C ASP O 110 -19.50 41.38 9.27
N ASN O 111 -19.29 42.26 10.22
CA ASN O 111 -17.97 42.73 10.65
C ASN O 111 -17.23 43.48 9.54
N ASN O 112 -17.88 44.49 8.96
CA ASN O 112 -17.30 45.28 7.88
C ASN O 112 -16.23 46.27 8.34
N GLY O 113 -15.32 46.61 7.41
CA GLY O 113 -14.23 47.55 7.64
C GLY O 113 -14.46 48.97 7.11
N PHE O 114 -15.69 49.26 6.75
CA PHE O 114 -16.00 50.56 6.17
C PHE O 114 -16.45 51.56 7.19
N LEU O 115 -15.64 52.58 7.36
CA LEU O 115 -15.91 53.56 8.38
C LEU O 115 -16.68 54.74 7.83
N LYS O 116 -17.93 54.86 8.24
CA LYS O 116 -18.79 55.91 7.73
C LYS O 116 -19.19 56.98 8.71
N HIS O 117 -19.30 56.64 9.99
CA HIS O 117 -19.78 57.65 10.91
C HIS O 117 -18.70 58.03 11.86
N TRP O 118 -18.11 59.17 11.57
CA TRP O 118 -16.91 59.63 12.24
C TRP O 118 -17.15 60.65 13.31
N GLY O 119 -16.33 60.60 14.35
CA GLY O 119 -16.36 61.58 15.41
C GLY O 119 -15.62 62.79 14.87
N GLN O 120 -15.44 63.79 15.69
CA GLN O 120 -14.82 65.01 15.21
C GLN O 120 -13.31 65.07 15.40
N GLY O 121 -12.78 64.35 16.38
CA GLY O 121 -11.37 64.39 16.65
C GLY O 121 -11.00 65.22 17.84
N THR O 122 -10.31 64.60 18.79
CA THR O 122 -9.88 65.29 19.97
C THR O 122 -8.39 65.21 20.13
N LEU O 123 -7.77 66.34 20.40
CA LEU O 123 -6.32 66.33 20.53
C LEU O 123 -5.85 65.89 21.90
N VAL O 124 -4.92 64.94 21.88
CA VAL O 124 -4.28 64.48 23.09
C VAL O 124 -2.79 64.74 22.94
N THR O 125 -2.23 65.42 23.94
CA THR O 125 -0.82 65.78 23.95
C THR O 125 -0.18 65.32 25.24
N VAL O 126 1.13 65.52 25.36
CA VAL O 126 1.79 65.20 26.61
C VAL O 126 2.59 66.41 27.07
N THR O 127 2.97 66.46 28.34
CA THR O 127 3.75 67.60 28.83
C THR O 127 4.63 67.30 30.05
#